data_5I27
# 
_entry.id   5I27 
# 
_audit_conform.dict_name       mmcif_pdbx.dic 
_audit_conform.dict_version    5.391 
_audit_conform.dict_location   http://mmcif.pdb.org/dictionaries/ascii/mmcif_pdbx.dic 
# 
loop_
_database_2.database_id 
_database_2.database_code 
_database_2.pdbx_database_accession 
_database_2.pdbx_DOI 
PDB   5I27         pdb_00005i27 10.2210/pdb5i27/pdb 
WWPDB D_1000217928 ?            ?                   
# 
loop_
_pdbx_audit_revision_history.ordinal 
_pdbx_audit_revision_history.data_content_type 
_pdbx_audit_revision_history.major_revision 
_pdbx_audit_revision_history.minor_revision 
_pdbx_audit_revision_history.revision_date 
1 'Structure model' 1 0 2017-06-28 
2 'Structure model' 1 1 2019-02-20 
3 'Structure model' 1 2 2024-05-08 
# 
_pdbx_audit_revision_details.ordinal             1 
_pdbx_audit_revision_details.revision_ordinal    1 
_pdbx_audit_revision_details.data_content_type   'Structure model' 
_pdbx_audit_revision_details.provider            repository 
_pdbx_audit_revision_details.type                'Initial release' 
_pdbx_audit_revision_details.description         ? 
_pdbx_audit_revision_details.details             ? 
# 
loop_
_pdbx_audit_revision_group.ordinal 
_pdbx_audit_revision_group.revision_ordinal 
_pdbx_audit_revision_group.data_content_type 
_pdbx_audit_revision_group.group 
1 2 'Structure model' 'Data collection'        
2 2 'Structure model' 'Derived calculations'   
3 3 'Structure model' 'Data collection'        
4 3 'Structure model' 'Database references'    
5 3 'Structure model' 'Refinement description' 
# 
loop_
_pdbx_audit_revision_category.ordinal 
_pdbx_audit_revision_category.revision_ordinal 
_pdbx_audit_revision_category.data_content_type 
_pdbx_audit_revision_category.category 
1 2 'Structure model' pdbx_data_processing_status 
2 2 'Structure model' struct_conn                 
3 2 'Structure model' struct_conn_type            
4 3 'Structure model' chem_comp_atom              
5 3 'Structure model' chem_comp_bond              
6 3 'Structure model' database_2                  
7 3 'Structure model' struct_ncs_dom_lim          
# 
loop_
_pdbx_audit_revision_item.ordinal 
_pdbx_audit_revision_item.revision_ordinal 
_pdbx_audit_revision_item.data_content_type 
_pdbx_audit_revision_item.item 
1  3 'Structure model' '_database_2.pdbx_DOI'                  
2  3 'Structure model' '_database_2.pdbx_database_accession'   
3  3 'Structure model' '_struct_ncs_dom_lim.beg_auth_comp_id'  
4  3 'Structure model' '_struct_ncs_dom_lim.beg_label_asym_id' 
5  3 'Structure model' '_struct_ncs_dom_lim.beg_label_comp_id' 
6  3 'Structure model' '_struct_ncs_dom_lim.beg_label_seq_id'  
7  3 'Structure model' '_struct_ncs_dom_lim.end_auth_comp_id'  
8  3 'Structure model' '_struct_ncs_dom_lim.end_label_asym_id' 
9  3 'Structure model' '_struct_ncs_dom_lim.end_label_comp_id' 
10 3 'Structure model' '_struct_ncs_dom_lim.end_label_seq_id'  
# 
_pdbx_database_status.status_code                     REL 
_pdbx_database_status.status_code_sf                  REL 
_pdbx_database_status.status_code_mr                  ? 
_pdbx_database_status.entry_id                        5I27 
_pdbx_database_status.recvd_initial_deposition_date   2016-02-08 
_pdbx_database_status.SG_entry                        N 
_pdbx_database_status.deposit_site                    RCSB 
_pdbx_database_status.process_site                    PDBE 
_pdbx_database_status.status_code_cs                  ? 
_pdbx_database_status.methods_development_category    ? 
_pdbx_database_status.pdb_format_compatible           Y 
_pdbx_database_status.status_code_nmr_data            ? 
# 
loop_
_audit_author.name 
_audit_author.pdbx_ordinal 
'Brynda, J.'    1 
'Dostal, J.'    2 
'Zabransky, A.' 3 
'Dolezal, M.'   4 
# 
_citation.abstract                  ? 
_citation.abstract_id_CAS           ? 
_citation.book_id_ISBN              ? 
_citation.book_publisher            ? 
_citation.book_publisher_city       ? 
_citation.book_title                ? 
_citation.coordinate_linkage        ? 
_citation.country                   ? 
_citation.database_id_Medline       ? 
_citation.details                   ? 
_citation.id                        primary 
_citation.journal_abbrev            'To Be Published' 
_citation.journal_id_ASTM           ? 
_citation.journal_id_CSD            0353 
_citation.journal_id_ISSN           ? 
_citation.journal_full              ? 
_citation.journal_issue             ? 
_citation.journal_volume            ? 
_citation.language                  ? 
_citation.page_first                ? 
_citation.page_last                 ? 
_citation.title                     'Crystal structure non-myristoylated  MMTV matrix protein' 
_citation.year                      ? 
_citation.database_id_CSD           ? 
_citation.pdbx_database_id_DOI      ? 
_citation.pdbx_database_id_PubMed   ? 
_citation.unpublished_flag          ? 
# 
loop_
_citation_author.citation_id 
_citation_author.name 
_citation_author.ordinal 
_citation_author.identifier_ORCID 
primary 'Brynda, J.'    1 ? 
primary 'Dostal, J.'    2 ? 
primary 'Zabransky, A.' 3 ? 
primary 'Dolezal, M.'   4 ? 
# 
loop_
_entity.id 
_entity.type 
_entity.src_method 
_entity.pdbx_description 
_entity.formula_weight 
_entity.pdbx_number_of_molecules 
_entity.pdbx_ec 
_entity.pdbx_mutation 
_entity.pdbx_fragment 
_entity.details 
1 polymer man 'Matrix protein' 10188.742 2  ? ? 'UNP residues 6-92' ? 
2 water   nat water            18.015    10 ? ? ?                   ? 
# 
_entity_poly.entity_id                      1 
_entity_poly.type                           'polypeptide(L)' 
_entity_poly.nstd_linkage                   no 
_entity_poly.nstd_monomer                   no 
_entity_poly.pdbx_seq_one_letter_code       
;SKGQKLFVSVLQRLLSERGLHVKESSAIEFYQFLIKVSPWFPEEGGLNLQDWKRVGREMKRYAAEHGTDSIPKQAYPIWL
QLREILT
;
_entity_poly.pdbx_seq_one_letter_code_can   
;SKGQKLFVSVLQRLLSERGLHVKESSAIEFYQFLIKVSPWFPEEGGLNLQDWKRVGREMKRYAAEHGTDSIPKQAYPIWL
QLREILT
;
_entity_poly.pdbx_strand_id                 A,B 
_entity_poly.pdbx_target_identifier         ? 
# 
_pdbx_entity_nonpoly.entity_id   2 
_pdbx_entity_nonpoly.name        water 
_pdbx_entity_nonpoly.comp_id     HOH 
# 
loop_
_entity_poly_seq.entity_id 
_entity_poly_seq.num 
_entity_poly_seq.mon_id 
_entity_poly_seq.hetero 
1 1  SER n 
1 2  LYS n 
1 3  GLY n 
1 4  GLN n 
1 5  LYS n 
1 6  LEU n 
1 7  PHE n 
1 8  VAL n 
1 9  SER n 
1 10 VAL n 
1 11 LEU n 
1 12 GLN n 
1 13 ARG n 
1 14 LEU n 
1 15 LEU n 
1 16 SER n 
1 17 GLU n 
1 18 ARG n 
1 19 GLY n 
1 20 LEU n 
1 21 HIS n 
1 22 VAL n 
1 23 LYS n 
1 24 GLU n 
1 25 SER n 
1 26 SER n 
1 27 ALA n 
1 28 ILE n 
1 29 GLU n 
1 30 PHE n 
1 31 TYR n 
1 32 GLN n 
1 33 PHE n 
1 34 LEU n 
1 35 ILE n 
1 36 LYS n 
1 37 VAL n 
1 38 SER n 
1 39 PRO n 
1 40 TRP n 
1 41 PHE n 
1 42 PRO n 
1 43 GLU n 
1 44 GLU n 
1 45 GLY n 
1 46 GLY n 
1 47 LEU n 
1 48 ASN n 
1 49 LEU n 
1 50 GLN n 
1 51 ASP n 
1 52 TRP n 
1 53 LYS n 
1 54 ARG n 
1 55 VAL n 
1 56 GLY n 
1 57 ARG n 
1 58 GLU n 
1 59 MET n 
1 60 LYS n 
1 61 ARG n 
1 62 TYR n 
1 63 ALA n 
1 64 ALA n 
1 65 GLU n 
1 66 HIS n 
1 67 GLY n 
1 68 THR n 
1 69 ASP n 
1 70 SER n 
1 71 ILE n 
1 72 PRO n 
1 73 LYS n 
1 74 GLN n 
1 75 ALA n 
1 76 TYR n 
1 77 PRO n 
1 78 ILE n 
1 79 TRP n 
1 80 LEU n 
1 81 GLN n 
1 82 LEU n 
1 83 ARG n 
1 84 GLU n 
1 85 ILE n 
1 86 LEU n 
1 87 THR n 
# 
_entity_src_gen.entity_id                          1 
_entity_src_gen.pdbx_src_id                        1 
_entity_src_gen.pdbx_alt_source_flag               sample 
_entity_src_gen.pdbx_seq_type                      'Biological sequence' 
_entity_src_gen.pdbx_beg_seq_num                   1 
_entity_src_gen.pdbx_end_seq_num                   87 
_entity_src_gen.gene_src_common_name               MMTV 
_entity_src_gen.gene_src_genus                     ? 
_entity_src_gen.pdbx_gene_src_gene                 gag 
_entity_src_gen.gene_src_species                   ? 
_entity_src_gen.gene_src_strain                    BR6 
_entity_src_gen.gene_src_tissue                    ? 
_entity_src_gen.gene_src_tissue_fraction           ? 
_entity_src_gen.gene_src_details                   ? 
_entity_src_gen.pdbx_gene_src_fragment             ? 
_entity_src_gen.pdbx_gene_src_scientific_name      'Mouse mammary tumor virus' 
_entity_src_gen.pdbx_gene_src_ncbi_taxonomy_id     11757 
_entity_src_gen.pdbx_gene_src_variant              ? 
_entity_src_gen.pdbx_gene_src_cell_line            ? 
_entity_src_gen.pdbx_gene_src_atcc                 ? 
_entity_src_gen.pdbx_gene_src_organ                ? 
_entity_src_gen.pdbx_gene_src_organelle            ? 
_entity_src_gen.pdbx_gene_src_cell                 ? 
_entity_src_gen.pdbx_gene_src_cellular_location    ? 
_entity_src_gen.host_org_common_name               ? 
_entity_src_gen.pdbx_host_org_scientific_name      
;Escherichia coli 'BL21-Gold(DE3)pLysS AG'
;
_entity_src_gen.pdbx_host_org_ncbi_taxonomy_id     866768 
_entity_src_gen.host_org_genus                     ? 
_entity_src_gen.pdbx_host_org_gene                 ? 
_entity_src_gen.pdbx_host_org_organ                ? 
_entity_src_gen.host_org_species                   ? 
_entity_src_gen.pdbx_host_org_tissue               ? 
_entity_src_gen.pdbx_host_org_tissue_fraction      ? 
_entity_src_gen.pdbx_host_org_strain               ? 
_entity_src_gen.pdbx_host_org_variant              ? 
_entity_src_gen.pdbx_host_org_cell_line            ? 
_entity_src_gen.pdbx_host_org_atcc                 ? 
_entity_src_gen.pdbx_host_org_culture_collection   ? 
_entity_src_gen.pdbx_host_org_cell                 ? 
_entity_src_gen.pdbx_host_org_organelle            ? 
_entity_src_gen.pdbx_host_org_cellular_location    ? 
_entity_src_gen.pdbx_host_org_vector_type          ? 
_entity_src_gen.pdbx_host_org_vector               ? 
_entity_src_gen.host_org_details                   ? 
_entity_src_gen.expression_system_id               ? 
_entity_src_gen.plasmid_name                       ? 
_entity_src_gen.plasmid_details                    ? 
_entity_src_gen.pdbx_description                   ? 
# 
loop_
_chem_comp.id 
_chem_comp.type 
_chem_comp.mon_nstd_flag 
_chem_comp.name 
_chem_comp.pdbx_synonyms 
_chem_comp.formula 
_chem_comp.formula_weight 
ALA 'L-peptide linking' y ALANINE         ? 'C3 H7 N O2'     89.093  
ARG 'L-peptide linking' y ARGININE        ? 'C6 H15 N4 O2 1' 175.209 
ASN 'L-peptide linking' y ASPARAGINE      ? 'C4 H8 N2 O3'    132.118 
ASP 'L-peptide linking' y 'ASPARTIC ACID' ? 'C4 H7 N O4'     133.103 
GLN 'L-peptide linking' y GLUTAMINE       ? 'C5 H10 N2 O3'   146.144 
GLU 'L-peptide linking' y 'GLUTAMIC ACID' ? 'C5 H9 N O4'     147.129 
GLY 'peptide linking'   y GLYCINE         ? 'C2 H5 N O2'     75.067  
HIS 'L-peptide linking' y HISTIDINE       ? 'C6 H10 N3 O2 1' 156.162 
HOH non-polymer         . WATER           ? 'H2 O'           18.015  
ILE 'L-peptide linking' y ISOLEUCINE      ? 'C6 H13 N O2'    131.173 
LEU 'L-peptide linking' y LEUCINE         ? 'C6 H13 N O2'    131.173 
LYS 'L-peptide linking' y LYSINE          ? 'C6 H15 N2 O2 1' 147.195 
MET 'L-peptide linking' y METHIONINE      ? 'C5 H11 N O2 S'  149.211 
PHE 'L-peptide linking' y PHENYLALANINE   ? 'C9 H11 N O2'    165.189 
PRO 'L-peptide linking' y PROLINE         ? 'C5 H9 N O2'     115.130 
SER 'L-peptide linking' y SERINE          ? 'C3 H7 N O3'     105.093 
THR 'L-peptide linking' y THREONINE       ? 'C4 H9 N O3'     119.119 
TRP 'L-peptide linking' y TRYPTOPHAN      ? 'C11 H12 N2 O2'  204.225 
TYR 'L-peptide linking' y TYROSINE        ? 'C9 H11 N O3'    181.189 
VAL 'L-peptide linking' y VALINE          ? 'C5 H11 N O2'    117.146 
# 
loop_
_pdbx_poly_seq_scheme.asym_id 
_pdbx_poly_seq_scheme.entity_id 
_pdbx_poly_seq_scheme.seq_id 
_pdbx_poly_seq_scheme.mon_id 
_pdbx_poly_seq_scheme.ndb_seq_num 
_pdbx_poly_seq_scheme.pdb_seq_num 
_pdbx_poly_seq_scheme.auth_seq_num 
_pdbx_poly_seq_scheme.pdb_mon_id 
_pdbx_poly_seq_scheme.auth_mon_id 
_pdbx_poly_seq_scheme.pdb_strand_id 
_pdbx_poly_seq_scheme.pdb_ins_code 
_pdbx_poly_seq_scheme.hetero 
A 1 1  SER 1  7  7  SER SER A . n 
A 1 2  LYS 2  8  8  LYS LYS A . n 
A 1 3  GLY 3  9  9  GLY GLY A . n 
A 1 4  GLN 4  10 10 GLN GLN A . n 
A 1 5  LYS 5  11 11 LYS LYS A . n 
A 1 6  LEU 6  12 12 LEU LEU A . n 
A 1 7  PHE 7  13 13 PHE PHE A . n 
A 1 8  VAL 8  14 14 VAL VAL A . n 
A 1 9  SER 9  15 15 SER SER A . n 
A 1 10 VAL 10 16 16 VAL VAL A . n 
A 1 11 LEU 11 17 17 LEU LEU A . n 
A 1 12 GLN 12 18 18 GLN GLN A . n 
A 1 13 ARG 13 19 19 ARG ARG A . n 
A 1 14 LEU 14 20 20 LEU LEU A . n 
A 1 15 LEU 15 21 21 LEU LEU A . n 
A 1 16 SER 16 22 22 SER SER A . n 
A 1 17 GLU 17 23 23 GLU GLU A . n 
A 1 18 ARG 18 24 24 ARG ARG A . n 
A 1 19 GLY 19 25 25 GLY GLY A . n 
A 1 20 LEU 20 26 26 LEU LEU A . n 
A 1 21 HIS 21 27 27 HIS HIS A . n 
A 1 22 VAL 22 28 28 VAL VAL A . n 
A 1 23 LYS 23 29 29 LYS LYS A . n 
A 1 24 GLU 24 30 30 GLU GLU A . n 
A 1 25 SER 25 31 31 SER SER A . n 
A 1 26 SER 26 32 32 SER SER A . n 
A 1 27 ALA 27 33 33 ALA ALA A . n 
A 1 28 ILE 28 34 34 ILE ILE A . n 
A 1 29 GLU 29 35 35 GLU GLU A . n 
A 1 30 PHE 30 36 36 PHE PHE A . n 
A 1 31 TYR 31 37 37 TYR TYR A . n 
A 1 32 GLN 32 38 38 GLN GLN A . n 
A 1 33 PHE 33 39 39 PHE PHE A . n 
A 1 34 LEU 34 40 40 LEU LEU A . n 
A 1 35 ILE 35 41 41 ILE ILE A . n 
A 1 36 LYS 36 42 42 LYS LYS A . n 
A 1 37 VAL 37 43 43 VAL VAL A . n 
A 1 38 SER 38 44 44 SER SER A . n 
A 1 39 PRO 39 45 45 PRO PRO A . n 
A 1 40 TRP 40 46 46 TRP TRP A . n 
A 1 41 PHE 41 47 47 PHE PHE A . n 
A 1 42 PRO 42 48 48 PRO PRO A . n 
A 1 43 GLU 43 49 49 GLU GLU A . n 
A 1 44 GLU 44 50 50 GLU GLU A . n 
A 1 45 GLY 45 51 51 GLY GLY A . n 
A 1 46 GLY 46 52 52 GLY GLY A . n 
A 1 47 LEU 47 53 53 LEU LEU A . n 
A 1 48 ASN 48 54 54 ASN ASN A . n 
A 1 49 LEU 49 55 55 LEU LEU A . n 
A 1 50 GLN 50 56 56 GLN GLN A . n 
A 1 51 ASP 51 57 57 ASP ASP A . n 
A 1 52 TRP 52 58 58 TRP TRP A . n 
A 1 53 LYS 53 59 59 LYS LYS A . n 
A 1 54 ARG 54 60 60 ARG ARG A . n 
A 1 55 VAL 55 61 61 VAL VAL A . n 
A 1 56 GLY 56 62 62 GLY GLY A . n 
A 1 57 ARG 57 63 63 ARG ARG A . n 
A 1 58 GLU 58 64 64 GLU GLU A . n 
A 1 59 MET 59 65 65 MET MET A . n 
A 1 60 LYS 60 66 66 LYS LYS A . n 
A 1 61 ARG 61 67 67 ARG ARG A . n 
A 1 62 TYR 62 68 68 TYR TYR A . n 
A 1 63 ALA 63 69 69 ALA ALA A . n 
A 1 64 ALA 64 70 70 ALA ALA A . n 
A 1 65 GLU 65 71 71 GLU GLU A . n 
A 1 66 HIS 66 72 72 HIS HIS A . n 
A 1 67 GLY 67 73 73 GLY GLY A . n 
A 1 68 THR 68 74 74 THR THR A . n 
A 1 69 ASP 69 75 75 ASP ASP A . n 
A 1 70 SER 70 76 76 SER SER A . n 
A 1 71 ILE 71 77 77 ILE ILE A . n 
A 1 72 PRO 72 78 78 PRO PRO A . n 
A 1 73 LYS 73 79 79 LYS LYS A . n 
A 1 74 GLN 74 80 80 GLN GLN A . n 
A 1 75 ALA 75 81 81 ALA ALA A . n 
A 1 76 TYR 76 82 82 TYR TYR A . n 
A 1 77 PRO 77 83 83 PRO PRO A . n 
A 1 78 ILE 78 84 84 ILE ILE A . n 
A 1 79 TRP 79 85 85 TRP TRP A . n 
A 1 80 LEU 80 86 86 LEU LEU A . n 
A 1 81 GLN 81 87 87 GLN GLN A . n 
A 1 82 LEU 82 88 88 LEU LEU A . n 
A 1 83 ARG 83 89 89 ARG ARG A . n 
A 1 84 GLU 84 90 90 GLU GLU A . n 
A 1 85 ILE 85 91 91 ILE ILE A . n 
A 1 86 LEU 86 92 92 LEU LEU A . n 
A 1 87 THR 87 93 93 THR THR A . n 
B 1 1  SER 1  7  ?  ?   ?   B . n 
B 1 2  LYS 2  8  8  LYS LYS B . n 
B 1 3  GLY 3  9  9  GLY GLY B . n 
B 1 4  GLN 4  10 10 GLN GLN B . n 
B 1 5  LYS 5  11 11 LYS LYS B . n 
B 1 6  LEU 6  12 12 LEU LEU B . n 
B 1 7  PHE 7  13 13 PHE PHE B . n 
B 1 8  VAL 8  14 14 VAL VAL B . n 
B 1 9  SER 9  15 15 SER SER B . n 
B 1 10 VAL 10 16 16 VAL VAL B . n 
B 1 11 LEU 11 17 17 LEU LEU B . n 
B 1 12 GLN 12 18 18 GLN GLN B . n 
B 1 13 ARG 13 19 19 ARG ARG B . n 
B 1 14 LEU 14 20 20 LEU LEU B . n 
B 1 15 LEU 15 21 21 LEU LEU B . n 
B 1 16 SER 16 22 22 SER SER B . n 
B 1 17 GLU 17 23 23 GLU GLU B . n 
B 1 18 ARG 18 24 24 ARG ARG B . n 
B 1 19 GLY 19 25 25 GLY GLY B . n 
B 1 20 LEU 20 26 26 LEU LEU B . n 
B 1 21 HIS 21 27 27 HIS HIS B . n 
B 1 22 VAL 22 28 28 VAL VAL B . n 
B 1 23 LYS 23 29 29 LYS LYS B . n 
B 1 24 GLU 24 30 30 GLU GLU B . n 
B 1 25 SER 25 31 31 SER SER B . n 
B 1 26 SER 26 32 32 SER SER B . n 
B 1 27 ALA 27 33 33 ALA ALA B . n 
B 1 28 ILE 28 34 34 ILE ILE B . n 
B 1 29 GLU 29 35 35 GLU GLU B . n 
B 1 30 PHE 30 36 36 PHE PHE B . n 
B 1 31 TYR 31 37 37 TYR TYR B . n 
B 1 32 GLN 32 38 38 GLN GLN B . n 
B 1 33 PHE 33 39 39 PHE PHE B . n 
B 1 34 LEU 34 40 40 LEU LEU B . n 
B 1 35 ILE 35 41 41 ILE ILE B . n 
B 1 36 LYS 36 42 42 LYS LYS B . n 
B 1 37 VAL 37 43 43 VAL VAL B . n 
B 1 38 SER 38 44 44 SER SER B . n 
B 1 39 PRO 39 45 45 PRO PRO B . n 
B 1 40 TRP 40 46 46 TRP TRP B . n 
B 1 41 PHE 41 47 47 PHE PHE B . n 
B 1 42 PRO 42 48 48 PRO PRO B . n 
B 1 43 GLU 43 49 49 GLU GLU B . n 
B 1 44 GLU 44 50 50 GLU GLU B . n 
B 1 45 GLY 45 51 51 GLY GLY B . n 
B 1 46 GLY 46 52 52 GLY GLY B . n 
B 1 47 LEU 47 53 53 LEU LEU B . n 
B 1 48 ASN 48 54 54 ASN ASN B . n 
B 1 49 LEU 49 55 55 LEU LEU B . n 
B 1 50 GLN 50 56 56 GLN GLN B . n 
B 1 51 ASP 51 57 57 ASP ASP B . n 
B 1 52 TRP 52 58 58 TRP TRP B . n 
B 1 53 LYS 53 59 59 LYS LYS B . n 
B 1 54 ARG 54 60 60 ARG ARG B . n 
B 1 55 VAL 55 61 61 VAL VAL B . n 
B 1 56 GLY 56 62 62 GLY GLY B . n 
B 1 57 ARG 57 63 63 ARG ARG B . n 
B 1 58 GLU 58 64 64 GLU GLU B . n 
B 1 59 MET 59 65 65 MET MET B . n 
B 1 60 LYS 60 66 66 LYS LYS B . n 
B 1 61 ARG 61 67 67 ARG ARG B . n 
B 1 62 TYR 62 68 68 TYR TYR B . n 
B 1 63 ALA 63 69 69 ALA ALA B . n 
B 1 64 ALA 64 70 70 ALA ALA B . n 
B 1 65 GLU 65 71 71 GLU GLU B . n 
B 1 66 HIS 66 72 72 HIS HIS B . n 
B 1 67 GLY 67 73 73 GLY GLY B . n 
B 1 68 THR 68 74 74 THR THR B . n 
B 1 69 ASP 69 75 75 ASP ASP B . n 
B 1 70 SER 70 76 76 SER SER B . n 
B 1 71 ILE 71 77 77 ILE ILE B . n 
B 1 72 PRO 72 78 78 PRO PRO B . n 
B 1 73 LYS 73 79 79 LYS LYS B . n 
B 1 74 GLN 74 80 80 GLN GLN B . n 
B 1 75 ALA 75 81 81 ALA ALA B . n 
B 1 76 TYR 76 82 82 TYR TYR B . n 
B 1 77 PRO 77 83 83 PRO PRO B . n 
B 1 78 ILE 78 84 84 ILE ILE B . n 
B 1 79 TRP 79 85 85 TRP TRP B . n 
B 1 80 LEU 80 86 86 LEU LEU B . n 
B 1 81 GLN 81 87 87 GLN GLN B . n 
B 1 82 LEU 82 88 88 LEU LEU B . n 
B 1 83 ARG 83 89 89 ARG ARG B . n 
B 1 84 GLU 84 90 90 GLU GLU B . n 
B 1 85 ILE 85 91 91 ILE ILE B . n 
B 1 86 LEU 86 92 92 LEU LEU B . n 
B 1 87 THR 87 93 93 THR THR B . n 
# 
loop_
_pdbx_nonpoly_scheme.asym_id 
_pdbx_nonpoly_scheme.entity_id 
_pdbx_nonpoly_scheme.mon_id 
_pdbx_nonpoly_scheme.ndb_seq_num 
_pdbx_nonpoly_scheme.pdb_seq_num 
_pdbx_nonpoly_scheme.auth_seq_num 
_pdbx_nonpoly_scheme.pdb_mon_id 
_pdbx_nonpoly_scheme.auth_mon_id 
_pdbx_nonpoly_scheme.pdb_strand_id 
_pdbx_nonpoly_scheme.pdb_ins_code 
C 2 HOH 1 101 10 HOH HOH A . 
C 2 HOH 2 102 9  HOH HOH A . 
C 2 HOH 3 103 2  HOH HOH A . 
D 2 HOH 1 101 8  HOH HOH B . 
D 2 HOH 2 102 3  HOH HOH B . 
D 2 HOH 3 103 4  HOH HOH B . 
D 2 HOH 4 104 7  HOH HOH B . 
D 2 HOH 5 105 6  HOH HOH B . 
D 2 HOH 6 106 5  HOH HOH B . 
D 2 HOH 7 107 1  HOH HOH B . 
# 
loop_
_pdbx_unobs_or_zero_occ_atoms.id 
_pdbx_unobs_or_zero_occ_atoms.PDB_model_num 
_pdbx_unobs_or_zero_occ_atoms.polymer_flag 
_pdbx_unobs_or_zero_occ_atoms.occupancy_flag 
_pdbx_unobs_or_zero_occ_atoms.auth_asym_id 
_pdbx_unobs_or_zero_occ_atoms.auth_comp_id 
_pdbx_unobs_or_zero_occ_atoms.auth_seq_id 
_pdbx_unobs_or_zero_occ_atoms.PDB_ins_code 
_pdbx_unobs_or_zero_occ_atoms.auth_atom_id 
_pdbx_unobs_or_zero_occ_atoms.label_alt_id 
_pdbx_unobs_or_zero_occ_atoms.label_asym_id 
_pdbx_unobs_or_zero_occ_atoms.label_comp_id 
_pdbx_unobs_or_zero_occ_atoms.label_seq_id 
_pdbx_unobs_or_zero_occ_atoms.label_atom_id 
1  1 Y 1 A GLN 56 ? CG  ? A GLN 50 CG  
2  1 Y 1 A GLN 56 ? CD  ? A GLN 50 CD  
3  1 Y 1 A GLN 56 ? OE1 ? A GLN 50 OE1 
4  1 Y 1 A GLN 56 ? NE2 ? A GLN 50 NE2 
5  1 Y 1 A GLU 71 ? CG  ? A GLU 65 CG  
6  1 Y 1 A GLU 71 ? CD  ? A GLU 65 CD  
7  1 Y 1 A GLU 71 ? OE1 ? A GLU 65 OE1 
8  1 Y 1 A GLU 71 ? OE2 ? A GLU 65 OE2 
9  1 Y 1 A ASP 75 ? CG  ? A ASP 69 CG  
10 1 Y 1 A ASP 75 ? OD1 ? A ASP 69 OD1 
11 1 Y 1 A ASP 75 ? OD2 ? A ASP 69 OD2 
12 1 Y 1 A LYS 79 ? CG  ? A LYS 73 CG  
13 1 Y 1 A LYS 79 ? CD  ? A LYS 73 CD  
14 1 Y 1 A LYS 79 ? CE  ? A LYS 73 CE  
15 1 Y 1 A LYS 79 ? NZ  ? A LYS 73 NZ  
16 1 Y 1 B LYS 8  ? CG  ? B LYS 2  CG  
17 1 Y 1 B LYS 8  ? CD  ? B LYS 2  CD  
18 1 Y 1 B LYS 8  ? CE  ? B LYS 2  CE  
19 1 Y 1 B LYS 8  ? NZ  ? B LYS 2  NZ  
20 1 Y 1 B LYS 79 ? CG  ? B LYS 73 CG  
21 1 Y 1 B LYS 79 ? CD  ? B LYS 73 CD  
22 1 Y 1 B LYS 79 ? CE  ? B LYS 73 CE  
23 1 Y 1 B LYS 79 ? NZ  ? B LYS 73 NZ  
# 
loop_
_software.citation_id 
_software.classification 
_software.compiler_name 
_software.compiler_version 
_software.contact_author 
_software.contact_author_email 
_software.date 
_software.description 
_software.dependencies 
_software.hardware 
_software.language 
_software.location 
_software.mods 
_software.name 
_software.os 
_software.os_version 
_software.type 
_software.version 
_software.pdbx_ordinal 
? 'data scaling'    ? ? ? ? ? ? ? ? ? ? ? XSCALE      ? ? ? .        1 
? phasing           ? ? ? ? ? ? ? ? ? ? ? MOLREP      ? ? ? 11.0.02  2 
? refinement        ? ? ? ? ? ? ? ? ? ? ? REFMAC      ? ? ? 5.6.0117 3 
? 'data extraction' ? ? ? ? ? ? ? ? ? ? ? PDB_EXTRACT ? ? ? 3.20     4 
# 
_cell.angle_alpha                  90.000 
_cell.angle_alpha_esd              ? 
_cell.angle_beta                   90.000 
_cell.angle_beta_esd               ? 
_cell.angle_gamma                  120.000 
_cell.angle_gamma_esd              ? 
_cell.entry_id                     5I27 
_cell.details                      ? 
_cell.formula_units_Z              ? 
_cell.length_a                     60.875 
_cell.length_a_esd                 ? 
_cell.length_b                     60.875 
_cell.length_b_esd                 ? 
_cell.length_c                     91.460 
_cell.length_c_esd                 ? 
_cell.volume                       ? 
_cell.volume_esd                   ? 
_cell.Z_PDB                        12 
_cell.reciprocal_angle_alpha       ? 
_cell.reciprocal_angle_beta        ? 
_cell.reciprocal_angle_gamma       ? 
_cell.reciprocal_angle_alpha_esd   ? 
_cell.reciprocal_angle_beta_esd    ? 
_cell.reciprocal_angle_gamma_esd   ? 
_cell.reciprocal_length_a          ? 
_cell.reciprocal_length_b          ? 
_cell.reciprocal_length_c          ? 
_cell.reciprocal_length_a_esd      ? 
_cell.reciprocal_length_b_esd      ? 
_cell.reciprocal_length_c_esd      ? 
_cell.pdbx_unique_axis             ? 
# 
_symmetry.entry_id                         5I27 
_symmetry.cell_setting                     ? 
_symmetry.Int_Tables_number                152 
_symmetry.space_group_name_Hall            ? 
_symmetry.space_group_name_H-M             'P 31 2 1' 
_symmetry.pdbx_full_space_group_name_H-M   ? 
# 
_exptl.absorpt_coefficient_mu     ? 
_exptl.absorpt_correction_T_max   ? 
_exptl.absorpt_correction_T_min   ? 
_exptl.absorpt_correction_type    ? 
_exptl.absorpt_process_details    ? 
_exptl.entry_id                   5I27 
_exptl.crystals_number            1 
_exptl.details                    ? 
_exptl.method                     'X-RAY DIFFRACTION' 
_exptl.method_details             ? 
# 
_exptl_crystal.colour                      ? 
_exptl_crystal.density_diffrn              ? 
_exptl_crystal.density_Matthews            2.40 
_exptl_crystal.density_method              ? 
_exptl_crystal.density_percent_sol         48.76 
_exptl_crystal.description                 ? 
_exptl_crystal.F_000                       ? 
_exptl_crystal.id                          1 
_exptl_crystal.preparation                 ? 
_exptl_crystal.size_max                    ? 
_exptl_crystal.size_mid                    ? 
_exptl_crystal.size_min                    ? 
_exptl_crystal.size_rad                    ? 
_exptl_crystal.colour_lustre               ? 
_exptl_crystal.colour_modifier             ? 
_exptl_crystal.colour_primary              ? 
_exptl_crystal.density_meas                ? 
_exptl_crystal.density_meas_esd            ? 
_exptl_crystal.density_meas_gt             ? 
_exptl_crystal.density_meas_lt             ? 
_exptl_crystal.density_meas_temp           ? 
_exptl_crystal.density_meas_temp_esd       ? 
_exptl_crystal.density_meas_temp_gt        ? 
_exptl_crystal.density_meas_temp_lt        ? 
_exptl_crystal.pdbx_crystal_image_url      ? 
_exptl_crystal.pdbx_crystal_image_format   ? 
_exptl_crystal.pdbx_mosaicity              ? 
_exptl_crystal.pdbx_mosaicity_esd          ? 
# 
_exptl_crystal_grow.apparatus       ? 
_exptl_crystal_grow.atmosphere      ? 
_exptl_crystal_grow.crystal_id      1 
_exptl_crystal_grow.details         ? 
_exptl_crystal_grow.method          'VAPOR DIFFUSION, HANGING DROP' 
_exptl_crystal_grow.method_ref      ? 
_exptl_crystal_grow.pH              ? 
_exptl_crystal_grow.pressure        ? 
_exptl_crystal_grow.pressure_esd    ? 
_exptl_crystal_grow.seeding         ? 
_exptl_crystal_grow.seeding_ref     ? 
_exptl_crystal_grow.temp            292 
_exptl_crystal_grow.temp_details    ? 
_exptl_crystal_grow.temp_esd        ? 
_exptl_crystal_grow.time            ? 
_exptl_crystal_grow.pdbx_details    '0.2M zinc acetate, 20%(w/v) PEG 33500' 
_exptl_crystal_grow.pdbx_pH_range   ? 
# 
_diffrn.ambient_environment    ? 
_diffrn.ambient_temp           100 
_diffrn.ambient_temp_details   ? 
_diffrn.ambient_temp_esd       ? 
_diffrn.crystal_id             1 
_diffrn.crystal_support        ? 
_diffrn.crystal_treatment      ? 
_diffrn.details                ? 
_diffrn.id                     1 
_diffrn.ambient_pressure       ? 
_diffrn.ambient_pressure_esd   ? 
_diffrn.ambient_pressure_gt    ? 
_diffrn.ambient_pressure_lt    ? 
_diffrn.ambient_temp_gt        ? 
_diffrn.ambient_temp_lt        ? 
# 
_diffrn_detector.details                      ? 
_diffrn_detector.detector                     CCD 
_diffrn_detector.diffrn_id                    1 
_diffrn_detector.type                         'MARMOSAIC 225 mm CCD' 
_diffrn_detector.area_resol_mean              ? 
_diffrn_detector.dtime                        ? 
_diffrn_detector.pdbx_frames_total            ? 
_diffrn_detector.pdbx_collection_time_total   ? 
_diffrn_detector.pdbx_collection_date         2013-05-29 
# 
_diffrn_radiation.collimation                      ? 
_diffrn_radiation.diffrn_id                        1 
_diffrn_radiation.filter_edge                      ? 
_diffrn_radiation.inhomogeneity                    ? 
_diffrn_radiation.monochromator                    ? 
_diffrn_radiation.polarisn_norm                    ? 
_diffrn_radiation.polarisn_ratio                   ? 
_diffrn_radiation.probe                            ? 
_diffrn_radiation.type                             ? 
_diffrn_radiation.xray_symbol                      ? 
_diffrn_radiation.wavelength_id                    1 
_diffrn_radiation.pdbx_monochromatic_or_laue_m_l   M 
_diffrn_radiation.pdbx_wavelength_list             ? 
_diffrn_radiation.pdbx_wavelength                  ? 
_diffrn_radiation.pdbx_diffrn_protocol             'SINGLE WAVELENGTH' 
_diffrn_radiation.pdbx_analyzer                    ? 
_diffrn_radiation.pdbx_scattering_type             x-ray 
# 
_diffrn_radiation_wavelength.id           1 
_diffrn_radiation_wavelength.wavelength   0.918400 
_diffrn_radiation_wavelength.wt           1.0 
# 
_diffrn_source.current                     ? 
_diffrn_source.details                     ? 
_diffrn_source.diffrn_id                   1 
_diffrn_source.power                       ? 
_diffrn_source.size                        ? 
_diffrn_source.source                      SYNCHROTRON 
_diffrn_source.target                      ? 
_diffrn_source.type                        'BESSY BEAMLINE 14.2' 
_diffrn_source.voltage                     ? 
_diffrn_source.take-off_angle              ? 
_diffrn_source.pdbx_wavelength_list        0.918400 
_diffrn_source.pdbx_wavelength             ? 
_diffrn_source.pdbx_synchrotron_beamline   14.2 
_diffrn_source.pdbx_synchrotron_site       BESSY 
# 
_reflns.B_iso_Wilson_estimate            49.533 
_reflns.entry_id                         5I27 
_reflns.data_reduction_details           ? 
_reflns.data_reduction_method            ? 
_reflns.d_resolution_high                2.050 
_reflns.d_resolution_low                 45.730 
_reflns.details                          ? 
_reflns.limit_h_max                      ? 
_reflns.limit_h_min                      ? 
_reflns.limit_k_max                      ? 
_reflns.limit_k_min                      ? 
_reflns.limit_l_max                      ? 
_reflns.limit_l_min                      ? 
_reflns.number_all                       ? 
_reflns.number_obs                       12780 
_reflns.observed_criterion               ? 
_reflns.observed_criterion_F_max         ? 
_reflns.observed_criterion_F_min         ? 
_reflns.observed_criterion_I_max         ? 
_reflns.observed_criterion_I_min         ? 
_reflns.observed_criterion_sigma_F       ? 
_reflns.observed_criterion_sigma_I       -3.000 
_reflns.percent_possible_obs             99.700 
_reflns.R_free_details                   ? 
_reflns.Rmerge_F_all                     ? 
_reflns.Rmerge_F_obs                     ? 
_reflns.Friedel_coverage                 ? 
_reflns.number_gt                        ? 
_reflns.threshold_expression             ? 
_reflns.pdbx_redundancy                  7.3 
_reflns.pdbx_Rmerge_I_obs                0.071 
_reflns.pdbx_Rmerge_I_all                ? 
_reflns.pdbx_Rsym_value                  ? 
_reflns.pdbx_netI_over_av_sigmaI         ? 
_reflns.pdbx_netI_over_sigmaI            17.060 
_reflns.pdbx_res_netI_over_av_sigmaI_2   ? 
_reflns.pdbx_res_netI_over_sigmaI_2      ? 
_reflns.pdbx_chi_squared                 ? 
_reflns.pdbx_scaling_rejects             ? 
_reflns.pdbx_d_res_high_opt              ? 
_reflns.pdbx_d_res_low_opt               ? 
_reflns.pdbx_d_res_opt_method            ? 
_reflns.phase_calculation_details        ? 
_reflns.pdbx_Rrim_I_all                  ? 
_reflns.pdbx_Rpim_I_all                  ? 
_reflns.pdbx_d_opt                       ? 
_reflns.pdbx_number_measured_all         ? 
_reflns.pdbx_diffrn_id                   1 
_reflns.pdbx_ordinal                     1 
_reflns.pdbx_CC_half                     0.999 
_reflns.pdbx_R_split                     ? 
# 
loop_
_reflns_shell.d_res_high 
_reflns_shell.d_res_low 
_reflns_shell.meanI_over_sigI_all 
_reflns_shell.meanI_over_sigI_obs 
_reflns_shell.number_measured_all 
_reflns_shell.number_measured_obs 
_reflns_shell.number_possible 
_reflns_shell.number_unique_all 
_reflns_shell.number_unique_obs 
_reflns_shell.percent_possible_all 
_reflns_shell.percent_possible_obs 
_reflns_shell.Rmerge_F_all 
_reflns_shell.Rmerge_F_obs 
_reflns_shell.Rmerge_I_all 
_reflns_shell.Rmerge_I_obs 
_reflns_shell.meanI_over_sigI_gt 
_reflns_shell.meanI_over_uI_all 
_reflns_shell.meanI_over_uI_gt 
_reflns_shell.number_measured_gt 
_reflns_shell.number_unique_gt 
_reflns_shell.percent_possible_gt 
_reflns_shell.Rmerge_F_gt 
_reflns_shell.Rmerge_I_gt 
_reflns_shell.pdbx_redundancy 
_reflns_shell.pdbx_Rsym_value 
_reflns_shell.pdbx_chi_squared 
_reflns_shell.pdbx_netI_over_sigmaI_all 
_reflns_shell.pdbx_netI_over_sigmaI_obs 
_reflns_shell.pdbx_Rrim_I_all 
_reflns_shell.pdbx_Rpim_I_all 
_reflns_shell.pdbx_rejects 
_reflns_shell.pdbx_ordinal 
_reflns_shell.pdbx_diffrn_id 
_reflns_shell.pdbx_CC_half 
_reflns_shell.pdbx_R_split 
2.050 2.170  ? 2.010  ? ? ? ? ? 99.100  ? ? ? ? 1.071 ? ? ? ? ? ? ? ? ? ? ? ? ? ? ? ? 1 1 ? ? 
2.170 2.320  ? 3.930  ? ? ? ? ? 99.900  ? ? ? ? 0.621 ? ? ? ? ? ? ? ? ? ? ? ? ? ? ? ? 2 1 ? ? 
2.320 2.510  ? 6.910  ? ? ? ? ? 99.900  ? ? ? ? 0.345 ? ? ? ? ? ? ? ? ? ? ? ? ? ? ? ? 3 1 ? ? 
2.510 2.750  ? 10.980 ? ? ? ? ? 99.900  ? ? ? ? 0.199 ? ? ? ? ? ? ? ? ? ? ? ? ? ? ? ? 4 1 ? ? 
2.750 3.070  ? 18.410 ? ? ? ? ? 100.000 ? ? ? ? 0.106 ? ? ? ? ? ? ? ? ? ? ? ? ? ? ? ? 5 1 ? ? 
3.070 3.540  ? 29.740 ? ? ? ? ? 100.000 ? ? ? ? 0.062 ? ? ? ? ? ? ? ? ? ? ? ? ? ? ? ? 6 1 ? ? 
3.540 4.330  ? 39.180 ? ? ? ? ? 99.900  ? ? ? ? 0.045 ? ? ? ? ? ? ? ? ? ? ? ? ? ? ? ? 7 1 ? ? 
4.330 6.100  ? 44.040 ? ? ? ? ? 100.000 ? ? ? ? 0.041 ? ? ? ? ? ? ? ? ? ? ? ? ? ? ? ? 8 1 ? ? 
6.100 45.730 ? 44.290 ? ? ? ? ? 97.600  ? ? ? ? 0.029 ? ? ? ? ? ? ? ? ? ? ? ? ? ? ? ? 9 1 ? ? 
# 
_refine.aniso_B[1][1]                            0.8900 
_refine.aniso_B[1][2]                            0.4500 
_refine.aniso_B[1][3]                            0.0000 
_refine.aniso_B[2][2]                            0.8900 
_refine.aniso_B[2][3]                            0.0000 
_refine.aniso_B[3][3]                            -1.3400 
_refine.B_iso_max                                112.270 
_refine.B_iso_mean                               44.7580 
_refine.B_iso_min                                16.300 
_refine.correlation_coeff_Fo_to_Fc               0.9410 
_refine.correlation_coeff_Fo_to_Fc_free          0.9270 
_refine.details                                  
'HYDROGENS HAVE BEEN USED IF PRESENT IN THE INPUT U VALUES      : REFINED INDIVIDUALLY' 
_refine.diff_density_max                         ? 
_refine.diff_density_max_esd                     ? 
_refine.diff_density_min                         ? 
_refine.diff_density_min_esd                     ? 
_refine.diff_density_rms                         ? 
_refine.diff_density_rms_esd                     ? 
_refine.entry_id                                 5I27 
_refine.pdbx_refine_id                           'X-RAY DIFFRACTION' 
_refine.ls_abs_structure_details                 ? 
_refine.ls_abs_structure_Flack                   ? 
_refine.ls_abs_structure_Flack_esd               ? 
_refine.ls_abs_structure_Rogers                  ? 
_refine.ls_abs_structure_Rogers_esd              ? 
_refine.ls_d_res_high                            2.0500 
_refine.ls_d_res_low                             45.6700 
_refine.ls_extinction_coef                       ? 
_refine.ls_extinction_coef_esd                   ? 
_refine.ls_extinction_expression                 ? 
_refine.ls_extinction_method                     ? 
_refine.ls_goodness_of_fit_all                   ? 
_refine.ls_goodness_of_fit_all_esd               ? 
_refine.ls_goodness_of_fit_obs                   ? 
_refine.ls_goodness_of_fit_obs_esd               ? 
_refine.ls_hydrogen_treatment                    ? 
_refine.ls_matrix_type                           ? 
_refine.ls_number_constraints                    ? 
_refine.ls_number_parameters                     ? 
_refine.ls_number_reflns_all                     ? 
_refine.ls_number_reflns_obs                     12141 
_refine.ls_number_reflns_R_free                  639 
_refine.ls_number_reflns_R_work                  ? 
_refine.ls_number_restraints                     ? 
_refine.ls_percent_reflns_obs                    99.7200 
_refine.ls_percent_reflns_R_free                 5.0000 
_refine.ls_R_factor_all                          ? 
_refine.ls_R_factor_obs                          0.2464 
_refine.ls_R_factor_R_free                       0.2906 
_refine.ls_R_factor_R_free_error                 ? 
_refine.ls_R_factor_R_free_error_details         ? 
_refine.ls_R_factor_R_work                       0.2440 
_refine.ls_R_Fsqd_factor_obs                     ? 
_refine.ls_R_I_factor_obs                        ? 
_refine.ls_redundancy_reflns_all                 ? 
_refine.ls_redundancy_reflns_obs                 ? 
_refine.ls_restrained_S_all                      ? 
_refine.ls_restrained_S_obs                      ? 
_refine.ls_shift_over_esd_max                    ? 
_refine.ls_shift_over_esd_mean                   ? 
_refine.ls_structure_factor_coef                 ? 
_refine.ls_weighting_details                     ? 
_refine.ls_weighting_scheme                      ? 
_refine.ls_wR_factor_all                         ? 
_refine.ls_wR_factor_obs                         ? 
_refine.ls_wR_factor_R_free                      ? 
_refine.ls_wR_factor_R_work                      ? 
_refine.occupancy_max                            ? 
_refine.occupancy_min                            ? 
_refine.solvent_model_details                    ? 
_refine.solvent_model_param_bsol                 ? 
_refine.solvent_model_param_ksol                 ? 
_refine.ls_R_factor_gt                           ? 
_refine.ls_goodness_of_fit_gt                    ? 
_refine.ls_goodness_of_fit_ref                   ? 
_refine.ls_shift_over_su_max                     ? 
_refine.ls_shift_over_su_max_lt                  ? 
_refine.ls_shift_over_su_mean                    ? 
_refine.ls_shift_over_su_mean_lt                 ? 
_refine.pdbx_ls_sigma_I                          ? 
_refine.pdbx_ls_sigma_F                          0.000 
_refine.pdbx_ls_sigma_Fsqd                       ? 
_refine.pdbx_data_cutoff_high_absF               ? 
_refine.pdbx_data_cutoff_high_rms_absF           ? 
_refine.pdbx_data_cutoff_low_absF                ? 
_refine.pdbx_isotropic_thermal_model             ? 
_refine.pdbx_ls_cross_valid_method               THROUGHOUT 
_refine.pdbx_method_to_determine_struct          'MOLECULAR REPLACEMENT' 
_refine.pdbx_starting_model                      ? 
_refine.pdbx_stereochemistry_target_values       ? 
_refine.pdbx_R_Free_selection_details            RANDOM 
_refine.pdbx_stereochem_target_val_spec_case     ? 
_refine.pdbx_overall_ESU_R                       0.2420 
_refine.pdbx_overall_ESU_R_Free                  0.2090 
_refine.pdbx_solvent_vdw_probe_radii             1.2000 
_refine.pdbx_solvent_ion_probe_radii             0.8000 
_refine.pdbx_solvent_shrinkage_radii             0.8000 
_refine.pdbx_real_space_R                        ? 
_refine.pdbx_density_correlation                 ? 
_refine.pdbx_pd_number_of_powder_patterns        ? 
_refine.pdbx_pd_number_of_points                 ? 
_refine.pdbx_pd_meas_number_of_points            ? 
_refine.pdbx_pd_proc_ls_prof_R_factor            ? 
_refine.pdbx_pd_proc_ls_prof_wR_factor           ? 
_refine.pdbx_pd_Marquardt_correlation_coeff      ? 
_refine.pdbx_pd_Fsqrd_R_factor                   ? 
_refine.pdbx_pd_ls_matrix_band_width             ? 
_refine.pdbx_overall_phase_error                 ? 
_refine.pdbx_overall_SU_R_free_Cruickshank_DPI   ? 
_refine.pdbx_overall_SU_R_free_Blow_DPI          ? 
_refine.pdbx_overall_SU_R_Blow_DPI               ? 
_refine.pdbx_TLS_residual_ADP_flag               ? 
_refine.pdbx_diffrn_id                           1 
_refine.overall_SU_B                             7.5170 
_refine.overall_SU_ML                            0.1980 
_refine.overall_SU_R_Cruickshank_DPI             0.2420 
_refine.overall_SU_R_free                        ? 
_refine.overall_FOM_free_R_set                   ? 
_refine.overall_FOM_work_R_set                   ? 
_refine.pdbx_average_fsc_overall                 ? 
_refine.pdbx_average_fsc_work                    ? 
_refine.pdbx_average_fsc_free                    ? 
# 
_refine_hist.cycle_id                         final 
_refine_hist.pdbx_refine_id                   'X-RAY DIFFRACTION' 
_refine_hist.d_res_high                       2.0500 
_refine_hist.d_res_low                        45.6700 
_refine_hist.pdbx_number_atoms_ligand         0 
_refine_hist.number_atoms_solvent             11 
_refine_hist.number_atoms_total               1422 
_refine_hist.pdbx_number_residues_total       173 
_refine_hist.pdbx_B_iso_mean_solvent          36.69 
_refine_hist.pdbx_number_atoms_protein        1411 
_refine_hist.pdbx_number_atoms_nucleic_acid   0 
# 
loop_
_refine_ls_restr.pdbx_refine_id 
_refine_ls_restr.criterion 
_refine_ls_restr.dev_ideal 
_refine_ls_restr.dev_ideal_target 
_refine_ls_restr.number 
_refine_ls_restr.rejects 
_refine_ls_restr.type 
_refine_ls_restr.weight 
_refine_ls_restr.pdbx_restraint_function 
'X-RAY DIFFRACTION' ? 0.012  0.019  1470 ? r_bond_refined_d       ? ? 
'X-RAY DIFFRACTION' ? 1.531  1.958  1989 ? r_angle_refined_deg    ? ? 
'X-RAY DIFFRACTION' ? 5.624  5.000  177  ? r_dihedral_angle_1_deg ? ? 
'X-RAY DIFFRACTION' ? 29.429 22.857 70   ? r_dihedral_angle_2_deg ? ? 
'X-RAY DIFFRACTION' ? 16.497 15.000 265  ? r_dihedral_angle_3_deg ? ? 
'X-RAY DIFFRACTION' ? 21.959 15.000 13   ? r_dihedral_angle_4_deg ? ? 
'X-RAY DIFFRACTION' ? 0.094  0.200  210  ? r_chiral_restr         ? ? 
'X-RAY DIFFRACTION' ? 0.007  0.021  1113 ? r_gen_planes_refined   ? ? 
# 
loop_
_refine_ls_restr_ncs.pdbx_ordinal 
_refine_ls_restr_ncs.pdbx_refine_id 
_refine_ls_restr_ncs.pdbx_ens_id 
_refine_ls_restr_ncs.dom_id 
_refine_ls_restr_ncs.pdbx_type 
_refine_ls_restr_ncs.pdbx_auth_asym_id 
_refine_ls_restr_ncs.pdbx_number 
_refine_ls_restr_ncs.rms_dev_position 
_refine_ls_restr_ncs.weight_position 
_refine_ls_restr_ncs.ncs_model_details 
_refine_ls_restr_ncs.rms_dev_B_iso 
_refine_ls_restr_ncs.weight_B_iso 
_refine_ls_restr_ncs.pdbx_asym_id 
_refine_ls_restr_ncs.pdbx_rms 
_refine_ls_restr_ncs.pdbx_weight 
1 'X-RAY DIFFRACTION' 1 1 'interatomic distance' A 98 0.170 0.050 ? ? ? ? ? ? 
2 'X-RAY DIFFRACTION' 1 2 'interatomic distance' B 98 0.170 0.050 ? ? ? ? ? ? 
# 
_refine_ls_shell.pdbx_refine_id                   'X-RAY DIFFRACTION' 
_refine_ls_shell.d_res_high                       2.0480 
_refine_ls_shell.d_res_low                        2.1020 
_refine_ls_shell.number_reflns_all                825 
_refine_ls_shell.number_reflns_obs                ? 
_refine_ls_shell.number_reflns_R_free             40 
_refine_ls_shell.number_reflns_R_work             785 
_refine_ls_shell.percent_reflns_obs               97.9800 
_refine_ls_shell.percent_reflns_R_free            ? 
_refine_ls_shell.R_factor_all                     ? 
_refine_ls_shell.R_factor_obs                     ? 
_refine_ls_shell.R_factor_R_free                  0.4300 
_refine_ls_shell.R_factor_R_free_error            ? 
_refine_ls_shell.R_factor_R_work                  0.3710 
_refine_ls_shell.redundancy_reflns_all            ? 
_refine_ls_shell.redundancy_reflns_obs            ? 
_refine_ls_shell.wR_factor_all                    ? 
_refine_ls_shell.wR_factor_obs                    ? 
_refine_ls_shell.wR_factor_R_free                 ? 
_refine_ls_shell.wR_factor_R_work                 ? 
_refine_ls_shell.pdbx_total_number_of_bins_used   20 
_refine_ls_shell.pdbx_phase_error                 ? 
_refine_ls_shell.pdbx_fsc_work                    ? 
_refine_ls_shell.pdbx_fsc_free                    ? 
# 
loop_
_struct_ncs_dom.pdbx_ens_id 
_struct_ncs_dom.id 
_struct_ncs_dom.details 
1 1 A 
1 2 B 
# 
loop_
_struct_ncs_dom_lim.pdbx_ens_id 
_struct_ncs_dom_lim.dom_id 
_struct_ncs_dom_lim.pdbx_component_id 
_struct_ncs_dom_lim.beg_label_asym_id 
_struct_ncs_dom_lim.beg_label_comp_id 
_struct_ncs_dom_lim.beg_label_seq_id 
_struct_ncs_dom_lim.beg_label_alt_id 
_struct_ncs_dom_lim.end_label_asym_id 
_struct_ncs_dom_lim.end_label_comp_id 
_struct_ncs_dom_lim.end_label_seq_id 
_struct_ncs_dom_lim.end_label_alt_id 
_struct_ncs_dom_lim.beg_auth_asym_id 
_struct_ncs_dom_lim.beg_auth_comp_id 
_struct_ncs_dom_lim.beg_auth_seq_id 
_struct_ncs_dom_lim.end_auth_asym_id 
_struct_ncs_dom_lim.end_auth_comp_id 
_struct_ncs_dom_lim.end_auth_seq_id 
_struct_ncs_dom_lim.pdbx_refine_code 
_struct_ncs_dom_lim.selection_details 
1 1 0 A LYS 2 . A LEU 86 . A LYS 8 A LEU 92 0 ? 
1 2 0 B LYS 2 . B LEU 86 . B LYS 8 B LEU 92 0 ? 
# 
_struct_ncs_ens.id        1 
_struct_ncs_ens.details   ? 
# 
_struct.entry_id                     5I27 
_struct.title                        'Crystal structure of non-myristoylated MMTV matrix protein' 
_struct.pdbx_model_details           ? 
_struct.pdbx_formula_weight          ? 
_struct.pdbx_formula_weight_method   ? 
_struct.pdbx_model_type_details      ? 
_struct.pdbx_CASP_flag               ? 
# 
_struct_keywords.entry_id        5I27 
_struct_keywords.text            'non-myristoylated protein, MMTV MA, viral protein' 
_struct_keywords.pdbx_keywords   'VIRAL PROTEIN' 
# 
loop_
_struct_asym.id 
_struct_asym.pdbx_blank_PDB_chainid_flag 
_struct_asym.pdbx_modified 
_struct_asym.entity_id 
_struct_asym.details 
A N N 1 ? 
B N N 1 ? 
C N N 2 ? 
D N N 2 ? 
# 
_struct_ref.id                         1 
_struct_ref.db_name                    UNP 
_struct_ref.db_code                    GAG_MMTVB 
_struct_ref.pdbx_db_accession          P10258 
_struct_ref.pdbx_db_isoform            ? 
_struct_ref.entity_id                  1 
_struct_ref.pdbx_seq_one_letter_code   
;SKGQKLFVSVLQRLLSERGLHVKESSAIEFYQFLIKVSPWFPEEGGLNLQDWKRVGREMKRYAAEHGTDSIPKQAYPIWL
QLREILT
;
_struct_ref.pdbx_align_begin           6 
# 
loop_
_struct_ref_seq.align_id 
_struct_ref_seq.ref_id 
_struct_ref_seq.pdbx_PDB_id_code 
_struct_ref_seq.pdbx_strand_id 
_struct_ref_seq.seq_align_beg 
_struct_ref_seq.pdbx_seq_align_beg_ins_code 
_struct_ref_seq.seq_align_end 
_struct_ref_seq.pdbx_seq_align_end_ins_code 
_struct_ref_seq.pdbx_db_accession 
_struct_ref_seq.db_align_beg 
_struct_ref_seq.pdbx_db_align_beg_ins_code 
_struct_ref_seq.db_align_end 
_struct_ref_seq.pdbx_db_align_end_ins_code 
_struct_ref_seq.pdbx_auth_seq_align_beg 
_struct_ref_seq.pdbx_auth_seq_align_end 
1 1 5I27 A 1 ? 87 ? P10258 6 ? 92 ? 7 93 
2 1 5I27 B 1 ? 87 ? P10258 6 ? 92 ? 7 93 
# 
_pdbx_struct_assembly.id                   1 
_pdbx_struct_assembly.details              author_and_software_defined_assembly 
_pdbx_struct_assembly.method_details       PISA 
_pdbx_struct_assembly.oligomeric_details   dimeric 
_pdbx_struct_assembly.oligomeric_count     2 
# 
loop_
_pdbx_struct_assembly_prop.biol_id 
_pdbx_struct_assembly_prop.type 
_pdbx_struct_assembly_prop.value 
_pdbx_struct_assembly_prop.details 
1 'ABSA (A^2)' 1660 ? 
1 MORE         -5   ? 
1 'SSA (A^2)'  9380 ? 
# 
_pdbx_struct_assembly_gen.assembly_id       1 
_pdbx_struct_assembly_gen.oper_expression   1 
_pdbx_struct_assembly_gen.asym_id_list      A,B,C,D 
# 
_pdbx_struct_oper_list.id                   1 
_pdbx_struct_oper_list.type                 'identity operation' 
_pdbx_struct_oper_list.name                 1_555 
_pdbx_struct_oper_list.symmetry_operation   x,y,z 
_pdbx_struct_oper_list.matrix[1][1]         1.0000000000 
_pdbx_struct_oper_list.matrix[1][2]         0.0000000000 
_pdbx_struct_oper_list.matrix[1][3]         0.0000000000 
_pdbx_struct_oper_list.vector[1]            0.0000000000 
_pdbx_struct_oper_list.matrix[2][1]         0.0000000000 
_pdbx_struct_oper_list.matrix[2][2]         1.0000000000 
_pdbx_struct_oper_list.matrix[2][3]         0.0000000000 
_pdbx_struct_oper_list.vector[2]            0.0000000000 
_pdbx_struct_oper_list.matrix[3][1]         0.0000000000 
_pdbx_struct_oper_list.matrix[3][2]         0.0000000000 
_pdbx_struct_oper_list.matrix[3][3]         1.0000000000 
_pdbx_struct_oper_list.vector[3]            0.0000000000 
# 
loop_
_struct_conf.conf_type_id 
_struct_conf.id 
_struct_conf.pdbx_PDB_helix_id 
_struct_conf.beg_label_comp_id 
_struct_conf.beg_label_asym_id 
_struct_conf.beg_label_seq_id 
_struct_conf.pdbx_beg_PDB_ins_code 
_struct_conf.end_label_comp_id 
_struct_conf.end_label_asym_id 
_struct_conf.end_label_seq_id 
_struct_conf.pdbx_end_PDB_ins_code 
_struct_conf.beg_auth_comp_id 
_struct_conf.beg_auth_asym_id 
_struct_conf.beg_auth_seq_id 
_struct_conf.end_auth_comp_id 
_struct_conf.end_auth_asym_id 
_struct_conf.end_auth_seq_id 
_struct_conf.pdbx_PDB_helix_class 
_struct_conf.details 
_struct_conf.pdbx_PDB_helix_length 
HELX_P HELX_P1  AA1 GLY A 3  ? GLU A 17 ? GLY A 9  GLU A 23 1 ? 15 
HELX_P HELX_P2  AA2 LYS A 23 ? SER A 38 ? LYS A 29 SER A 44 1 ? 16 
HELX_P HELX_P3  AA3 TRP A 40 ? GLY A 45 ? TRP A 46 GLY A 51 1 ? 6  
HELX_P HELX_P4  AA4 ASN A 48 ? GLY A 67 ? ASN A 54 GLY A 73 1 ? 20 
HELX_P HELX_P5  AA5 GLN A 74 ? LEU A 86 ? GLN A 80 LEU A 92 1 ? 13 
HELX_P HELX_P6  AA6 GLY B 3  ? GLU B 17 ? GLY B 9  GLU B 23 1 ? 15 
HELX_P HELX_P7  AA7 LYS B 23 ? SER B 38 ? LYS B 29 SER B 44 1 ? 16 
HELX_P HELX_P8  AA8 TRP B 40 ? GLY B 45 ? TRP B 46 GLY B 51 1 ? 6  
HELX_P HELX_P9  AA9 ASN B 48 ? GLU B 65 ? ASN B 54 GLU B 71 1 ? 18 
HELX_P HELX_P10 AB1 GLN B 74 ? LEU B 86 ? GLN B 80 LEU B 92 1 ? 13 
# 
_struct_conf_type.id          HELX_P 
_struct_conf_type.criteria    ? 
_struct_conf_type.reference   ? 
# 
loop_
_pdbx_validate_torsion.id 
_pdbx_validate_torsion.PDB_model_num 
_pdbx_validate_torsion.auth_comp_id 
_pdbx_validate_torsion.auth_asym_id 
_pdbx_validate_torsion.auth_seq_id 
_pdbx_validate_torsion.PDB_ins_code 
_pdbx_validate_torsion.label_alt_id 
_pdbx_validate_torsion.phi 
_pdbx_validate_torsion.psi 
1 1 LEU B 53 ? ? -68.43  74.23 
2 1 HIS B 72 ? ? -149.28 -9.89 
3 1 SER B 76 ? ? 62.61   -4.12 
# 
_pdbx_phasing_MR.entry_id                     5I27 
_pdbx_phasing_MR.method_rotation              ? 
_pdbx_phasing_MR.method_translation           ? 
_pdbx_phasing_MR.model_details                ? 
_pdbx_phasing_MR.R_factor                     ? 
_pdbx_phasing_MR.R_rigid_body                 ? 
_pdbx_phasing_MR.correlation_coeff_Fo_to_Fc   ? 
_pdbx_phasing_MR.correlation_coeff_Io_to_Ic   ? 
_pdbx_phasing_MR.d_res_high_rotation          45.670 
_pdbx_phasing_MR.d_res_low_rotation           3.500 
_pdbx_phasing_MR.d_res_high_translation       ? 
_pdbx_phasing_MR.d_res_low_translation        ? 
_pdbx_phasing_MR.packing                      ? 
_pdbx_phasing_MR.reflns_percent_rotation      ? 
_pdbx_phasing_MR.reflns_percent_translation   ? 
_pdbx_phasing_MR.sigma_F_rotation             ? 
_pdbx_phasing_MR.sigma_F_translation          ? 
_pdbx_phasing_MR.sigma_I_rotation             ? 
_pdbx_phasing_MR.sigma_I_translation          ? 
# 
_phasing.method   MR 
# 
_pdbx_unobs_or_zero_occ_residues.id               1 
_pdbx_unobs_or_zero_occ_residues.PDB_model_num    1 
_pdbx_unobs_or_zero_occ_residues.polymer_flag     Y 
_pdbx_unobs_or_zero_occ_residues.occupancy_flag   1 
_pdbx_unobs_or_zero_occ_residues.auth_asym_id     B 
_pdbx_unobs_or_zero_occ_residues.auth_comp_id     SER 
_pdbx_unobs_or_zero_occ_residues.auth_seq_id      7 
_pdbx_unobs_or_zero_occ_residues.PDB_ins_code     ? 
_pdbx_unobs_or_zero_occ_residues.label_asym_id    B 
_pdbx_unobs_or_zero_occ_residues.label_comp_id    SER 
_pdbx_unobs_or_zero_occ_residues.label_seq_id     1 
# 
loop_
_chem_comp_atom.comp_id 
_chem_comp_atom.atom_id 
_chem_comp_atom.type_symbol 
_chem_comp_atom.pdbx_aromatic_flag 
_chem_comp_atom.pdbx_stereo_config 
_chem_comp_atom.pdbx_ordinal 
ALA N    N N N 1   
ALA CA   C N S 2   
ALA C    C N N 3   
ALA O    O N N 4   
ALA CB   C N N 5   
ALA OXT  O N N 6   
ALA H    H N N 7   
ALA H2   H N N 8   
ALA HA   H N N 9   
ALA HB1  H N N 10  
ALA HB2  H N N 11  
ALA HB3  H N N 12  
ALA HXT  H N N 13  
ARG N    N N N 14  
ARG CA   C N S 15  
ARG C    C N N 16  
ARG O    O N N 17  
ARG CB   C N N 18  
ARG CG   C N N 19  
ARG CD   C N N 20  
ARG NE   N N N 21  
ARG CZ   C N N 22  
ARG NH1  N N N 23  
ARG NH2  N N N 24  
ARG OXT  O N N 25  
ARG H    H N N 26  
ARG H2   H N N 27  
ARG HA   H N N 28  
ARG HB2  H N N 29  
ARG HB3  H N N 30  
ARG HG2  H N N 31  
ARG HG3  H N N 32  
ARG HD2  H N N 33  
ARG HD3  H N N 34  
ARG HE   H N N 35  
ARG HH11 H N N 36  
ARG HH12 H N N 37  
ARG HH21 H N N 38  
ARG HH22 H N N 39  
ARG HXT  H N N 40  
ASN N    N N N 41  
ASN CA   C N S 42  
ASN C    C N N 43  
ASN O    O N N 44  
ASN CB   C N N 45  
ASN CG   C N N 46  
ASN OD1  O N N 47  
ASN ND2  N N N 48  
ASN OXT  O N N 49  
ASN H    H N N 50  
ASN H2   H N N 51  
ASN HA   H N N 52  
ASN HB2  H N N 53  
ASN HB3  H N N 54  
ASN HD21 H N N 55  
ASN HD22 H N N 56  
ASN HXT  H N N 57  
ASP N    N N N 58  
ASP CA   C N S 59  
ASP C    C N N 60  
ASP O    O N N 61  
ASP CB   C N N 62  
ASP CG   C N N 63  
ASP OD1  O N N 64  
ASP OD2  O N N 65  
ASP OXT  O N N 66  
ASP H    H N N 67  
ASP H2   H N N 68  
ASP HA   H N N 69  
ASP HB2  H N N 70  
ASP HB3  H N N 71  
ASP HD2  H N N 72  
ASP HXT  H N N 73  
GLN N    N N N 74  
GLN CA   C N S 75  
GLN C    C N N 76  
GLN O    O N N 77  
GLN CB   C N N 78  
GLN CG   C N N 79  
GLN CD   C N N 80  
GLN OE1  O N N 81  
GLN NE2  N N N 82  
GLN OXT  O N N 83  
GLN H    H N N 84  
GLN H2   H N N 85  
GLN HA   H N N 86  
GLN HB2  H N N 87  
GLN HB3  H N N 88  
GLN HG2  H N N 89  
GLN HG3  H N N 90  
GLN HE21 H N N 91  
GLN HE22 H N N 92  
GLN HXT  H N N 93  
GLU N    N N N 94  
GLU CA   C N S 95  
GLU C    C N N 96  
GLU O    O N N 97  
GLU CB   C N N 98  
GLU CG   C N N 99  
GLU CD   C N N 100 
GLU OE1  O N N 101 
GLU OE2  O N N 102 
GLU OXT  O N N 103 
GLU H    H N N 104 
GLU H2   H N N 105 
GLU HA   H N N 106 
GLU HB2  H N N 107 
GLU HB3  H N N 108 
GLU HG2  H N N 109 
GLU HG3  H N N 110 
GLU HE2  H N N 111 
GLU HXT  H N N 112 
GLY N    N N N 113 
GLY CA   C N N 114 
GLY C    C N N 115 
GLY O    O N N 116 
GLY OXT  O N N 117 
GLY H    H N N 118 
GLY H2   H N N 119 
GLY HA2  H N N 120 
GLY HA3  H N N 121 
GLY HXT  H N N 122 
HIS N    N N N 123 
HIS CA   C N S 124 
HIS C    C N N 125 
HIS O    O N N 126 
HIS CB   C N N 127 
HIS CG   C Y N 128 
HIS ND1  N Y N 129 
HIS CD2  C Y N 130 
HIS CE1  C Y N 131 
HIS NE2  N Y N 132 
HIS OXT  O N N 133 
HIS H    H N N 134 
HIS H2   H N N 135 
HIS HA   H N N 136 
HIS HB2  H N N 137 
HIS HB3  H N N 138 
HIS HD1  H N N 139 
HIS HD2  H N N 140 
HIS HE1  H N N 141 
HIS HE2  H N N 142 
HIS HXT  H N N 143 
HOH O    O N N 144 
HOH H1   H N N 145 
HOH H2   H N N 146 
ILE N    N N N 147 
ILE CA   C N S 148 
ILE C    C N N 149 
ILE O    O N N 150 
ILE CB   C N S 151 
ILE CG1  C N N 152 
ILE CG2  C N N 153 
ILE CD1  C N N 154 
ILE OXT  O N N 155 
ILE H    H N N 156 
ILE H2   H N N 157 
ILE HA   H N N 158 
ILE HB   H N N 159 
ILE HG12 H N N 160 
ILE HG13 H N N 161 
ILE HG21 H N N 162 
ILE HG22 H N N 163 
ILE HG23 H N N 164 
ILE HD11 H N N 165 
ILE HD12 H N N 166 
ILE HD13 H N N 167 
ILE HXT  H N N 168 
LEU N    N N N 169 
LEU CA   C N S 170 
LEU C    C N N 171 
LEU O    O N N 172 
LEU CB   C N N 173 
LEU CG   C N N 174 
LEU CD1  C N N 175 
LEU CD2  C N N 176 
LEU OXT  O N N 177 
LEU H    H N N 178 
LEU H2   H N N 179 
LEU HA   H N N 180 
LEU HB2  H N N 181 
LEU HB3  H N N 182 
LEU HG   H N N 183 
LEU HD11 H N N 184 
LEU HD12 H N N 185 
LEU HD13 H N N 186 
LEU HD21 H N N 187 
LEU HD22 H N N 188 
LEU HD23 H N N 189 
LEU HXT  H N N 190 
LYS N    N N N 191 
LYS CA   C N S 192 
LYS C    C N N 193 
LYS O    O N N 194 
LYS CB   C N N 195 
LYS CG   C N N 196 
LYS CD   C N N 197 
LYS CE   C N N 198 
LYS NZ   N N N 199 
LYS OXT  O N N 200 
LYS H    H N N 201 
LYS H2   H N N 202 
LYS HA   H N N 203 
LYS HB2  H N N 204 
LYS HB3  H N N 205 
LYS HG2  H N N 206 
LYS HG3  H N N 207 
LYS HD2  H N N 208 
LYS HD3  H N N 209 
LYS HE2  H N N 210 
LYS HE3  H N N 211 
LYS HZ1  H N N 212 
LYS HZ2  H N N 213 
LYS HZ3  H N N 214 
LYS HXT  H N N 215 
MET N    N N N 216 
MET CA   C N S 217 
MET C    C N N 218 
MET O    O N N 219 
MET CB   C N N 220 
MET CG   C N N 221 
MET SD   S N N 222 
MET CE   C N N 223 
MET OXT  O N N 224 
MET H    H N N 225 
MET H2   H N N 226 
MET HA   H N N 227 
MET HB2  H N N 228 
MET HB3  H N N 229 
MET HG2  H N N 230 
MET HG3  H N N 231 
MET HE1  H N N 232 
MET HE2  H N N 233 
MET HE3  H N N 234 
MET HXT  H N N 235 
PHE N    N N N 236 
PHE CA   C N S 237 
PHE C    C N N 238 
PHE O    O N N 239 
PHE CB   C N N 240 
PHE CG   C Y N 241 
PHE CD1  C Y N 242 
PHE CD2  C Y N 243 
PHE CE1  C Y N 244 
PHE CE2  C Y N 245 
PHE CZ   C Y N 246 
PHE OXT  O N N 247 
PHE H    H N N 248 
PHE H2   H N N 249 
PHE HA   H N N 250 
PHE HB2  H N N 251 
PHE HB3  H N N 252 
PHE HD1  H N N 253 
PHE HD2  H N N 254 
PHE HE1  H N N 255 
PHE HE2  H N N 256 
PHE HZ   H N N 257 
PHE HXT  H N N 258 
PRO N    N N N 259 
PRO CA   C N S 260 
PRO C    C N N 261 
PRO O    O N N 262 
PRO CB   C N N 263 
PRO CG   C N N 264 
PRO CD   C N N 265 
PRO OXT  O N N 266 
PRO H    H N N 267 
PRO HA   H N N 268 
PRO HB2  H N N 269 
PRO HB3  H N N 270 
PRO HG2  H N N 271 
PRO HG3  H N N 272 
PRO HD2  H N N 273 
PRO HD3  H N N 274 
PRO HXT  H N N 275 
SER N    N N N 276 
SER CA   C N S 277 
SER C    C N N 278 
SER O    O N N 279 
SER CB   C N N 280 
SER OG   O N N 281 
SER OXT  O N N 282 
SER H    H N N 283 
SER H2   H N N 284 
SER HA   H N N 285 
SER HB2  H N N 286 
SER HB3  H N N 287 
SER HG   H N N 288 
SER HXT  H N N 289 
THR N    N N N 290 
THR CA   C N S 291 
THR C    C N N 292 
THR O    O N N 293 
THR CB   C N R 294 
THR OG1  O N N 295 
THR CG2  C N N 296 
THR OXT  O N N 297 
THR H    H N N 298 
THR H2   H N N 299 
THR HA   H N N 300 
THR HB   H N N 301 
THR HG1  H N N 302 
THR HG21 H N N 303 
THR HG22 H N N 304 
THR HG23 H N N 305 
THR HXT  H N N 306 
TRP N    N N N 307 
TRP CA   C N S 308 
TRP C    C N N 309 
TRP O    O N N 310 
TRP CB   C N N 311 
TRP CG   C Y N 312 
TRP CD1  C Y N 313 
TRP CD2  C Y N 314 
TRP NE1  N Y N 315 
TRP CE2  C Y N 316 
TRP CE3  C Y N 317 
TRP CZ2  C Y N 318 
TRP CZ3  C Y N 319 
TRP CH2  C Y N 320 
TRP OXT  O N N 321 
TRP H    H N N 322 
TRP H2   H N N 323 
TRP HA   H N N 324 
TRP HB2  H N N 325 
TRP HB3  H N N 326 
TRP HD1  H N N 327 
TRP HE1  H N N 328 
TRP HE3  H N N 329 
TRP HZ2  H N N 330 
TRP HZ3  H N N 331 
TRP HH2  H N N 332 
TRP HXT  H N N 333 
TYR N    N N N 334 
TYR CA   C N S 335 
TYR C    C N N 336 
TYR O    O N N 337 
TYR CB   C N N 338 
TYR CG   C Y N 339 
TYR CD1  C Y N 340 
TYR CD2  C Y N 341 
TYR CE1  C Y N 342 
TYR CE2  C Y N 343 
TYR CZ   C Y N 344 
TYR OH   O N N 345 
TYR OXT  O N N 346 
TYR H    H N N 347 
TYR H2   H N N 348 
TYR HA   H N N 349 
TYR HB2  H N N 350 
TYR HB3  H N N 351 
TYR HD1  H N N 352 
TYR HD2  H N N 353 
TYR HE1  H N N 354 
TYR HE2  H N N 355 
TYR HH   H N N 356 
TYR HXT  H N N 357 
VAL N    N N N 358 
VAL CA   C N S 359 
VAL C    C N N 360 
VAL O    O N N 361 
VAL CB   C N N 362 
VAL CG1  C N N 363 
VAL CG2  C N N 364 
VAL OXT  O N N 365 
VAL H    H N N 366 
VAL H2   H N N 367 
VAL HA   H N N 368 
VAL HB   H N N 369 
VAL HG11 H N N 370 
VAL HG12 H N N 371 
VAL HG13 H N N 372 
VAL HG21 H N N 373 
VAL HG22 H N N 374 
VAL HG23 H N N 375 
VAL HXT  H N N 376 
# 
loop_
_chem_comp_bond.comp_id 
_chem_comp_bond.atom_id_1 
_chem_comp_bond.atom_id_2 
_chem_comp_bond.value_order 
_chem_comp_bond.pdbx_aromatic_flag 
_chem_comp_bond.pdbx_stereo_config 
_chem_comp_bond.pdbx_ordinal 
ALA N   CA   sing N N 1   
ALA N   H    sing N N 2   
ALA N   H2   sing N N 3   
ALA CA  C    sing N N 4   
ALA CA  CB   sing N N 5   
ALA CA  HA   sing N N 6   
ALA C   O    doub N N 7   
ALA C   OXT  sing N N 8   
ALA CB  HB1  sing N N 9   
ALA CB  HB2  sing N N 10  
ALA CB  HB3  sing N N 11  
ALA OXT HXT  sing N N 12  
ARG N   CA   sing N N 13  
ARG N   H    sing N N 14  
ARG N   H2   sing N N 15  
ARG CA  C    sing N N 16  
ARG CA  CB   sing N N 17  
ARG CA  HA   sing N N 18  
ARG C   O    doub N N 19  
ARG C   OXT  sing N N 20  
ARG CB  CG   sing N N 21  
ARG CB  HB2  sing N N 22  
ARG CB  HB3  sing N N 23  
ARG CG  CD   sing N N 24  
ARG CG  HG2  sing N N 25  
ARG CG  HG3  sing N N 26  
ARG CD  NE   sing N N 27  
ARG CD  HD2  sing N N 28  
ARG CD  HD3  sing N N 29  
ARG NE  CZ   sing N N 30  
ARG NE  HE   sing N N 31  
ARG CZ  NH1  sing N N 32  
ARG CZ  NH2  doub N N 33  
ARG NH1 HH11 sing N N 34  
ARG NH1 HH12 sing N N 35  
ARG NH2 HH21 sing N N 36  
ARG NH2 HH22 sing N N 37  
ARG OXT HXT  sing N N 38  
ASN N   CA   sing N N 39  
ASN N   H    sing N N 40  
ASN N   H2   sing N N 41  
ASN CA  C    sing N N 42  
ASN CA  CB   sing N N 43  
ASN CA  HA   sing N N 44  
ASN C   O    doub N N 45  
ASN C   OXT  sing N N 46  
ASN CB  CG   sing N N 47  
ASN CB  HB2  sing N N 48  
ASN CB  HB3  sing N N 49  
ASN CG  OD1  doub N N 50  
ASN CG  ND2  sing N N 51  
ASN ND2 HD21 sing N N 52  
ASN ND2 HD22 sing N N 53  
ASN OXT HXT  sing N N 54  
ASP N   CA   sing N N 55  
ASP N   H    sing N N 56  
ASP N   H2   sing N N 57  
ASP CA  C    sing N N 58  
ASP CA  CB   sing N N 59  
ASP CA  HA   sing N N 60  
ASP C   O    doub N N 61  
ASP C   OXT  sing N N 62  
ASP CB  CG   sing N N 63  
ASP CB  HB2  sing N N 64  
ASP CB  HB3  sing N N 65  
ASP CG  OD1  doub N N 66  
ASP CG  OD2  sing N N 67  
ASP OD2 HD2  sing N N 68  
ASP OXT HXT  sing N N 69  
GLN N   CA   sing N N 70  
GLN N   H    sing N N 71  
GLN N   H2   sing N N 72  
GLN CA  C    sing N N 73  
GLN CA  CB   sing N N 74  
GLN CA  HA   sing N N 75  
GLN C   O    doub N N 76  
GLN C   OXT  sing N N 77  
GLN CB  CG   sing N N 78  
GLN CB  HB2  sing N N 79  
GLN CB  HB3  sing N N 80  
GLN CG  CD   sing N N 81  
GLN CG  HG2  sing N N 82  
GLN CG  HG3  sing N N 83  
GLN CD  OE1  doub N N 84  
GLN CD  NE2  sing N N 85  
GLN NE2 HE21 sing N N 86  
GLN NE2 HE22 sing N N 87  
GLN OXT HXT  sing N N 88  
GLU N   CA   sing N N 89  
GLU N   H    sing N N 90  
GLU N   H2   sing N N 91  
GLU CA  C    sing N N 92  
GLU CA  CB   sing N N 93  
GLU CA  HA   sing N N 94  
GLU C   O    doub N N 95  
GLU C   OXT  sing N N 96  
GLU CB  CG   sing N N 97  
GLU CB  HB2  sing N N 98  
GLU CB  HB3  sing N N 99  
GLU CG  CD   sing N N 100 
GLU CG  HG2  sing N N 101 
GLU CG  HG3  sing N N 102 
GLU CD  OE1  doub N N 103 
GLU CD  OE2  sing N N 104 
GLU OE2 HE2  sing N N 105 
GLU OXT HXT  sing N N 106 
GLY N   CA   sing N N 107 
GLY N   H    sing N N 108 
GLY N   H2   sing N N 109 
GLY CA  C    sing N N 110 
GLY CA  HA2  sing N N 111 
GLY CA  HA3  sing N N 112 
GLY C   O    doub N N 113 
GLY C   OXT  sing N N 114 
GLY OXT HXT  sing N N 115 
HIS N   CA   sing N N 116 
HIS N   H    sing N N 117 
HIS N   H2   sing N N 118 
HIS CA  C    sing N N 119 
HIS CA  CB   sing N N 120 
HIS CA  HA   sing N N 121 
HIS C   O    doub N N 122 
HIS C   OXT  sing N N 123 
HIS CB  CG   sing N N 124 
HIS CB  HB2  sing N N 125 
HIS CB  HB3  sing N N 126 
HIS CG  ND1  sing Y N 127 
HIS CG  CD2  doub Y N 128 
HIS ND1 CE1  doub Y N 129 
HIS ND1 HD1  sing N N 130 
HIS CD2 NE2  sing Y N 131 
HIS CD2 HD2  sing N N 132 
HIS CE1 NE2  sing Y N 133 
HIS CE1 HE1  sing N N 134 
HIS NE2 HE2  sing N N 135 
HIS OXT HXT  sing N N 136 
HOH O   H1   sing N N 137 
HOH O   H2   sing N N 138 
ILE N   CA   sing N N 139 
ILE N   H    sing N N 140 
ILE N   H2   sing N N 141 
ILE CA  C    sing N N 142 
ILE CA  CB   sing N N 143 
ILE CA  HA   sing N N 144 
ILE C   O    doub N N 145 
ILE C   OXT  sing N N 146 
ILE CB  CG1  sing N N 147 
ILE CB  CG2  sing N N 148 
ILE CB  HB   sing N N 149 
ILE CG1 CD1  sing N N 150 
ILE CG1 HG12 sing N N 151 
ILE CG1 HG13 sing N N 152 
ILE CG2 HG21 sing N N 153 
ILE CG2 HG22 sing N N 154 
ILE CG2 HG23 sing N N 155 
ILE CD1 HD11 sing N N 156 
ILE CD1 HD12 sing N N 157 
ILE CD1 HD13 sing N N 158 
ILE OXT HXT  sing N N 159 
LEU N   CA   sing N N 160 
LEU N   H    sing N N 161 
LEU N   H2   sing N N 162 
LEU CA  C    sing N N 163 
LEU CA  CB   sing N N 164 
LEU CA  HA   sing N N 165 
LEU C   O    doub N N 166 
LEU C   OXT  sing N N 167 
LEU CB  CG   sing N N 168 
LEU CB  HB2  sing N N 169 
LEU CB  HB3  sing N N 170 
LEU CG  CD1  sing N N 171 
LEU CG  CD2  sing N N 172 
LEU CG  HG   sing N N 173 
LEU CD1 HD11 sing N N 174 
LEU CD1 HD12 sing N N 175 
LEU CD1 HD13 sing N N 176 
LEU CD2 HD21 sing N N 177 
LEU CD2 HD22 sing N N 178 
LEU CD2 HD23 sing N N 179 
LEU OXT HXT  sing N N 180 
LYS N   CA   sing N N 181 
LYS N   H    sing N N 182 
LYS N   H2   sing N N 183 
LYS CA  C    sing N N 184 
LYS CA  CB   sing N N 185 
LYS CA  HA   sing N N 186 
LYS C   O    doub N N 187 
LYS C   OXT  sing N N 188 
LYS CB  CG   sing N N 189 
LYS CB  HB2  sing N N 190 
LYS CB  HB3  sing N N 191 
LYS CG  CD   sing N N 192 
LYS CG  HG2  sing N N 193 
LYS CG  HG3  sing N N 194 
LYS CD  CE   sing N N 195 
LYS CD  HD2  sing N N 196 
LYS CD  HD3  sing N N 197 
LYS CE  NZ   sing N N 198 
LYS CE  HE2  sing N N 199 
LYS CE  HE3  sing N N 200 
LYS NZ  HZ1  sing N N 201 
LYS NZ  HZ2  sing N N 202 
LYS NZ  HZ3  sing N N 203 
LYS OXT HXT  sing N N 204 
MET N   CA   sing N N 205 
MET N   H    sing N N 206 
MET N   H2   sing N N 207 
MET CA  C    sing N N 208 
MET CA  CB   sing N N 209 
MET CA  HA   sing N N 210 
MET C   O    doub N N 211 
MET C   OXT  sing N N 212 
MET CB  CG   sing N N 213 
MET CB  HB2  sing N N 214 
MET CB  HB3  sing N N 215 
MET CG  SD   sing N N 216 
MET CG  HG2  sing N N 217 
MET CG  HG3  sing N N 218 
MET SD  CE   sing N N 219 
MET CE  HE1  sing N N 220 
MET CE  HE2  sing N N 221 
MET CE  HE3  sing N N 222 
MET OXT HXT  sing N N 223 
PHE N   CA   sing N N 224 
PHE N   H    sing N N 225 
PHE N   H2   sing N N 226 
PHE CA  C    sing N N 227 
PHE CA  CB   sing N N 228 
PHE CA  HA   sing N N 229 
PHE C   O    doub N N 230 
PHE C   OXT  sing N N 231 
PHE CB  CG   sing N N 232 
PHE CB  HB2  sing N N 233 
PHE CB  HB3  sing N N 234 
PHE CG  CD1  doub Y N 235 
PHE CG  CD2  sing Y N 236 
PHE CD1 CE1  sing Y N 237 
PHE CD1 HD1  sing N N 238 
PHE CD2 CE2  doub Y N 239 
PHE CD2 HD2  sing N N 240 
PHE CE1 CZ   doub Y N 241 
PHE CE1 HE1  sing N N 242 
PHE CE2 CZ   sing Y N 243 
PHE CE2 HE2  sing N N 244 
PHE CZ  HZ   sing N N 245 
PHE OXT HXT  sing N N 246 
PRO N   CA   sing N N 247 
PRO N   CD   sing N N 248 
PRO N   H    sing N N 249 
PRO CA  C    sing N N 250 
PRO CA  CB   sing N N 251 
PRO CA  HA   sing N N 252 
PRO C   O    doub N N 253 
PRO C   OXT  sing N N 254 
PRO CB  CG   sing N N 255 
PRO CB  HB2  sing N N 256 
PRO CB  HB3  sing N N 257 
PRO CG  CD   sing N N 258 
PRO CG  HG2  sing N N 259 
PRO CG  HG3  sing N N 260 
PRO CD  HD2  sing N N 261 
PRO CD  HD3  sing N N 262 
PRO OXT HXT  sing N N 263 
SER N   CA   sing N N 264 
SER N   H    sing N N 265 
SER N   H2   sing N N 266 
SER CA  C    sing N N 267 
SER CA  CB   sing N N 268 
SER CA  HA   sing N N 269 
SER C   O    doub N N 270 
SER C   OXT  sing N N 271 
SER CB  OG   sing N N 272 
SER CB  HB2  sing N N 273 
SER CB  HB3  sing N N 274 
SER OG  HG   sing N N 275 
SER OXT HXT  sing N N 276 
THR N   CA   sing N N 277 
THR N   H    sing N N 278 
THR N   H2   sing N N 279 
THR CA  C    sing N N 280 
THR CA  CB   sing N N 281 
THR CA  HA   sing N N 282 
THR C   O    doub N N 283 
THR C   OXT  sing N N 284 
THR CB  OG1  sing N N 285 
THR CB  CG2  sing N N 286 
THR CB  HB   sing N N 287 
THR OG1 HG1  sing N N 288 
THR CG2 HG21 sing N N 289 
THR CG2 HG22 sing N N 290 
THR CG2 HG23 sing N N 291 
THR OXT HXT  sing N N 292 
TRP N   CA   sing N N 293 
TRP N   H    sing N N 294 
TRP N   H2   sing N N 295 
TRP CA  C    sing N N 296 
TRP CA  CB   sing N N 297 
TRP CA  HA   sing N N 298 
TRP C   O    doub N N 299 
TRP C   OXT  sing N N 300 
TRP CB  CG   sing N N 301 
TRP CB  HB2  sing N N 302 
TRP CB  HB3  sing N N 303 
TRP CG  CD1  doub Y N 304 
TRP CG  CD2  sing Y N 305 
TRP CD1 NE1  sing Y N 306 
TRP CD1 HD1  sing N N 307 
TRP CD2 CE2  doub Y N 308 
TRP CD2 CE3  sing Y N 309 
TRP NE1 CE2  sing Y N 310 
TRP NE1 HE1  sing N N 311 
TRP CE2 CZ2  sing Y N 312 
TRP CE3 CZ3  doub Y N 313 
TRP CE3 HE3  sing N N 314 
TRP CZ2 CH2  doub Y N 315 
TRP CZ2 HZ2  sing N N 316 
TRP CZ3 CH2  sing Y N 317 
TRP CZ3 HZ3  sing N N 318 
TRP CH2 HH2  sing N N 319 
TRP OXT HXT  sing N N 320 
TYR N   CA   sing N N 321 
TYR N   H    sing N N 322 
TYR N   H2   sing N N 323 
TYR CA  C    sing N N 324 
TYR CA  CB   sing N N 325 
TYR CA  HA   sing N N 326 
TYR C   O    doub N N 327 
TYR C   OXT  sing N N 328 
TYR CB  CG   sing N N 329 
TYR CB  HB2  sing N N 330 
TYR CB  HB3  sing N N 331 
TYR CG  CD1  doub Y N 332 
TYR CG  CD2  sing Y N 333 
TYR CD1 CE1  sing Y N 334 
TYR CD1 HD1  sing N N 335 
TYR CD2 CE2  doub Y N 336 
TYR CD2 HD2  sing N N 337 
TYR CE1 CZ   doub Y N 338 
TYR CE1 HE1  sing N N 339 
TYR CE2 CZ   sing Y N 340 
TYR CE2 HE2  sing N N 341 
TYR CZ  OH   sing N N 342 
TYR OH  HH   sing N N 343 
TYR OXT HXT  sing N N 344 
VAL N   CA   sing N N 345 
VAL N   H    sing N N 346 
VAL N   H2   sing N N 347 
VAL CA  C    sing N N 348 
VAL CA  CB   sing N N 349 
VAL CA  HA   sing N N 350 
VAL C   O    doub N N 351 
VAL C   OXT  sing N N 352 
VAL CB  CG1  sing N N 353 
VAL CB  CG2  sing N N 354 
VAL CB  HB   sing N N 355 
VAL CG1 HG11 sing N N 356 
VAL CG1 HG12 sing N N 357 
VAL CG1 HG13 sing N N 358 
VAL CG2 HG21 sing N N 359 
VAL CG2 HG22 sing N N 360 
VAL CG2 HG23 sing N N 361 
VAL OXT HXT  sing N N 362 
# 
loop_
_pdbx_audit_support.funding_organization 
_pdbx_audit_support.country 
_pdbx_audit_support.grant_number 
_pdbx_audit_support.ordinal 
RVO                                'Czech Republic' 'RVO: 68378050'  1 
'Czech Science Foundation (GA CR)' 'Czech Republic' 15-05677S        2 
RVO                                'Czech Republic' 'RVO: 613888963' 3 
NPU                                'Czech Republic' LO1302           4 
NPU                                'Czech Republic' LO1304           5 
# 
_atom_sites.entry_id                    5I27 
_atom_sites.fract_transf_matrix[1][1]   -0.00172452 
_atom_sites.fract_transf_matrix[1][2]   -0.00159899 
_atom_sites.fract_transf_matrix[1][3]   0.01882184 
_atom_sites.fract_transf_matrix[2][1]   0.00796607 
_atom_sites.fract_transf_matrix[2][2]   0.01291205 
_atom_sites.fract_transf_matrix[2][3]   0.01138445 
_atom_sites.fract_transf_matrix[3][1]   -0.00916698 
_atom_sites.fract_transf_matrix[3][2]   0.00595039 
_atom_sites.fract_transf_matrix[3][3]   -0.00033440 
_atom_sites.fract_transf_vector[1]      -0.395186 
_atom_sites.fract_transf_vector[2]      -0.101774 
_atom_sites.fract_transf_vector[3]      -0.014848 
# 
loop_
_atom_type.symbol 
C 
N 
O 
S 
# 
loop_
_atom_site.group_PDB 
_atom_site.id 
_atom_site.type_symbol 
_atom_site.label_atom_id 
_atom_site.label_alt_id 
_atom_site.label_comp_id 
_atom_site.label_asym_id 
_atom_site.label_entity_id 
_atom_site.label_seq_id 
_atom_site.pdbx_PDB_ins_code 
_atom_site.Cartn_x 
_atom_site.Cartn_y 
_atom_site.Cartn_z 
_atom_site.occupancy 
_atom_site.B_iso_or_equiv 
_atom_site.pdbx_formal_charge 
_atom_site.auth_seq_id 
_atom_site.auth_comp_id 
_atom_site.auth_asym_id 
_atom_site.auth_atom_id 
_atom_site.pdbx_PDB_model_num 
ATOM   1    N N   . SER A 1 1  ? 0.877   -9.496  11.973  1.00 62.21  ? 7   SER A N   1 
ATOM   2    C CA  . SER A 1 1  ? 1.620   -8.513  11.141  1.00 63.84  ? 7   SER A CA  1 
ATOM   3    C C   . SER A 1 1  ? 1.352   -8.726  9.633   1.00 65.31  ? 7   SER A C   1 
ATOM   4    O O   . SER A 1 1  ? 2.265   -8.647  8.807   1.00 57.67  ? 7   SER A O   1 
ATOM   5    C CB  . SER A 1 1  ? 3.129   -8.576  11.463  1.00 62.88  ? 7   SER A CB  1 
ATOM   6    O OG  . SER A 1 1  ? 3.710   -9.823  11.080  1.00 58.38  ? 7   SER A OG  1 
ATOM   7    N N   . LYS A 1 2  ? 0.099   -8.993  9.281   1.00 61.88  ? 8   LYS A N   1 
ATOM   8    C CA  . LYS A 1 2  ? -0.227  -9.301  7.898   1.00 63.06  ? 8   LYS A CA  1 
ATOM   9    C C   . LYS A 1 2  ? -0.818  -8.087  7.200   1.00 64.40  ? 8   LYS A C   1 
ATOM   10   O O   . LYS A 1 2  ? -1.818  -7.518  7.647   1.00 63.31  ? 8   LYS A O   1 
ATOM   11   C CB  . LYS A 1 2  ? -1.185  -10.477 7.818   1.00 69.50  ? 8   LYS A CB  1 
ATOM   12   C CG  . LYS A 1 2  ? -1.221  -11.143 6.452   1.00 73.82  ? 8   LYS A CG  1 
ATOM   13   C CD  . LYS A 1 2  ? -1.918  -12.502 6.469   1.00 77.42  ? 8   LYS A CD  1 
ATOM   14   C CE  . LYS A 1 2  ? -1.499  -13.385 7.643   1.00 80.40  ? 8   LYS A CE  1 
ATOM   15   N NZ  . LYS A 1 2  ? -0.045  -13.732 7.690   1.00 85.26  ? 8   LYS A NZ  1 
ATOM   16   N N   . GLY A 1 3  ? -0.186  -7.698  6.094   1.00 62.71  ? 9   GLY A N   1 
ATOM   17   C CA  . GLY A 1 3  ? -0.543  -6.471  5.378   1.00 52.57  ? 9   GLY A CA  1 
ATOM   18   C C   . GLY A 1 3  ? 0.341   -5.339  5.858   1.00 44.39  ? 9   GLY A C   1 
ATOM   19   O O   . GLY A 1 3  ? 0.383   -4.283  5.232   1.00 44.90  ? 9   GLY A O   1 
ATOM   20   N N   . GLN A 1 4  ? 1.052   -5.590  6.964   1.00 44.59  ? 10  GLN A N   1 
ATOM   21   C CA  . GLN A 1 4  ? 1.991   -4.628  7.598   1.00 46.79  ? 10  GLN A CA  1 
ATOM   22   C C   . GLN A 1 4  ? 3.121   -4.149  6.691   1.00 44.95  ? 10  GLN A C   1 
ATOM   23   O O   . GLN A 1 4  ? 3.170   -2.981  6.309   1.00 45.70  ? 10  GLN A O   1 
ATOM   24   C CB  . GLN A 1 4  ? 2.601   -5.249  8.860   1.00 44.40  ? 10  GLN A CB  1 
ATOM   25   C CG  . GLN A 1 4  ? 3.404   -4.311  9.740   1.00 42.11  ? 10  GLN A CG  1 
ATOM   26   C CD  . GLN A 1 4  ? 3.734   -4.950  11.076  1.00 47.39  ? 10  GLN A CD  1 
ATOM   27   O OE1 . GLN A 1 4  ? 2.846   -5.147  11.920  1.00 47.82  ? 10  GLN A OE1 1 
ATOM   28   N NE2 . GLN A 1 4  ? 5.020   -5.295  11.279  1.00 42.73  ? 10  GLN A NE2 1 
ATOM   29   N N   . LYS A 1 5  ? 4.036   -5.057  6.355   1.00 43.52  ? 11  LYS A N   1 
ATOM   30   C CA  . LYS A 1 5  ? 5.210   -4.679  5.571   1.00 42.95  ? 11  LYS A CA  1 
ATOM   31   C C   . LYS A 1 5  ? 4.809   -3.885  4.314   1.00 35.98  ? 11  LYS A C   1 
ATOM   32   O O   . LYS A 1 5  ? 5.477   -2.957  3.939   1.00 42.20  ? 11  LYS A O   1 
ATOM   33   C CB  . LYS A 1 5  ? 6.045   -5.911  5.175   1.00 44.95  ? 11  LYS A CB  1 
ATOM   34   C CG  . LYS A 1 5  ? 7.398   -5.512  4.618   1.00 44.44  ? 11  LYS A CG  1 
ATOM   35   C CD  . LYS A 1 5  ? 8.085   -6.676  3.963   1.00 47.82  ? 11  LYS A CD  1 
ATOM   36   C CE  . LYS A 1 5  ? 9.479   -6.287  3.538   1.00 48.49  ? 11  LYS A CE  1 
ATOM   37   N NZ  . LYS A 1 5  ? 9.920   -7.227  2.486   1.00 55.64  ? 11  LYS A NZ  1 
ATOM   38   N N   . LEU A 1 6  ? 3.710   -4.256  3.674   1.00 38.00  ? 12  LEU A N   1 
ATOM   39   C CA  . LEU A 1 6  ? 3.194   -3.466  2.549   1.00 35.42  ? 12  LEU A CA  1 
ATOM   40   C C   . LEU A 1 6  ? 2.808   -2.047  2.943   1.00 33.69  ? 12  LEU A C   1 
ATOM   41   O O   . LEU A 1 6  ? 3.288   -1.069  2.340   1.00 28.79  ? 12  LEU A O   1 
ATOM   42   C CB  . LEU A 1 6  ? 1.983   -4.144  1.913   1.00 36.74  ? 12  LEU A CB  1 
ATOM   43   C CG  . LEU A 1 6  ? 1.497   -3.514  0.607   1.00 40.64  ? 12  LEU A CG  1 
ATOM   44   C CD1 . LEU A 1 6  ? 2.678   -3.191  -0.311  1.00 38.65  ? 12  LEU A CD1 1 
ATOM   45   C CD2 . LEU A 1 6  ? 0.501   -4.442  -0.068  1.00 41.64  ? 12  LEU A CD2 1 
ATOM   46   N N   . PHE A 1 7  ? 1.928   -1.922  3.944   1.00 33.36  ? 13  PHE A N   1 
ATOM   47   C CA  . PHE A 1 7  ? 1.484   -0.587  4.332   1.00 32.65  ? 13  PHE A CA  1 
ATOM   48   C C   . PHE A 1 7  ? 2.667   0.262   4.793   1.00 29.27  ? 13  PHE A C   1 
ATOM   49   O O   . PHE A 1 7  ? 2.781   1.438   4.449   1.00 33.31  ? 13  PHE A O   1 
ATOM   50   C CB  . PHE A 1 7  ? 0.475   -0.622  5.477   1.00 36.24  ? 13  PHE A CB  1 
ATOM   51   C CG  . PHE A 1 7  ? -0.027  0.744   5.846   1.00 36.03  ? 13  PHE A CG  1 
ATOM   52   C CD1 . PHE A 1 7  ? 0.651   1.521   6.772   1.00 39.08  ? 13  PHE A CD1 1 
ATOM   53   C CD2 . PHE A 1 7  ? -1.124  1.277   5.197   1.00 37.67  ? 13  PHE A CD2 1 
ATOM   54   C CE1 . PHE A 1 7  ? 0.204   2.791   7.098   1.00 41.34  ? 13  PHE A CE1 1 
ATOM   55   C CE2 . PHE A 1 7  ? -1.596  2.546   5.514   1.00 39.71  ? 13  PHE A CE2 1 
ATOM   56   C CZ  . PHE A 1 7  ? -0.932  3.306   6.466   1.00 43.36  ? 13  PHE A CZ  1 
ATOM   57   N N   . VAL A 1 8  ? 3.542   -0.354  5.560   1.00 28.01  ? 14  VAL A N   1 
ATOM   58   C CA  . VAL A 1 8  ? 4.699   0.338   6.069   1.00 30.56  ? 14  VAL A CA  1 
ATOM   59   C C   . VAL A 1 8  ? 5.583   0.843   4.934   1.00 32.46  ? 14  VAL A C   1 
ATOM   60   O O   . VAL A 1 8  ? 6.150   1.935   5.036   1.00 30.26  ? 14  VAL A O   1 
ATOM   61   C CB  . VAL A 1 8  ? 5.504   -0.543  7.028   1.00 31.25  ? 14  VAL A CB  1 
ATOM   62   C CG1 . VAL A 1 8  ? 6.967   -0.058  7.151   1.00 29.77  ? 14  VAL A CG1 1 
ATOM   63   C CG2 . VAL A 1 8  ? 4.805   -0.545  8.377   1.00 32.88  ? 14  VAL A CG2 1 
ATOM   64   N N   . SER A 1 9  ? 5.673   0.068   3.848   1.00 32.16  ? 15  SER A N   1 
ATOM   65   C CA  . SER A 1 9  ? 6.538   0.445   2.730   1.00 32.52  ? 15  SER A CA  1 
ATOM   66   C C   . SER A 1 9  ? 5.927   1.622   1.979   1.00 30.11  ? 15  SER A C   1 
ATOM   67   O O   . SER A 1 9  ? 6.649   2.542   1.530   1.00 30.83  ? 15  SER A O   1 
ATOM   68   C CB  . SER A 1 9  ? 6.816   -0.771  1.824   1.00 31.73  ? 15  SER A CB  1 
ATOM   69   O OG  . SER A 1 9  ? 5.686   -1.055  0.994   1.00 32.33  ? 15  SER A OG  1 
ATOM   70   N N   . VAL A 1 10 ? 4.603   1.661   1.906   1.00 32.12  ? 16  VAL A N   1 
ATOM   71   C CA  . VAL A 1 10 ? 3.917   2.814   1.271   1.00 30.69  ? 16  VAL A CA  1 
ATOM   72   C C   . VAL A 1 10 ? 4.071   4.089   2.068   1.00 33.47  ? 16  VAL A C   1 
ATOM   73   O O   . VAL A 1 10 ? 4.391   5.174   1.556   1.00 33.51  ? 16  VAL A O   1 
ATOM   74   C CB  . VAL A 1 10 ? 2.417   2.541   1.128   1.00 32.92  ? 16  VAL A CB  1 
ATOM   75   C CG1 . VAL A 1 10 ? 1.701   3.802   0.671   1.00 36.27  ? 16  VAL A CG1 1 
ATOM   76   C CG2 . VAL A 1 10 ? 2.212   1.408   0.129   1.00 35.60  ? 16  VAL A CG2 1 
ATOM   77   N N   . LEU A 1 11 ? 3.814   3.960   3.354   1.00 34.19  ? 17  LEU A N   1 
ATOM   78   C CA  . LEU A 1 11 ? 3.980   5.071   4.255   1.00 33.98  ? 17  LEU A CA  1 
ATOM   79   C C   . LEU A 1 11 ? 5.378   5.731   4.181   1.00 32.73  ? 17  LEU A C   1 
ATOM   80   O O   . LEU A 1 11 ? 5.503   6.960   4.048   1.00 33.43  ? 17  LEU A O   1 
ATOM   81   C CB  . LEU A 1 11 ? 3.743   4.537   5.666   1.00 35.83  ? 17  LEU A CB  1 
ATOM   82   C CG  . LEU A 1 11 ? 3.926   5.622   6.697   1.00 42.40  ? 17  LEU A CG  1 
ATOM   83   C CD1 . LEU A 1 11 ? 2.633   6.411   6.719   1.00 45.97  ? 17  LEU A CD1 1 
ATOM   84   C CD2 . LEU A 1 11 ? 4.237   5.054   8.072   1.00 42.50  ? 17  LEU A CD2 1 
ATOM   85   N N   . GLN A 1 12 ? 6.431   4.918   4.287   1.00 31.51  ? 18  GLN A N   1 
ATOM   86   C CA  . GLN A 1 12 ? 7.809   5.435   4.261   1.00 32.16  ? 18  GLN A CA  1 
ATOM   87   C C   . GLN A 1 12 ? 8.119   6.143   2.932   1.00 31.44  ? 18  GLN A C   1 
ATOM   88   O O   . GLN A 1 12 ? 8.774   7.214   2.884   1.00 30.32  ? 18  GLN A O   1 
ATOM   89   C CB  . GLN A 1 12 ? 8.803   4.286   4.544   1.00 36.35  ? 18  GLN A CB  1 
ATOM   90   C CG  . GLN A 1 12 ? 8.860   3.932   6.043   1.00 43.25  ? 18  GLN A CG  1 
ATOM   91   C CD  . GLN A 1 12 ? 9.866   2.846   6.421   1.00 45.41  ? 18  GLN A CD  1 
ATOM   92   O OE1 . GLN A 1 12 ? 10.064  1.869   5.695   1.00 54.13  ? 18  GLN A OE1 1 
ATOM   93   N NE2 . GLN A 1 12 ? 10.482  2.997   7.588   1.00 46.53  ? 18  GLN A NE2 1 
ATOM   94   N N   . ARG A 1 13 ? 7.649   5.555   1.848   1.00 31.31  ? 19  ARG A N   1 
ATOM   95   C CA  . ARG A 1 13 ? 7.871   6.130   0.519   1.00 36.66  ? 19  ARG A CA  1 
ATOM   96   C C   . ARG A 1 13 ? 7.152   7.469   0.401   1.00 38.36  ? 19  ARG A C   1 
ATOM   97   O O   . ARG A 1 13 ? 7.767   8.452   0.017   1.00 41.55  ? 19  ARG A O   1 
ATOM   98   C CB  . ARG A 1 13 ? 7.418   5.161   -0.579  1.00 43.16  ? 19  ARG A CB  1 
ATOM   99   C CG  . ARG A 1 13 ? 7.539   5.750   -1.978  1.00 44.82  ? 19  ARG A CG  1 
ATOM   100  C CD  . ARG A 1 13 ? 7.483   4.708   -3.091  1.00 47.86  ? 19  ARG A CD  1 
ATOM   101  N NE  . ARG A 1 13 ? 8.250   5.230   -4.224  1.00 51.85  ? 19  ARG A NE  1 
ATOM   102  C CZ  . ARG A 1 13 ? 9.530   4.947   -4.466  1.00 49.79  ? 19  ARG A CZ  1 
ATOM   103  N NH1 . ARG A 1 13 ? 10.182  4.085   -3.704  1.00 43.89  ? 19  ARG A NH1 1 
ATOM   104  N NH2 . ARG A 1 13 ? 10.154  5.510   -5.499  1.00 50.82  ? 19  ARG A NH2 1 
ATOM   105  N N   . LEU A 1 14 ? 5.876   7.516   0.785   1.00 38.30  ? 20  LEU A N   1 
ATOM   106  C CA  . LEU A 1 14 ? 5.084   8.746   0.703   1.00 41.88  ? 20  LEU A CA  1 
ATOM   107  C C   . LEU A 1 14 ? 5.695   9.890   1.521   1.00 41.70  ? 20  LEU A C   1 
ATOM   108  O O   . LEU A 1 14 ? 5.823   11.008  1.022   1.00 40.28  ? 20  LEU A O   1 
ATOM   109  C CB  . LEU A 1 14 ? 3.609   8.526   1.141   1.00 40.32  ? 20  LEU A CB  1 
ATOM   110  C CG  . LEU A 1 14 ? 2.696   7.616   0.318   1.00 43.83  ? 20  LEU A CG  1 
ATOM   111  C CD1 . LEU A 1 14 ? 1.411   7.435   1.090   1.00 42.53  ? 20  LEU A CD1 1 
ATOM   112  C CD2 . LEU A 1 14 ? 2.399   8.197   -1.047  1.00 47.98  ? 20  LEU A CD2 1 
ATOM   113  N N   . LEU A 1 15 ? 6.051   9.608   2.767   1.00 35.57  ? 21  LEU A N   1 
ATOM   114  C CA  . LEU A 1 15 ? 6.681   10.611  3.616   1.00 43.39  ? 21  LEU A CA  1 
ATOM   115  C C   . LEU A 1 15 ? 8.071   10.989  3.099   1.00 45.45  ? 21  LEU A C   1 
ATOM   116  O O   . LEU A 1 15 ? 8.408   12.166  3.110   1.00 49.29  ? 21  LEU A O   1 
ATOM   117  C CB  . LEU A 1 15 ? 6.725   10.179  5.089   1.00 37.46  ? 21  LEU A CB  1 
ATOM   118  C CG  . LEU A 1 15 ? 5.348   9.847   5.657   1.00 41.37  ? 21  LEU A CG  1 
ATOM   119  C CD1 . LEU A 1 15 ? 5.439   9.313   7.084   1.00 44.22  ? 21  LEU A CD1 1 
ATOM   120  C CD2 . LEU A 1 15 ? 4.469   11.078  5.592   1.00 42.52  ? 21  LEU A CD2 1 
ATOM   121  N N   . SER A 1 16 ? 8.835   10.010  2.611   1.00 44.96  ? 22  SER A N   1 
ATOM   122  C CA  . SER A 1 16 ? 10.203  10.250  2.103   1.00 51.22  ? 22  SER A CA  1 
ATOM   123  C C   . SER A 1 16 ? 10.155  11.397  1.159   1.00 58.35  ? 22  SER A C   1 
ATOM   124  O O   . SER A 1 16 ? 10.857  12.391  1.331   1.00 64.61  ? 22  SER A O   1 
ATOM   125  C CB  . SER A 1 16 ? 10.725  9.082   1.278   1.00 49.98  ? 22  SER A CB  1 
ATOM   126  O OG  . SER A 1 16 ? 11.408  8.167   2.081   1.00 50.75  ? 22  SER A OG  1 
ATOM   127  N N   . GLU A 1 17 ? 9.297   11.241  0.160   1.00 60.52  ? 23  GLU A N   1 
ATOM   128  C CA  . GLU A 1 17 ? 9.166   12.188  -0.913  1.00 57.39  ? 23  GLU A CA  1 
ATOM   129  C C   . GLU A 1 17 ? 8.813   13.597  -0.464  1.00 55.28  ? 23  GLU A C   1 
ATOM   130  O O   . GLU A 1 17 ? 8.941   14.509  -1.249  1.00 60.24  ? 23  GLU A O   1 
ATOM   131  C CB  . GLU A 1 17 ? 8.157   11.683  -1.931  1.00 64.12  ? 23  GLU A CB  1 
ATOM   132  C CG  . GLU A 1 17 ? 8.670   10.497  -2.743  1.00 74.56  ? 23  GLU A CG  1 
ATOM   133  C CD  . GLU A 1 17 ? 7.582   9.852   -3.600  1.00 82.08  ? 23  GLU A CD  1 
ATOM   134  O OE1 . GLU A 1 17 ? 6.402   9.822   -3.161  1.00 85.83  ? 23  GLU A OE1 1 
ATOM   135  O OE2 . GLU A 1 17 ? 7.905   9.370   -4.713  1.00 76.92  ? 23  GLU A OE2 1 
ATOM   136  N N   . ARG A 1 18 ? 8.369   13.780  0.780   1.00 50.93  ? 24  ARG A N   1 
ATOM   137  C CA  A ARG A 1 18 ? 8.087   15.115  1.315   0.50 51.00  ? 24  ARG A CA  1 
ATOM   138  C CA  B ARG A 1 18 ? 8.112   15.122  1.311   0.50 51.37  ? 24  ARG A CA  1 
ATOM   139  C C   . ARG A 1 18 ? 9.195   15.549  2.290   1.00 49.56  ? 24  ARG A C   1 
ATOM   140  O O   . ARG A 1 18 ? 9.059   16.554  2.989   1.00 52.61  ? 24  ARG A O   1 
ATOM   141  C CB  A ARG A 1 18 ? 6.694   15.173  1.982   0.50 48.70  ? 24  ARG A CB  1 
ATOM   142  C CB  B ARG A 1 18 ? 6.732   15.200  1.964   0.50 49.60  ? 24  ARG A CB  1 
ATOM   143  C CG  A ARG A 1 18 ? 5.506   15.283  1.017   0.50 49.69  ? 24  ARG A CG  1 
ATOM   144  C CG  B ARG A 1 18 ? 5.615   14.953  0.972   0.50 51.87  ? 24  ARG A CG  1 
ATOM   145  C CD  A ARG A 1 18 ? 5.177   13.961  0.314   0.50 46.27  ? 24  ARG A CD  1 
ATOM   146  C CD  B ARG A 1 18 ? 4.299   15.481  1.478   0.50 46.00  ? 24  ARG A CD  1 
ATOM   147  N NE  A ARG A 1 18 ? 4.110   14.091  -0.674  0.50 41.95  ? 24  ARG A NE  1 
ATOM   148  N NE  B ARG A 1 18 ? 3.384   15.718  0.375   0.50 46.16  ? 24  ARG A NE  1 
ATOM   149  C CZ  A ARG A 1 18 ? 3.735   13.125  -1.504  0.50 41.93  ? 24  ARG A CZ  1 
ATOM   150  C CZ  B ARG A 1 18 ? 2.383   16.578  0.427   0.50 41.70  ? 24  ARG A CZ  1 
ATOM   151  N NH1 A ARG A 1 18 ? 4.331   11.940  -1.473  0.50 42.82  ? 24  ARG A NH1 1 
ATOM   152  N NH1 B ARG A 1 18 ? 2.194   17.277  1.535   0.50 39.53  ? 24  ARG A NH1 1 
ATOM   153  N NH2 A ARG A 1 18 ? 2.765   13.346  -2.367  0.50 40.34  ? 24  ARG A NH2 1 
ATOM   154  N NH2 B ARG A 1 18 ? 1.584   16.740  -0.623  0.50 42.27  ? 24  ARG A NH2 1 
ATOM   155  N N   . GLY A 1 19 ? 10.278  14.777  2.331   1.00 50.66  ? 25  GLY A N   1 
ATOM   156  C CA  . GLY A 1 19 ? 11.424  15.049  3.202   1.00 50.18  ? 25  GLY A CA  1 
ATOM   157  C C   . GLY A 1 19 ? 11.215  14.594  4.631   1.00 47.05  ? 25  GLY A C   1 
ATOM   158  O O   . GLY A 1 19 ? 11.956  14.989  5.523   1.00 48.76  ? 25  GLY A O   1 
ATOM   159  N N   . LEU A 1 20 ? 10.198  13.771  4.867   1.00 44.92  ? 26  LEU A N   1 
ATOM   160  C CA  . LEU A 1 20 ? 9.971   13.261  6.207   1.00 47.33  ? 26  LEU A CA  1 
ATOM   161  C C   . LEU A 1 20 ? 10.408  11.797  6.295   1.00 47.05  ? 26  LEU A C   1 
ATOM   162  O O   . LEU A 1 20 ? 10.169  11.005  5.377   1.00 45.92  ? 26  LEU A O   1 
ATOM   163  C CB  . LEU A 1 20 ? 8.506   13.456  6.618   1.00 50.31  ? 26  LEU A CB  1 
ATOM   164  C CG  . LEU A 1 20 ? 7.983   14.897  6.489   1.00 55.55  ? 26  LEU A CG  1 
ATOM   165  C CD1 . LEU A 1 20 ? 6.469   14.870  6.364   1.00 59.21  ? 26  LEU A CD1 1 
ATOM   166  C CD2 . LEU A 1 20 ? 8.410   15.804  7.641   1.00 52.45  ? 26  LEU A CD2 1 
ATOM   167  N N   . HIS A 1 21 ? 11.082  11.456  7.389   1.00 43.97  ? 27  HIS A N   1 
ATOM   168  C CA  . HIS A 1 21 ? 11.589  10.095  7.578   1.00 40.23  ? 27  HIS A CA  1 
ATOM   169  C C   . HIS A 1 21 ? 11.126  9.601   8.897   1.00 37.15  ? 27  HIS A C   1 
ATOM   170  O O   . HIS A 1 21 ? 11.113  10.325  9.870   1.00 41.57  ? 27  HIS A O   1 
ATOM   171  C CB  . HIS A 1 21 ? 13.111  10.049  7.475   1.00 43.22  ? 27  HIS A CB  1 
ATOM   172  C CG  . HIS A 1 21 ? 13.633  10.443  6.108   1.00 35.81  ? 27  HIS A CG  1 
ATOM   173  N ND1 . HIS A 1 21 ? 14.190  11.651  5.865   1.00 39.98  ? 27  HIS A ND1 1 
ATOM   174  C CD2 . HIS A 1 21 ? 13.650  9.754   4.909   1.00 34.42  ? 27  HIS A CD2 1 
ATOM   175  C CE1 . HIS A 1 21 ? 14.540  11.738  4.569   1.00 37.91  ? 27  HIS A CE1 1 
ATOM   176  N NE2 . HIS A 1 21 ? 14.208  10.572  3.979   1.00 38.41  ? 27  HIS A NE2 1 
ATOM   177  N N   . VAL A 1 22 ? 10.693  8.363   8.909   1.00 37.75  ? 28  VAL A N   1 
ATOM   178  C CA  . VAL A 1 22 ? 10.172  7.718   10.105  1.00 39.46  ? 28  VAL A CA  1 
ATOM   179  C C   . VAL A 1 22 ? 10.843  6.352   10.217  1.00 36.28  ? 28  VAL A C   1 
ATOM   180  O O   . VAL A 1 22 ? 10.869  5.617   9.241   1.00 37.54  ? 28  VAL A O   1 
ATOM   181  C CB  . VAL A 1 22 ? 8.632   7.550   10.000  1.00 38.81  ? 28  VAL A CB  1 
ATOM   182  C CG1 . VAL A 1 22 ? 8.097   6.756   11.180  1.00 46.69  ? 28  VAL A CG1 1 
ATOM   183  C CG2 . VAL A 1 22 ? 7.953   8.922   9.935   1.00 39.67  ? 28  VAL A CG2 1 
ATOM   184  N N   . LYS A 1 23 ? 11.365  6.036   11.400  1.00 37.52  ? 29  LYS A N   1 
ATOM   185  C CA  . LYS A 1 23 ? 11.933  4.723   11.716  1.00 41.41  ? 29  LYS A CA  1 
ATOM   186  C C   . LYS A 1 23 ? 10.972  3.597   11.388  1.00 43.60  ? 29  LYS A C   1 
ATOM   187  O O   . LYS A 1 23 ? 9.787   3.672   11.722  1.00 39.44  ? 29  LYS A O   1 
ATOM   188  C CB  . LYS A 1 23 ? 12.218  4.619   13.225  1.00 46.90  ? 29  LYS A CB  1 
ATOM   189  C CG  . LYS A 1 23 ? 13.467  5.351   13.663  1.00 53.98  ? 29  LYS A CG  1 
ATOM   190  C CD  . LYS A 1 23 ? 13.490  5.607   15.160  1.00 61.66  ? 29  LYS A CD  1 
ATOM   191  C CE  . LYS A 1 23 ? 14.206  6.937   15.427  1.00 61.27  ? 29  LYS A CE  1 
ATOM   192  N NZ  . LYS A 1 23 ? 14.114  7.411   16.835  1.00 65.74  ? 29  LYS A NZ  1 
ATOM   193  N N   . GLU A 1 24 ? 11.491  2.517   10.824  1.00 36.63  ? 30  GLU A N   1 
ATOM   194  C CA  . GLU A 1 24 ? 10.661  1.354   10.585  1.00 37.67  ? 30  GLU A CA  1 
ATOM   195  C C   . GLU A 1 24 ? 9.813   0.946   11.812  1.00 37.15  ? 30  GLU A C   1 
ATOM   196  O O   . GLU A 1 24 ? 8.623   0.685   11.667  1.00 38.34  ? 30  GLU A O   1 
ATOM   197  C CB  . GLU A 1 24 ? 11.515  0.187   10.098  1.00 38.75  ? 30  GLU A CB  1 
ATOM   198  C CG  . GLU A 1 24 ? 10.715  -0.976  9.552   1.00 51.07  ? 30  GLU A CG  1 
ATOM   199  C CD  . GLU A 1 24 ? 11.603  -2.051  8.959   1.00 55.76  ? 30  GLU A CD  1 
ATOM   200  O OE1 . GLU A 1 24 ? 12.685  -1.712  8.433   1.00 69.12  ? 30  GLU A OE1 1 
ATOM   201  O OE2 . GLU A 1 24 ? 11.232  -3.234  9.029   1.00 55.35  ? 30  GLU A OE2 1 
ATOM   202  N N   . SER A 1 25 ? 10.415  0.883   13.002  1.00 34.96  ? 31  SER A N   1 
ATOM   203  C CA  . SER A 1 25 ? 9.690   0.404   14.180  1.00 35.87  ? 31  SER A CA  1 
ATOM   204  C C   . SER A 1 25 ? 8.645   1.411   14.647  1.00 34.41  ? 31  SER A C   1 
ATOM   205  O O   . SER A 1 25 ? 7.617   1.014   15.211  1.00 34.27  ? 31  SER A O   1 
ATOM   206  C CB  . SER A 1 25 ? 10.650  0.068   15.329  1.00 39.40  ? 31  SER A CB  1 
ATOM   207  O OG  . SER A 1 25 ? 11.346  1.216   15.728  1.00 42.41  ? 31  SER A OG  1 
ATOM   208  N N   . SER A 1 26 ? 8.883   2.702   14.424  1.00 29.83  ? 32  SER A N   1 
ATOM   209  C CA  . SER A 1 26 ? 7.810   3.683   14.642  1.00 28.69  ? 32  SER A CA  1 
ATOM   210  C C   . SER A 1 26 ? 6.669   3.529   13.655  1.00 28.86  ? 32  SER A C   1 
ATOM   211  O O   . SER A 1 26 ? 5.490   3.647   14.034  1.00 30.85  ? 32  SER A O   1 
ATOM   212  C CB  . SER A 1 26 ? 8.325   5.110   14.580  1.00 33.26  ? 32  SER A CB  1 
ATOM   213  O OG  . SER A 1 26 ? 9.439   5.248   15.410  1.00 35.01  ? 32  SER A OG  1 
ATOM   214  N N   . ALA A 1 27 ? 6.995   3.240   12.398  1.00 28.48  ? 33  ALA A N   1 
ATOM   215  C CA  . ALA A 1 27 ? 5.962   2.970   11.375  1.00 30.24  ? 33  ALA A CA  1 
ATOM   216  C C   . ALA A 1 27 ? 5.178   1.680   11.622  1.00 30.16  ? 33  ALA A C   1 
ATOM   217  O O   . ALA A 1 27 ? 3.949   1.617   11.366  1.00 29.47  ? 33  ALA A O   1 
ATOM   218  C CB  . ALA A 1 27 ? 6.576   2.956   9.984   1.00 32.08  ? 33  ALA A CB  1 
ATOM   219  N N   . ILE A 1 28 ? 5.872   0.674   12.161  1.00 31.81  ? 34  ILE A N   1 
ATOM   220  C CA  . ILE A 1 28 ? 5.239   -0.602  12.528  1.00 36.15  ? 34  ILE A CA  1 
ATOM   221  C C   . ILE A 1 28 ? 4.260   -0.414  13.696  1.00 33.15  ? 34  ILE A C   1 
ATOM   222  O O   . ILE A 1 28 ? 3.140   -0.885  13.629  1.00 36.99  ? 34  ILE A O   1 
ATOM   223  C CB  . ILE A 1 28 ? 6.286   -1.712  12.841  1.00 36.84  ? 34  ILE A CB  1 
ATOM   224  C CG1 . ILE A 1 28 ? 6.838   -2.314  11.545  1.00 40.51  ? 34  ILE A CG1 1 
ATOM   225  C CG2 . ILE A 1 28 ? 5.671   -2.827  13.702  1.00 40.82  ? 34  ILE A CG2 1 
ATOM   226  C CD1 . ILE A 1 28 ? 8.117   -3.130  11.757  1.00 42.93  ? 34  ILE A CD1 1 
ATOM   227  N N   . GLU A 1 29 ? 4.678   0.307   14.722  1.00 35.18  ? 35  GLU A N   1 
ATOM   228  C CA  . GLU A 1 29 ? 3.795   0.701   15.843  1.00 37.33  ? 35  GLU A CA  1 
ATOM   229  C C   . GLU A 1 29 ? 2.591   1.497   15.346  1.00 36.25  ? 35  GLU A C   1 
ATOM   230  O O   . GLU A 1 29 ? 1.482   1.336   15.856  1.00 37.22  ? 35  GLU A O   1 
ATOM   231  C CB  . GLU A 1 29 ? 4.599   1.536   16.840  1.00 40.84  ? 35  GLU A CB  1 
ATOM   232  C CG  . GLU A 1 29 ? 4.062   1.689   18.284  1.00 48.16  ? 35  GLU A CG  1 
ATOM   233  C CD  . GLU A 1 29 ? 4.955   2.614   19.164  1.00 54.87  ? 35  GLU A CD  1 
ATOM   234  O OE1 . GLU A 1 29 ? 6.087   2.953   18.751  1.00 54.72  ? 35  GLU A OE1 1 
ATOM   235  O OE2 . GLU A 1 29 ? 4.552   3.007   20.285  1.00 60.65  ? 35  GLU A OE2 1 
ATOM   236  N N   . PHE A 1 30 ? 2.814   2.382   14.368  1.00 33.15  ? 36  PHE A N   1 
ATOM   237  C CA  . PHE A 1 30 ? 1.724   3.181   13.819  1.00 29.80  ? 36  PHE A CA  1 
ATOM   238  C C   . PHE A 1 30 ? 0.688   2.274   13.203  1.00 29.62  ? 36  PHE A C   1 
ATOM   239  O O   . PHE A 1 30 ? -0.515  2.464   13.434  1.00 33.29  ? 36  PHE A O   1 
ATOM   240  C CB  . PHE A 1 30 ? 2.174   4.152   12.736  1.00 32.39  ? 36  PHE A CB  1 
ATOM   241  C CG  . PHE A 1 30 ? 1.019   4.880   12.082  1.00 32.89  ? 36  PHE A CG  1 
ATOM   242  C CD1 . PHE A 1 30 ? 0.309   5.860   12.778  1.00 33.01  ? 36  PHE A CD1 1 
ATOM   243  C CD2 . PHE A 1 30 ? 0.598   4.551   10.813  1.00 33.87  ? 36  PHE A CD2 1 
ATOM   244  C CE1 . PHE A 1 30 ? -0.782  6.517   12.180  1.00 32.48  ? 36  PHE A CE1 1 
ATOM   245  C CE2 . PHE A 1 30 ? -0.481  5.204   10.214  1.00 36.21  ? 36  PHE A CE2 1 
ATOM   246  C CZ  . PHE A 1 30 ? -1.163  6.195   10.900  1.00 34.44  ? 36  PHE A CZ  1 
ATOM   247  N N   . TYR A 1 31 ? 1.159   1.288   12.432  1.00 29.30  ? 37  TYR A N   1 
ATOM   248  C CA  . TYR A 1 31 ? 0.280   0.384   11.731  1.00 35.12  ? 37  TYR A CA  1 
ATOM   249  C C   . TYR A 1 31 ? -0.514  -0.493  12.716  1.00 35.99  ? 37  TYR A C   1 
ATOM   250  O O   . TYR A 1 31 ? -1.719  -0.683  12.548  1.00 39.75  ? 37  TYR A O   1 
ATOM   251  C CB  . TYR A 1 31 ? 1.042   -0.510  10.732  1.00 34.27  ? 37  TYR A CB  1 
ATOM   252  C CG  . TYR A 1 31 ? 0.111   -1.413  9.930   1.00 36.02  ? 37  TYR A CG  1 
ATOM   253  C CD1 . TYR A 1 31 ? -0.708  -0.881  8.955   1.00 37.51  ? 37  TYR A CD1 1 
ATOM   254  C CD2 . TYR A 1 31 ? 0.049   -2.784  10.162  1.00 39.55  ? 37  TYR A CD2 1 
ATOM   255  C CE1 . TYR A 1 31 ? -1.555  -1.673  8.216   1.00 41.28  ? 37  TYR A CE1 1 
ATOM   256  C CE2 . TYR A 1 31 ? -0.806  -3.593  9.427   1.00 43.28  ? 37  TYR A CE2 1 
ATOM   257  C CZ  . TYR A 1 31 ? -1.595  -3.016  8.437   1.00 43.20  ? 37  TYR A CZ  1 
ATOM   258  O OH  . TYR A 1 31 ? -2.464  -3.758  7.675   1.00 45.62  ? 37  TYR A OH  1 
ATOM   259  N N   . GLN A 1 32 ? 0.168   -1.044  13.708  1.00 34.76  ? 38  GLN A N   1 
ATOM   260  C CA  . GLN A 1 32 ? -0.511  -1.892  14.681  1.00 38.39  ? 38  GLN A CA  1 
ATOM   261  C C   . GLN A 1 32 ? -1.545  -1.130  15.456  1.00 37.25  ? 38  GLN A C   1 
ATOM   262  O O   . GLN A 1 32 ? -2.640  -1.646  15.696  1.00 36.10  ? 38  GLN A O   1 
ATOM   263  C CB  . GLN A 1 32 ? 0.471   -2.568  15.600  1.00 39.73  ? 38  GLN A CB  1 
ATOM   264  C CG  . GLN A 1 32 ? 1.114   -3.744  14.891  1.00 45.43  ? 38  GLN A CG  1 
ATOM   265  C CD  . GLN A 1 32 ? 2.317   -4.245  15.627  1.00 48.36  ? 38  GLN A CD  1 
ATOM   266  O OE1 . GLN A 1 32 ? 2.601   -3.794  16.735  1.00 53.22  ? 38  GLN A OE1 1 
ATOM   267  N NE2 . GLN A 1 32 ? 3.045   -5.169  15.017  1.00 50.64  ? 38  GLN A NE2 1 
ATOM   268  N N   . PHE A 1 33 ? -1.212  0.112   15.813  1.00 34.85  ? 39  PHE A N   1 
ATOM   269  C CA  . PHE A 1 33 ? -2.217  1.010   16.342  1.00 37.05  ? 39  PHE A CA  1 
ATOM   270  C C   . PHE A 1 33 ? -3.402  1.184   15.356  1.00 39.92  ? 39  PHE A C   1 
ATOM   271  O O   . PHE A 1 33 ? -4.574  1.044   15.736  1.00 40.35  ? 39  PHE A O   1 
ATOM   272  C CB  . PHE A 1 33 ? -1.603  2.366   16.710  1.00 33.95  ? 39  PHE A CB  1 
ATOM   273  C CG  . PHE A 1 33 ? -2.607  3.322   17.274  1.00 36.38  ? 39  PHE A CG  1 
ATOM   274  C CD1 . PHE A 1 33 ? -3.325  2.982   18.429  1.00 35.70  ? 39  PHE A CD1 1 
ATOM   275  C CD2 . PHE A 1 33 ? -2.875  4.541   16.646  1.00 34.74  ? 39  PHE A CD2 1 
ATOM   276  C CE1 . PHE A 1 33 ? -4.269  3.862   18.950  1.00 38.45  ? 39  PHE A CE1 1 
ATOM   277  C CE2 . PHE A 1 33 ? -3.820  5.418   17.171  1.00 37.95  ? 39  PHE A CE2 1 
ATOM   278  C CZ  . PHE A 1 33 ? -4.519  5.071   18.324  1.00 37.90  ? 39  PHE A CZ  1 
ATOM   279  N N   . LEU A 1 34 ? -3.102  1.445   14.082  1.00 38.77  ? 40  LEU A N   1 
ATOM   280  C CA  . LEU A 1 34 ? -4.165  1.706   13.105  1.00 40.25  ? 40  LEU A CA  1 
ATOM   281  C C   . LEU A 1 34 ? -5.191  0.541   12.971  1.00 41.76  ? 40  LEU A C   1 
ATOM   282  O O   . LEU A 1 34 ? -6.400  0.762   12.936  1.00 40.59  ? 40  LEU A O   1 
ATOM   283  C CB  . LEU A 1 34 ? -3.553  2.085   11.753  1.00 38.36  ? 40  LEU A CB  1 
ATOM   284  C CG  . LEU A 1 34 ? -4.576  2.369   10.663  1.00 43.68  ? 40  LEU A CG  1 
ATOM   285  C CD1 . LEU A 1 34 ? -4.077  3.489   9.783   1.00 42.48  ? 40  LEU A CD1 1 
ATOM   286  C CD2 . LEU A 1 34 ? -4.837  1.087   9.865   1.00 46.60  ? 40  LEU A CD2 1 
ATOM   287  N N   . ILE A 1 35 ? -4.710  -0.694  12.916  1.00 42.68  ? 41  ILE A N   1 
ATOM   288  C CA  . ILE A 1 35 ? -5.613  -1.819  12.703  1.00 47.88  ? 41  ILE A CA  1 
ATOM   289  C C   . ILE A 1 35 ? -6.408  -2.162  13.983  1.00 48.95  ? 41  ILE A C   1 
ATOM   290  O O   . ILE A 1 35 ? -7.530  -2.681  13.908  1.00 42.98  ? 41  ILE A O   1 
ATOM   291  C CB  . ILE A 1 35 ? -4.885  -3.032  12.101  1.00 47.28  ? 41  ILE A CB  1 
ATOM   292  C CG1 . ILE A 1 35 ? -3.855  -3.581  13.092  1.00 49.31  ? 41  ILE A CG1 1 
ATOM   293  C CG2 . ILE A 1 35 ? -4.220  -2.611  10.794  1.00 47.43  ? 41  ILE A CG2 1 
ATOM   294  C CD1 . ILE A 1 35 ? -3.296  -4.942  12.745  1.00 47.32  ? 41  ILE A CD1 1 
ATOM   295  N N   . LYS A 1 36 ? -5.827  -1.832  15.137  1.00 48.62  ? 42  LYS A N   1 
ATOM   296  C CA  . LYS A 1 36 ? -6.512  -1.947  16.418  1.00 48.06  ? 42  LYS A CA  1 
ATOM   297  C C   . LYS A 1 36 ? -7.686  -0.995  16.402  1.00 45.51  ? 42  LYS A C   1 
ATOM   298  O O   . LYS A 1 36 ? -8.813  -1.404  16.649  1.00 54.07  ? 42  LYS A O   1 
ATOM   299  C CB  . LYS A 1 36 ? -5.573  -1.597  17.562  1.00 48.07  ? 42  LYS A CB  1 
ATOM   300  C CG  . LYS A 1 36 ? -6.078  -1.998  18.938  1.00 56.18  ? 42  LYS A CG  1 
ATOM   301  C CD  . LYS A 1 36 ? -5.048  -1.668  20.027  1.00 55.53  ? 42  LYS A CD  1 
ATOM   302  C CE  . LYS A 1 36 ? -5.031  -0.174  20.313  1.00 55.20  ? 42  LYS A CE  1 
ATOM   303  N NZ  . LYS A 1 36 ? -4.060  0.256   21.359  1.00 61.45  ? 42  LYS A NZ  1 
ATOM   304  N N   . VAL A 1 37 ? -7.448  0.268   16.067  1.00 44.21  ? 43  VAL A N   1 
ATOM   305  C CA  . VAL A 1 37 ? -8.562  1.204   16.041  1.00 47.36  ? 43  VAL A CA  1 
ATOM   306  C C   . VAL A 1 37 ? -9.532  1.033   14.873  1.00 49.73  ? 43  VAL A C   1 
ATOM   307  O O   . VAL A 1 37 ? -10.712 1.333   15.026  1.00 49.38  ? 43  VAL A O   1 
ATOM   308  C CB  . VAL A 1 37 ? -8.143  2.676   16.174  1.00 45.28  ? 43  VAL A CB  1 
ATOM   309  C CG1 . VAL A 1 37 ? -7.164  2.840   17.314  1.00 46.92  ? 43  VAL A CG1 1 
ATOM   310  C CG2 . VAL A 1 37 ? -7.548  3.210   14.883  1.00 53.16  ? 43  VAL A CG2 1 
ATOM   311  N N   . SER A 1 38 ? -9.046  0.548   13.726  1.00 46.24  ? 44  SER A N   1 
ATOM   312  C CA  . SER A 1 38 ? -9.876  0.394   12.524  1.00 42.41  ? 44  SER A CA  1 
ATOM   313  C C   . SER A 1 38 ? -9.598  -0.947  11.832  1.00 41.90  ? 44  SER A C   1 
ATOM   314  O O   . SER A 1 38 ? -8.893  -0.982  10.796  1.00 39.68  ? 44  SER A O   1 
ATOM   315  C CB  . SER A 1 38 ? -9.600  1.522   11.530  1.00 41.97  ? 44  SER A CB  1 
ATOM   316  O OG  . SER A 1 38 ? -9.655  2.799   12.134  1.00 43.60  ? 44  SER A OG  1 
ATOM   317  N N   . PRO A 1 39 ? -10.160 -2.049  12.370  1.00 41.86  ? 45  PRO A N   1 
ATOM   318  C CA  . PRO A 1 39 ? -9.779  -3.376  11.846  1.00 42.13  ? 45  PRO A CA  1 
ATOM   319  C C   . PRO A 1 39 ? -10.369 -3.648  10.473  1.00 39.99  ? 45  PRO A C   1 
ATOM   320  O O   . PRO A 1 39 ? -9.913  -4.557  9.790   1.00 46.90  ? 45  PRO A O   1 
ATOM   321  C CB  . PRO A 1 39 ? -10.318 -4.352  12.897  1.00 39.47  ? 45  PRO A CB  1 
ATOM   322  C CG  . PRO A 1 39 ? -10.919 -3.498  13.992  1.00 40.38  ? 45  PRO A CG  1 
ATOM   323  C CD  . PRO A 1 39 ? -11.229 -2.164  13.383  1.00 42.55  ? 45  PRO A CD  1 
ATOM   324  N N   . TRP A 1 40 ? -11.356 -2.846  10.078  1.00 43.67  ? 46  TRP A N   1 
ATOM   325  C CA  . TRP A 1 40 ? -11.883 -2.799  8.705   1.00 44.55  ? 46  TRP A CA  1 
ATOM   326  C C   . TRP A 1 40 ? -10.870 -2.342  7.672   1.00 45.79  ? 46  TRP A C   1 
ATOM   327  O O   . TRP A 1 40 ? -10.870 -2.840  6.528   1.00 46.92  ? 46  TRP A O   1 
ATOM   328  C CB  . TRP A 1 40 ? -13.132 -1.921  8.643   1.00 40.02  ? 46  TRP A CB  1 
ATOM   329  C CG  . TRP A 1 40 ? -12.857 -0.503  8.984   1.00 42.91  ? 46  TRP A CG  1 
ATOM   330  C CD1 . TRP A 1 40 ? -12.919 0.088   10.237  1.00 41.29  ? 46  TRP A CD1 1 
ATOM   331  C CD2 . TRP A 1 40 ? -12.435 0.576   8.067   1.00 41.70  ? 46  TRP A CD2 1 
ATOM   332  N NE1 . TRP A 1 40 ? -12.588 1.414   10.156  1.00 41.43  ? 46  TRP A NE1 1 
ATOM   333  C CE2 . TRP A 1 40 ? -12.282 1.766   8.888   1.00 40.40  ? 46  TRP A CE2 1 
ATOM   334  C CE3 . TRP A 1 40 ? -12.175 0.660   6.693   1.00 45.36  ? 46  TRP A CE3 1 
ATOM   335  C CZ2 . TRP A 1 40 ? -11.876 2.989   8.349   1.00 42.65  ? 46  TRP A CZ2 1 
ATOM   336  C CZ3 . TRP A 1 40 ? -11.779 1.899   6.159   1.00 40.31  ? 46  TRP A CZ3 1 
ATOM   337  C CH2 . TRP A 1 40 ? -11.631 3.030   6.965   1.00 38.32  ? 46  TRP A CH2 1 
ATOM   338  N N   . PHE A 1 41 ? -9.992  -1.414  8.060   1.00 45.86  ? 47  PHE A N   1 
ATOM   339  C CA  . PHE A 1 41 ? -9.033  -0.787  7.116   1.00 45.46  ? 47  PHE A CA  1 
ATOM   340  C C   . PHE A 1 41 ? -8.247  -1.748  6.181   1.00 45.44  ? 47  PHE A C   1 
ATOM   341  O O   . PHE A 1 41 ? -8.247  -1.535  4.968   1.00 48.97  ? 47  PHE A O   1 
ATOM   342  C CB  . PHE A 1 41 ? -8.114  0.272   7.789   1.00 39.99  ? 47  PHE A CB  1 
ATOM   343  C CG  . PHE A 1 41 ? -7.411  1.180   6.790   1.00 40.36  ? 47  PHE A CG  1 
ATOM   344  C CD1 . PHE A 1 41 ? -6.183  0.819   6.239   1.00 39.40  ? 47  PHE A CD1 1 
ATOM   345  C CD2 . PHE A 1 41 ? -7.995  2.363   6.369   1.00 36.23  ? 47  PHE A CD2 1 
ATOM   346  C CE1 . PHE A 1 41 ? -5.548  1.631   5.308   1.00 35.70  ? 47  PHE A CE1 1 
ATOM   347  C CE2 . PHE A 1 41 ? -7.363  3.178   5.422   1.00 36.01  ? 47  PHE A CE2 1 
ATOM   348  C CZ  . PHE A 1 41 ? -6.143  2.804   4.903   1.00 35.01  ? 47  PHE A CZ  1 
ATOM   349  N N   . PRO A 1 42 ? -7.584  -2.791  6.720   1.00 48.40  ? 48  PRO A N   1 
ATOM   350  C CA  . PRO A 1 42 ? -6.885  -3.707  5.812   1.00 51.38  ? 48  PRO A CA  1 
ATOM   351  C C   . PRO A 1 42 ? -7.766  -4.401  4.743   1.00 52.67  ? 48  PRO A C   1 
ATOM   352  O O   . PRO A 1 42 ? -7.331  -4.575  3.609   1.00 44.18  ? 48  PRO A O   1 
ATOM   353  C CB  . PRO A 1 42 ? -6.259  -4.733  6.757   1.00 47.86  ? 48  PRO A CB  1 
ATOM   354  C CG  . PRO A 1 42 ? -6.114  -4.009  8.051   1.00 49.06  ? 48  PRO A CG  1 
ATOM   355  C CD  . PRO A 1 42 ? -7.309  -3.114  8.136   1.00 49.20  ? 48  PRO A CD  1 
ATOM   356  N N   . GLU A 1 43 ? -8.985  -4.778  5.100   1.00 61.11  ? 49  GLU A N   1 
ATOM   357  C CA  . GLU A 1 43 ? -9.875  -5.456  4.172   1.00 67.29  ? 49  GLU A CA  1 
ATOM   358  C C   . GLU A 1 43 ? -10.601 -4.464  3.248   1.00 68.57  ? 49  GLU A C   1 
ATOM   359  O O   . GLU A 1 43 ? -10.606 -4.630  2.030   1.00 67.91  ? 49  GLU A O   1 
ATOM   360  C CB  . GLU A 1 43 ? -10.875 -6.305  4.965   1.00 78.47  ? 49  GLU A CB  1 
ATOM   361  C CG  . GLU A 1 43 ? -11.858 -7.134  4.138   1.00 93.45  ? 49  GLU A CG  1 
ATOM   362  C CD  . GLU A 1 43 ? -13.159 -7.435  4.885   1.00 102.57 ? 49  GLU A CD  1 
ATOM   363  O OE1 . GLU A 1 43 ? -13.174 -7.402  6.140   1.00 112.27 ? 49  GLU A OE1 1 
ATOM   364  O OE2 . GLU A 1 43 ? -14.184 -7.698  4.222   1.00 101.34 ? 49  GLU A OE2 1 
ATOM   365  N N   . GLU A 1 44 ? -11.194 -3.430  3.842   1.00 65.34  ? 50  GLU A N   1 
ATOM   366  C CA  . GLU A 1 44 ? -12.149 -2.555  3.154   1.00 65.21  ? 50  GLU A CA  1 
ATOM   367  C C   . GLU A 1 44 ? -11.591 -1.212  2.725   1.00 59.61  ? 50  GLU A C   1 
ATOM   368  O O   . GLU A 1 44 ? -12.230 -0.504  1.945   1.00 57.66  ? 50  GLU A O   1 
ATOM   369  C CB  . GLU A 1 44 ? -13.356 -2.263  4.060   1.00 65.28  ? 50  GLU A CB  1 
ATOM   370  C CG  . GLU A 1 44 ? -14.425 -3.340  4.122   1.00 69.12  ? 50  GLU A CG  1 
ATOM   371  C CD  . GLU A 1 44 ? -15.088 -3.388  5.492   1.00 75.58  ? 50  GLU A CD  1 
ATOM   372  O OE1 . GLU A 1 44 ? -15.633 -2.341  5.937   1.00 73.25  ? 50  GLU A OE1 1 
ATOM   373  O OE2 . GLU A 1 44 ? -15.047 -4.474  6.127   1.00 72.00  ? 50  GLU A OE2 1 
ATOM   374  N N   . GLY A 1 45 ? -10.433 -0.836  3.264   1.00 54.53  ? 51  GLY A N   1 
ATOM   375  C CA  . GLY A 1 45 ? -9.989  0.552   3.167   1.00 49.80  ? 51  GLY A CA  1 
ATOM   376  C C   . GLY A 1 45 ? -8.962  0.856   2.091   1.00 48.92  ? 51  GLY A C   1 
ATOM   377  O O   . GLY A 1 45 ? -8.130  0.017   1.774   1.00 45.81  ? 51  GLY A O   1 
ATOM   378  N N   . GLY A 1 46 ? -9.026  2.072   1.547   1.00 43.36  ? 52  GLY A N   1 
ATOM   379  C CA  . GLY A 1 46 ? -8.060  2.526   0.581   1.00 44.76  ? 52  GLY A CA  1 
ATOM   380  C C   . GLY A 1 46 ? -7.310  3.727   1.110   1.00 46.49  ? 52  GLY A C   1 
ATOM   381  O O   . GLY A 1 46 ? -7.824  4.473   1.943   1.00 41.06  ? 52  GLY A O   1 
ATOM   382  N N   . LEU A 1 47 ? -6.098  3.930   0.614   1.00 42.34  ? 53  LEU A N   1 
ATOM   383  C CA  . LEU A 1 47 ? -5.394  5.186   0.837   1.00 43.13  ? 53  LEU A CA  1 
ATOM   384  C C   . LEU A 1 47 ? -6.061  6.317   0.046   1.00 39.52  ? 53  LEU A C   1 
ATOM   385  O O   . LEU A 1 47 ? -5.542  6.783   -0.964  1.00 36.03  ? 53  LEU A O   1 
ATOM   386  C CB  . LEU A 1 47 ? -3.943  5.023   0.408   1.00 49.97  ? 53  LEU A CB  1 
ATOM   387  C CG  . LEU A 1 47 ? -2.843  5.790   1.127   1.00 59.62  ? 53  LEU A CG  1 
ATOM   388  C CD1 . LEU A 1 47 ? -2.824  5.511   2.626   1.00 59.34  ? 53  LEU A CD1 1 
ATOM   389  C CD2 . LEU A 1 47 ? -1.525  5.385   0.493   1.00 64.65  ? 53  LEU A CD2 1 
ATOM   390  N N   . ASN A 1 48 ? -7.224  6.736   0.518   1.00 37.41  ? 54  ASN A N   1 
ATOM   391  C CA  . ASN A 1 48 ? -8.032  7.796   -0.088  1.00 36.79  ? 54  ASN A CA  1 
ATOM   392  C C   . ASN A 1 48 ? -8.601  8.690   1.031   1.00 37.77  ? 54  ASN A C   1 
ATOM   393  O O   . ASN A 1 48 ? -8.688  8.254   2.166   1.00 34.30  ? 54  ASN A O   1 
ATOM   394  C CB  . ASN A 1 48 ? -9.168  7.191   -0.947  1.00 39.50  ? 54  ASN A CB  1 
ATOM   395  C CG  . ASN A 1 48 ? -10.273 6.515   -0.118  1.00 40.27  ? 54  ASN A CG  1 
ATOM   396  O OD1 . ASN A 1 48 ? -10.926 7.148   0.723   1.00 44.35  ? 54  ASN A OD1 1 
ATOM   397  N ND2 . ASN A 1 48 ? -10.520 5.236   -0.389  1.00 34.08  ? 54  ASN A ND2 1 
ATOM   398  N N   . LEU A 1 49 ? -8.996  9.912   0.701   1.00 38.97  ? 55  LEU A N   1 
ATOM   399  C CA  . LEU A 1 49 ? -9.358  10.921  1.692   1.00 44.05  ? 55  LEU A CA  1 
ATOM   400  C C   . LEU A 1 49 ? -10.549 10.531  2.596   1.00 48.00  ? 55  LEU A C   1 
ATOM   401  O O   . LEU A 1 49 ? -10.472 10.701  3.814   1.00 51.56  ? 55  LEU A O   1 
ATOM   402  C CB  . LEU A 1 49 ? -9.485  12.317  1.039   1.00 45.51  ? 55  LEU A CB  1 
ATOM   403  C CG  . LEU A 1 49 ? -9.568  13.604  1.893   1.00 50.83  ? 55  LEU A CG  1 
ATOM   404  C CD1 . LEU A 1 49 ? -8.684  13.519  3.133   1.00 54.19  ? 55  LEU A CD1 1 
ATOM   405  C CD2 . LEU A 1 49 ? -9.244  14.886  1.106   1.00 52.08  ? 55  LEU A CD2 1 
ATOM   406  N N   . GLN A 1 50 ? -11.601 9.930   2.041   1.00 47.67  ? 56  GLN A N   1 
ATOM   407  C CA  . GLN A 1 50 ? -12.739 9.489   2.864   1.00 48.64  ? 56  GLN A CA  1 
ATOM   408  C C   . GLN A 1 50 ? -12.369 8.371   3.860   1.00 48.50  ? 56  GLN A C   1 
ATOM   409  O O   . GLN A 1 50 ? -12.735 8.434   5.026   1.00 40.12  ? 56  GLN A O   1 
ATOM   410  C CB  . GLN A 1 50 ? -13.940 9.053   2.003   1.00 48.52  ? 56  GLN A CB  1 
ATOM   411  N N   . ASP A 1 51 ? -11.673 7.337   3.392   1.00 47.82  ? 57  ASP A N   1 
ATOM   412  C CA  . ASP A 1 51 ? -11.272 6.241   4.268   1.00 45.20  ? 57  ASP A CA  1 
ATOM   413  C C   . ASP A 1 51 ? -10.345 6.739   5.374   1.00 43.96  ? 57  ASP A C   1 
ATOM   414  O O   . ASP A 1 51 ? -10.381 6.246   6.512   1.00 40.32  ? 57  ASP A O   1 
ATOM   415  C CB  . ASP A 1 51 ? -10.595 5.139   3.456   1.00 47.85  ? 57  ASP A CB  1 
ATOM   416  C CG  . ASP A 1 51 ? -11.584 4.078   2.967   1.00 54.84  ? 57  ASP A CG  1 
ATOM   417  O OD1 . ASP A 1 51 ? -12.808 4.323   2.980   1.00 56.74  ? 57  ASP A OD1 1 
ATOM   418  O OD2 . ASP A 1 51 ? -11.142 2.978   2.587   1.00 56.52  ? 57  ASP A OD2 1 
ATOM   419  N N   . TRP A 1 52 ? -9.533  7.732   5.026   1.00 38.28  ? 58  TRP A N   1 
ATOM   420  C CA  . TRP A 1 52 ? -8.506  8.221   5.928   1.00 38.52  ? 58  TRP A CA  1 
ATOM   421  C C   . TRP A 1 52 ? -9.108  9.125   6.936   1.00 39.72  ? 58  TRP A C   1 
ATOM   422  O O   . TRP A 1 52 ? -8.677  9.118   8.075   1.00 34.85  ? 58  TRP A O   1 
ATOM   423  C CB  . TRP A 1 52 ? -7.407  8.968   5.184   1.00 32.53  ? 58  TRP A CB  1 
ATOM   424  C CG  . TRP A 1 52 ? -6.099  9.025   5.950   1.00 35.50  ? 58  TRP A CG  1 
ATOM   425  C CD1 . TRP A 1 52 ? -5.410  10.167  6.387   1.00 32.46  ? 58  TRP A CD1 1 
ATOM   426  C CD2 . TRP A 1 52 ? -5.272  7.880   6.415   1.00 34.54  ? 58  TRP A CD2 1 
ATOM   427  N NE1 . TRP A 1 52 ? -4.251  9.821   7.048   1.00 33.20  ? 58  TRP A NE1 1 
ATOM   428  C CE2 . TRP A 1 52 ? -4.106  8.469   7.099   1.00 34.13  ? 58  TRP A CE2 1 
ATOM   429  C CE3 . TRP A 1 52 ? -5.375  6.496   6.329   1.00 31.98  ? 58  TRP A CE3 1 
ATOM   430  C CZ2 . TRP A 1 52 ? -3.105  7.676   7.671   1.00 31.10  ? 58  TRP A CZ2 1 
ATOM   431  C CZ3 . TRP A 1 52 ? -4.362  5.718   6.894   1.00 33.31  ? 58  TRP A CZ3 1 
ATOM   432  C CH2 . TRP A 1 52 ? -3.251  6.302   7.543   1.00 34.19  ? 58  TRP A CH2 1 
ATOM   433  N N   . LYS A 1 53 ? -10.096 9.923   6.528   1.00 37.93  ? 59  LYS A N   1 
ATOM   434  C CA  . LYS A 1 53 ? -10.853 10.745  7.479   1.00 40.87  ? 59  LYS A CA  1 
ATOM   435  C C   . LYS A 1 53 ? -11.624 9.889   8.473   1.00 39.18  ? 59  LYS A C   1 
ATOM   436  O O   . LYS A 1 53 ? -11.720 10.203  9.659   1.00 43.97  ? 59  LYS A O   1 
ATOM   437  C CB  . LYS A 1 53 ? -11.734 11.774  6.747   1.00 42.84  ? 59  LYS A CB  1 
ATOM   438  C CG  . LYS A 1 53 ? -10.911 12.997  6.324   1.00 45.26  ? 59  LYS A CG  1 
ATOM   439  C CD  . LYS A 1 53 ? -11.571 13.793  5.208   1.00 47.85  ? 59  LYS A CD  1 
ATOM   440  C CE  . LYS A 1 53 ? -12.937 14.307  5.617   1.00 52.93  ? 59  LYS A CE  1 
ATOM   441  N NZ  . LYS A 1 53 ? -13.656 14.857  4.429   1.00 55.11  ? 59  LYS A NZ  1 
ATOM   442  N N   . ARG A 1 54 ? -12.137 8.773   8.005   1.00 37.82  ? 60  ARG A N   1 
ATOM   443  C CA  . ARG A 1 54 ? -12.743 7.809   8.914   1.00 38.47  ? 60  ARG A CA  1 
ATOM   444  C C   . ARG A 1 54 ? -11.710 7.283   9.936   1.00 41.16  ? 60  ARG A C   1 
ATOM   445  O O   . ARG A 1 54 ? -12.013 7.156   11.136  1.00 37.87  ? 60  ARG A O   1 
ATOM   446  C CB  . ARG A 1 54 ? -13.417 6.672   8.111   1.00 37.86  ? 60  ARG A CB  1 
ATOM   447  C CG  . ARG A 1 54 ? -14.273 5.704   8.932   1.00 40.94  ? 60  ARG A CG  1 
ATOM   448  C CD  . ARG A 1 54 ? -14.932 4.662   8.026   1.00 42.20  ? 60  ARG A CD  1 
ATOM   449  N NE  . ARG A 1 54 ? -15.389 3.509   8.789   1.00 43.77  ? 60  ARG A NE  1 
ATOM   450  C CZ  . ARG A 1 54 ? -15.601 2.289   8.291   1.00 45.64  ? 60  ARG A CZ  1 
ATOM   451  N NH1 . ARG A 1 54 ? -15.389 2.016   7.009   1.00 46.83  ? 60  ARG A NH1 1 
ATOM   452  N NH2 . ARG A 1 54 ? -16.003 1.320   9.096   1.00 49.81  ? 60  ARG A NH2 1 
ATOM   453  N N   . VAL A 1 55 ? -10.481 7.010   9.484   1.00 39.40  ? 61  VAL A N   1 
ATOM   454  C CA  . VAL A 1 55 ? -9.432  6.527   10.416  1.00 38.38  ? 61  VAL A CA  1 
ATOM   455  C C   . VAL A 1 55 ? -9.118  7.502   11.576  1.00 37.78  ? 61  VAL A C   1 
ATOM   456  O O   . VAL A 1 55 ? -9.003  7.074   12.738  1.00 36.56  ? 61  VAL A O   1 
ATOM   457  C CB  . VAL A 1 55 ? -8.126  6.100   9.704   1.00 37.34  ? 61  VAL A CB  1 
ATOM   458  C CG1 . VAL A 1 55 ? -7.027  5.880   10.735  1.00 34.12  ? 61  VAL A CG1 1 
ATOM   459  C CG2 . VAL A 1 55 ? -8.347  4.825   8.903   1.00 37.14  ? 61  VAL A CG2 1 
ATOM   460  N N   . GLY A 1 56 ? -8.945  8.784   11.260  1.00 35.56  ? 62  GLY A N   1 
ATOM   461  C CA  . GLY A 1 56 ? -8.723  9.815   12.277  1.00 41.69  ? 62  GLY A CA  1 
ATOM   462  C C   . GLY A 1 56 ? -9.900  9.951   13.246  1.00 47.48  ? 62  GLY A C   1 
ATOM   463  O O   . GLY A 1 56 ? -9.705  10.116  14.468  1.00 46.90  ? 62  GLY A O   1 
ATOM   464  N N   . ARG A 1 57 ? -11.127 9.852   12.728  1.00 46.89  ? 63  ARG A N   1 
ATOM   465  C CA  . ARG A 1 57 ? -12.310 9.914   13.623  1.00 47.37  ? 63  ARG A CA  1 
ATOM   466  C C   . ARG A 1 57 ? -12.248 8.761   14.608  1.00 48.33  ? 63  ARG A C   1 
ATOM   467  O O   . ARG A 1 57 ? -12.492 8.925   15.807  1.00 44.37  ? 63  ARG A O   1 
ATOM   468  C CB  . ARG A 1 57 ? -13.644 9.888   12.850  1.00 44.90  ? 63  ARG A CB  1 
ATOM   469  C CG  . ARG A 1 57 ? -13.863 11.142  12.005  1.00 41.87  ? 63  ARG A CG  1 
ATOM   470  C CD  . ARG A 1 57 ? -15.318 11.295  11.579  1.00 45.46  ? 63  ARG A CD  1 
ATOM   471  N NE  . ARG A 1 57 ? -15.810 10.161  10.788  1.00 46.40  ? 63  ARG A NE  1 
ATOM   472  C CZ  . ARG A 1 57 ? -15.620 10.040  9.470   1.00 46.36  ? 63  ARG A CZ  1 
ATOM   473  N NH1 . ARG A 1 57 ? -14.943 10.979  8.807   1.00 45.98  ? 63  ARG A NH1 1 
ATOM   474  N NH2 . ARG A 1 57 ? -16.112 8.993   8.813   1.00 39.72  ? 63  ARG A NH2 1 
ATOM   475  N N   . GLU A 1 58 ? -11.878 7.600   14.094  1.00 45.48  ? 64  GLU A N   1 
ATOM   476  C CA  . GLU A 1 58 ? -11.804 6.403   14.899  1.00 47.15  ? 64  GLU A CA  1 
ATOM   477  C C   . GLU A 1 58 ? -10.613 6.381   15.884  1.00 47.54  ? 64  GLU A C   1 
ATOM   478  O O   . GLU A 1 58 ? -10.715 5.738   16.929  1.00 46.13  ? 64  GLU A O   1 
ATOM   479  C CB  . GLU A 1 58 ? -11.878 5.152   14.017  1.00 43.43  ? 64  GLU A CB  1 
ATOM   480  C CG  . GLU A 1 58 ? -13.251 4.970   13.374  1.00 49.75  ? 64  GLU A CG  1 
ATOM   481  C CD  . GLU A 1 58 ? -13.409 3.680   12.583  1.00 50.67  ? 64  GLU A CD  1 
ATOM   482  O OE1 . GLU A 1 58 ? -12.436 2.926   12.430  1.00 51.32  ? 64  GLU A OE1 1 
ATOM   483  O OE2 . GLU A 1 58 ? -14.523 3.416   12.094  1.00 56.55  ? 64  GLU A OE2 1 
ATOM   484  N N   . MET A 1 59 ? -9.520  7.084   15.555  1.00 48.56  ? 65  MET A N   1 
ATOM   485  C CA  . MET A 1 59 ? -8.366  7.281   16.464  1.00 47.79  ? 65  MET A CA  1 
ATOM   486  C C   . MET A 1 59 ? -8.771  8.185   17.619  1.00 49.72  ? 65  MET A C   1 
ATOM   487  O O   . MET A 1 59 ? -8.372  7.970   18.768  1.00 47.03  ? 65  MET A O   1 
ATOM   488  C CB  . MET A 1 59 ? -7.152  7.898   15.739  1.00 45.23  ? 65  MET A CB  1 
ATOM   489  C CG  . MET A 1 59 ? -6.266  6.886   15.002  1.00 51.20  ? 65  MET A CG  1 
ATOM   490  S SD  . MET A 1 59 ? -4.993  7.572   13.882  1.00 53.57  ? 65  MET A SD  1 
ATOM   491  C CE  . MET A 1 59 ? -4.210  6.057   13.323  1.00 50.52  ? 65  MET A CE  1 
ATOM   492  N N   . LYS A 1 60 ? -9.552  9.208   17.291  1.00 51.06  ? 66  LYS A N   1 
ATOM   493  C CA  . LYS A 1 60 ? -10.115 10.126  18.280  1.00 55.89  ? 66  LYS A CA  1 
ATOM   494  C C   . LYS A 1 60 ? -11.204 9.474   19.132  1.00 53.61  ? 66  LYS A C   1 
ATOM   495  O O   . LYS A 1 60 ? -11.357 9.821   20.303  1.00 63.82  ? 66  LYS A O   1 
ATOM   496  C CB  . LYS A 1 60 ? -10.594 11.433  17.627  1.00 54.26  ? 66  LYS A CB  1 
ATOM   497  C CG  . LYS A 1 60 ? -9.439  12.263  17.088  1.00 58.29  ? 66  LYS A CG  1 
ATOM   498  C CD  . LYS A 1 60 ? -9.870  13.630  16.563  1.00 64.57  ? 66  LYS A CD  1 
ATOM   499  C CE  . LYS A 1 60 ? -9.794  14.685  17.661  1.00 66.31  ? 66  LYS A CE  1 
ATOM   500  N NZ  . LYS A 1 60 ? -9.800  16.078  17.124  1.00 62.84  ? 66  LYS A NZ  1 
ATOM   501  N N   . ARG A 1 61 ? -11.943 8.521   18.568  1.00 46.56  ? 67  ARG A N   1 
ATOM   502  C CA  . ARG A 1 61 ? -12.872 7.741   19.366  1.00 52.22  ? 67  ARG A CA  1 
ATOM   503  C C   . ARG A 1 61 ? -12.085 6.838   20.348  1.00 57.12  ? 67  ARG A C   1 
ATOM   504  O O   . ARG A 1 61 ? -12.561 6.549   21.456  1.00 48.63  ? 67  ARG A O   1 
ATOM   505  C CB  . ARG A 1 61 ? -13.856 6.943   18.495  1.00 53.11  ? 67  ARG A CB  1 
ATOM   506  C CG  . ARG A 1 61 ? -14.675 5.925   19.273  1.00 52.03  ? 67  ARG A CG  1 
ATOM   507  C CD  . ARG A 1 61 ? -15.911 5.465   18.520  1.00 74.14  ? 67  ARG A CD  1 
ATOM   508  N NE  . ARG A 1 61 ? -15.727 4.231   17.762  1.00 70.45  ? 67  ARG A NE  1 
ATOM   509  C CZ  . ARG A 1 61 ? -15.832 4.144   16.438  1.00 74.11  ? 67  ARG A CZ  1 
ATOM   510  N NH1 . ARG A 1 61 ? -16.105 5.226   15.717  1.00 74.41  ? 67  ARG A NH1 1 
ATOM   511  N NH2 . ARG A 1 61 ? -15.669 2.972   15.832  1.00 76.69  ? 67  ARG A NH2 1 
ATOM   512  N N   . TYR A 1 62 ? -10.879 6.417   19.948  1.00 56.37  ? 68  TYR A N   1 
ATOM   513  C CA  . TYR A 1 62 ? -10.037 5.577   20.812  1.00 51.90  ? 68  TYR A CA  1 
ATOM   514  C C   . TYR A 1 62 ? -9.433  6.442   21.925  1.00 49.59  ? 68  TYR A C   1 
ATOM   515  O O   . TYR A 1 62 ? -9.389  6.021   23.079  1.00 53.66  ? 68  TYR A O   1 
ATOM   516  C CB  . TYR A 1 62 ? -8.961  4.817   20.000  1.00 49.94  ? 68  TYR A CB  1 
ATOM   517  C CG  . TYR A 1 62 ? -8.252  3.757   20.791  1.00 48.31  ? 68  TYR A CG  1 
ATOM   518  C CD1 . TYR A 1 62 ? -7.186  4.085   21.636  1.00 45.81  ? 68  TYR A CD1 1 
ATOM   519  C CD2 . TYR A 1 62 ? -8.668  2.431   20.733  1.00 49.11  ? 68  TYR A CD2 1 
ATOM   520  C CE1 . TYR A 1 62 ? -6.535  3.120   22.386  1.00 43.73  ? 68  TYR A CE1 1 
ATOM   521  C CE2 . TYR A 1 62 ? -8.031  1.459   21.491  1.00 51.50  ? 68  TYR A CE2 1 
ATOM   522  C CZ  . TYR A 1 62 ? -6.968  1.812   22.317  1.00 49.16  ? 68  TYR A CZ  1 
ATOM   523  O OH  . TYR A 1 62 ? -6.328  0.845   23.070  1.00 52.26  ? 68  TYR A OH  1 
ATOM   524  N N   . ALA A 1 63 ? -9.007  7.657   21.571  1.00 49.91  ? 69  ALA A N   1 
ATOM   525  C CA  . ALA A 1 63 ? -8.437  8.616   22.515  1.00 51.77  ? 69  ALA A CA  1 
ATOM   526  C C   . ALA A 1 63 ? -9.458  9.053   23.582  1.00 55.95  ? 69  ALA A C   1 
ATOM   527  O O   . ALA A 1 63 ? -9.092  9.287   24.738  1.00 54.00  ? 69  ALA A O   1 
ATOM   528  C CB  . ALA A 1 63 ? -7.880  9.833   21.775  1.00 47.00  ? 69  ALA A CB  1 
ATOM   529  N N   . ALA A 1 64 ? -10.721 9.181   23.169  1.00 46.56  ? 70  ALA A N   1 
ATOM   530  C CA  . ALA A 1 64 ? -11.833 9.481   24.062  1.00 51.40  ? 70  ALA A CA  1 
ATOM   531  C C   . ALA A 1 64 ? -12.101 8.358   25.072  1.00 51.20  ? 70  ALA A C   1 
ATOM   532  O O   . ALA A 1 64 ? -12.174 8.620   26.276  1.00 59.94  ? 70  ALA A O   1 
ATOM   533  C CB  . ALA A 1 64 ? -13.101 9.763   23.252  1.00 48.18  ? 70  ALA A CB  1 
ATOM   534  N N   . GLU A 1 65 ? -12.276 7.133   24.562  1.00 46.55  ? 71  GLU A N   1 
ATOM   535  C CA  . GLU A 1 65 ? -12.542 5.929   25.353  1.00 53.66  ? 71  GLU A CA  1 
ATOM   536  C C   . GLU A 1 65 ? -11.397 5.530   26.316  1.00 55.14  ? 71  GLU A C   1 
ATOM   537  O O   . GLU A 1 65 ? -11.649 5.330   27.498  1.00 62.12  ? 71  GLU A O   1 
ATOM   538  C CB  . GLU A 1 65 ? -12.964 4.754   24.442  1.00 51.39  ? 71  GLU A CB  1 
ATOM   539  N N   . HIS A 1 66 ? -10.157 5.436   25.826  1.00 53.59  ? 72  HIS A N   1 
ATOM   540  C CA  . HIS A 1 66 ? -9.022  4.975   26.662  1.00 52.89  ? 72  HIS A CA  1 
ATOM   541  C C   . HIS A 1 66 ? -8.033  6.030   27.065  1.00 53.34  ? 72  HIS A C   1 
ATOM   542  O O   . HIS A 1 66 ? -6.973  5.699   27.599  1.00 52.99  ? 72  HIS A O   1 
ATOM   543  C CB  . HIS A 1 66 ? -8.269  3.857   25.976  1.00 51.77  ? 72  HIS A CB  1 
ATOM   544  C CG  . HIS A 1 66 ? -9.151  2.751   25.478  1.00 53.47  ? 72  HIS A CG  1 
ATOM   545  N ND1 . HIS A 1 66 ? -9.318  1.605   26.154  1.00 56.14  ? 72  HIS A ND1 1 
ATOM   546  C CD2 . HIS A 1 66 ? -9.912  2.640   24.314  1.00 54.79  ? 72  HIS A CD2 1 
ATOM   547  C CE1 . HIS A 1 66 ? -10.152 0.792   25.469  1.00 56.91  ? 72  HIS A CE1 1 
ATOM   548  N NE2 . HIS A 1 66 ? -10.519 1.432   24.344  1.00 60.54  ? 72  HIS A NE2 1 
ATOM   549  N N   . GLY A 1 67 ? -8.360  7.304   26.822  1.00 53.63  ? 73  GLY A N   1 
ATOM   550  C CA  . GLY A 1 67 ? -7.495  8.440   27.203  1.00 57.26  ? 73  GLY A CA  1 
ATOM   551  C C   . GLY A 1 67 ? -6.245  8.591   26.347  1.00 64.10  ? 73  GLY A C   1 
ATOM   552  O O   . GLY A 1 67 ? -5.818  7.634   25.692  1.00 64.45  ? 73  GLY A O   1 
ATOM   553  N N   . THR A 1 68 ? -5.658  9.789   26.365  1.00 69.11  ? 74  THR A N   1 
ATOM   554  C CA  . THR A 1 68 ? -4.450  10.123  25.581  1.00 72.84  ? 74  THR A CA  1 
ATOM   555  C C   . THR A 1 68 ? -3.265  9.166   25.757  1.00 77.17  ? 74  THR A C   1 
ATOM   556  O O   . THR A 1 68 ? -2.576  8.868   24.788  1.00 81.24  ? 74  THR A O   1 
ATOM   557  C CB  . THR A 1 68 ? -3.962  11.566  25.860  1.00 71.85  ? 74  THR A CB  1 
ATOM   558  O OG1 . THR A 1 68 ? -5.044  12.487  25.683  1.00 73.30  ? 74  THR A OG1 1 
ATOM   559  C CG2 . THR A 1 68 ? -2.833  11.956  24.911  1.00 71.88  ? 74  THR A CG2 1 
ATOM   560  N N   . ASP A 1 69 ? -3.023  8.711   26.987  1.00 82.87  ? 75  ASP A N   1 
ATOM   561  C CA  . ASP A 1 69 ? -1.910  7.802   27.288  1.00 81.59  ? 75  ASP A CA  1 
ATOM   562  C C   . ASP A 1 69 ? -2.060  6.513   26.493  1.00 78.16  ? 75  ASP A C   1 
ATOM   563  O O   . ASP A 1 69 ? -3.177  6.121   26.136  1.00 77.52  ? 75  ASP A O   1 
ATOM   564  C CB  . ASP A 1 69 ? -1.847  7.486   28.792  1.00 77.24  ? 75  ASP A CB  1 
ATOM   565  N N   . SER A 1 70 ? -0.932  5.863   26.217  1.00 76.34  ? 76  SER A N   1 
ATOM   566  C CA  . SER A 1 70 ? -0.916  4.601   25.469  1.00 73.73  ? 76  SER A CA  1 
ATOM   567  C C   . SER A 1 70 ? -1.343  4.753   23.989  1.00 70.77  ? 76  SER A C   1 
ATOM   568  O O   . SER A 1 70 ? -1.511  3.760   23.283  1.00 74.57  ? 76  SER A O   1 
ATOM   569  C CB  . SER A 1 70 ? -1.758  3.543   26.193  1.00 73.90  ? 76  SER A CB  1 
ATOM   570  O OG  . SER A 1 70 ? -1.942  2.394   25.391  1.00 79.87  ? 76  SER A OG  1 
ATOM   571  N N   . ILE A 1 71 ? -1.541  5.991   23.540  1.00 60.07  ? 77  ILE A N   1 
ATOM   572  C CA  . ILE A 1 71 ? -1.568  6.317   22.116  1.00 57.16  ? 77  ILE A CA  1 
ATOM   573  C C   . ILE A 1 71 ? -0.135  6.681   21.675  1.00 51.76  ? 77  ILE A C   1 
ATOM   574  O O   . ILE A 1 71 ? 0.482   7.556   22.276  1.00 49.15  ? 77  ILE A O   1 
ATOM   575  C CB  . ILE A 1 71 ? -2.505  7.505   21.848  1.00 57.32  ? 77  ILE A CB  1 
ATOM   576  C CG1 . ILE A 1 71 ? -3.954  7.092   22.084  1.00 59.34  ? 77  ILE A CG1 1 
ATOM   577  C CG2 . ILE A 1 71 ? -2.334  8.063   20.437  1.00 51.99  ? 77  ILE A CG2 1 
ATOM   578  C CD1 . ILE A 1 71 ? -4.938  8.115   21.577  1.00 58.16  ? 77  ILE A CD1 1 
ATOM   579  N N   . PRO A 1 72 ? 0.403   6.026   20.622  1.00 47.80  ? 78  PRO A N   1 
ATOM   580  C CA  . PRO A 1 72 ? 1.788   6.350   20.222  1.00 43.87  ? 78  PRO A CA  1 
ATOM   581  C C   . PRO A 1 72 ? 1.913   7.813   19.908  1.00 40.24  ? 78  PRO A C   1 
ATOM   582  O O   . PRO A 1 72 ? 0.979   8.385   19.315  1.00 38.45  ? 78  PRO A O   1 
ATOM   583  C CB  . PRO A 1 72 ? 1.980   5.557   18.923  1.00 45.30  ? 78  PRO A CB  1 
ATOM   584  C CG  . PRO A 1 72 ? 0.916   4.502   18.949  1.00 47.52  ? 78  PRO A CG  1 
ATOM   585  C CD  . PRO A 1 72 ? -0.244  5.105   19.670  1.00 47.36  ? 78  PRO A CD  1 
ATOM   586  N N   . LYS A 1 73 ? 3.052   8.411   20.272  1.00 34.37  ? 79  LYS A N   1 
ATOM   587  C CA  . LYS A 1 73 ? 3.297   9.835   20.027  1.00 35.16  ? 79  LYS A CA  1 
ATOM   588  C C   . LYS A 1 73 ? 3.338   10.212  18.540  1.00 36.48  ? 79  LYS A C   1 
ATOM   589  O O   . LYS A 1 73 ? 3.033   11.358  18.188  1.00 32.14  ? 79  LYS A O   1 
ATOM   590  C CB  . LYS A 1 73 ? 4.628   10.262  20.671  1.00 36.13  ? 79  LYS A CB  1 
ATOM   591  N N   . GLN A 1 74 ? 3.812   9.274   17.700  1.00 33.05  ? 80  GLN A N   1 
ATOM   592  C CA  . GLN A 1 74 ? 3.929   9.490   16.257  1.00 32.75  ? 80  GLN A CA  1 
ATOM   593  C C   . GLN A 1 74 ? 2.593   9.336   15.492  1.00 33.01  ? 80  GLN A C   1 
ATOM   594  O O   . GLN A 1 74 ? 2.490   9.691   14.302  1.00 35.02  ? 80  GLN A O   1 
ATOM   595  C CB  . GLN A 1 74 ? 5.020   8.550   15.674  1.00 29.90  ? 80  GLN A CB  1 
ATOM   596  C CG  . GLN A 1 74 ? 4.637   7.068   15.553  1.00 30.39  ? 80  GLN A CG  1 
ATOM   597  C CD  . GLN A 1 74 ? 4.948   6.248   16.812  1.00 32.37  ? 80  GLN A CD  1 
ATOM   598  O OE1 . GLN A 1 74 ? 4.918   6.770   17.923  1.00 33.81  ? 80  GLN A OE1 1 
ATOM   599  N NE2 . GLN A 1 74 ? 5.191   4.950   16.638  1.00 32.68  ? 80  GLN A NE2 1 
ATOM   600  N N   . ALA A 1 75 ? 1.578   8.801   16.163  1.00 35.70  ? 81  ALA A N   1 
ATOM   601  C CA  . ALA A 1 75 ? 0.329   8.414   15.502  1.00 35.75  ? 81  ALA A CA  1 
ATOM   602  C C   . ALA A 1 75 ? -0.425  9.589   14.869  1.00 36.08  ? 81  ALA A C   1 
ATOM   603  O O   . ALA A 1 75 ? -0.746  9.563   13.676  1.00 33.15  ? 81  ALA A O   1 
ATOM   604  C CB  . ALA A 1 75 ? -0.560  7.637   16.466  1.00 37.96  ? 81  ALA A CB  1 
ATOM   605  N N   . TYR A 1 76 ? -0.683  10.629  15.640  1.00 35.45  ? 82  TYR A N   1 
ATOM   606  C CA  . TYR A 1 76 ? -1.410  11.775  15.097  1.00 38.05  ? 82  TYR A CA  1 
ATOM   607  C C   . TYR A 1 76 ? -0.546  12.556  14.082  1.00 38.56  ? 82  TYR A C   1 
ATOM   608  O O   . TYR A 1 76 ? -1.041  12.891  13.012  1.00 42.54  ? 82  TYR A O   1 
ATOM   609  C CB  . TYR A 1 76 ? -1.976  12.696  16.195  1.00 43.87  ? 82  TYR A CB  1 
ATOM   610  C CG  . TYR A 1 76 ? -2.816  13.792  15.603  1.00 45.26  ? 82  TYR A CG  1 
ATOM   611  C CD1 . TYR A 1 76 ? -4.049  13.508  15.040  1.00 44.65  ? 82  TYR A CD1 1 
ATOM   612  C CD2 . TYR A 1 76 ? -2.350  15.105  15.557  1.00 49.55  ? 82  TYR A CD2 1 
ATOM   613  C CE1 . TYR A 1 76 ? -4.805  14.494  14.455  1.00 50.78  ? 82  TYR A CE1 1 
ATOM   614  C CE2 . TYR A 1 76 ? -3.101  16.109  14.977  1.00 50.54  ? 82  TYR A CE2 1 
ATOM   615  C CZ  . TYR A 1 76 ? -4.326  15.796  14.423  1.00 53.47  ? 82  TYR A CZ  1 
ATOM   616  O OH  . TYR A 1 76 ? -5.084  16.778  13.839  1.00 58.51  ? 82  TYR A OH  1 
ATOM   617  N N   . PRO A 1 77 ? 0.741   12.814  14.398  1.00 34.77  ? 83  PRO A N   1 
ATOM   618  C CA  . PRO A 1 77 ? 1.630   13.390  13.374  1.00 36.29  ? 83  PRO A CA  1 
ATOM   619  C C   . PRO A 1 77 ? 1.705   12.622  12.026  1.00 36.28  ? 83  PRO A C   1 
ATOM   620  O O   . PRO A 1 77 ? 1.679   13.270  10.981  1.00 35.83  ? 83  PRO A O   1 
ATOM   621  C CB  . PRO A 1 77 ? 3.009   13.384  14.057  1.00 30.93  ? 83  PRO A CB  1 
ATOM   622  C CG  . PRO A 1 77 ? 2.678   13.522  15.524  1.00 36.50  ? 83  PRO A CG  1 
ATOM   623  C CD  . PRO A 1 77 ? 1.420   12.710  15.713  1.00 30.77  ? 83  PRO A CD  1 
ATOM   624  N N   . ILE A 1 78 ? 1.817   11.285  12.043  1.00 32.30  ? 84  ILE A N   1 
ATOM   625  C CA  . ILE A 1 78 ? 1.869   10.539  10.783  1.00 32.72  ? 84  ILE A CA  1 
ATOM   626  C C   . ILE A 1 78 ? 0.511   10.628  10.091  1.00 33.57  ? 84  ILE A C   1 
ATOM   627  O O   . ILE A 1 78 ? 0.422   10.800  8.851   1.00 32.60  ? 84  ILE A O   1 
ATOM   628  C CB  . ILE A 1 78 ? 2.218   9.073   10.953  1.00 29.49  ? 84  ILE A CB  1 
ATOM   629  C CG1 . ILE A 1 78 ? 3.683   8.898   11.344  1.00 32.03  ? 84  ILE A CG1 1 
ATOM   630  C CG2 . ILE A 1 78 ? 2.004   8.338   9.637   1.00 31.16  ? 84  ILE A CG2 1 
ATOM   631  C CD1 . ILE A 1 78 ? 3.948   7.541   11.965  1.00 32.70  ? 84  ILE A CD1 1 
ATOM   632  N N   . TRP A 1 79 ? -0.540  10.497  10.888  1.00 32.65  ? 85  TRP A N   1 
ATOM   633  C CA  . TRP A 1 79 ? -1.877  10.511  10.334  1.00 35.71  ? 85  TRP A CA  1 
ATOM   634  C C   . TRP A 1 79 ? -2.136  11.805  9.597   1.00 37.46  ? 85  TRP A C   1 
ATOM   635  O O   . TRP A 1 79 ? -2.713  11.821  8.494   1.00 36.04  ? 85  TRP A O   1 
ATOM   636  C CB  . TRP A 1 79 ? -2.924  10.277  11.393  1.00 32.55  ? 85  TRP A CB  1 
ATOM   637  C CG  . TRP A 1 79 ? -4.300  10.396  10.809  1.00 36.90  ? 85  TRP A CG  1 
ATOM   638  C CD1 . TRP A 1 79 ? -5.070  9.381   10.230  1.00 36.39  ? 85  TRP A CD1 1 
ATOM   639  C CD2 . TRP A 1 79 ? -5.114  11.608  10.697  1.00 37.04  ? 85  TRP A CD2 1 
ATOM   640  N NE1 . TRP A 1 79 ? -6.288  9.874   9.802   1.00 34.53  ? 85  TRP A NE1 1 
ATOM   641  C CE2 . TRP A 1 79 ? -6.372  11.201  10.039  1.00 38.64  ? 85  TRP A CE2 1 
ATOM   642  C CE3 . TRP A 1 79 ? -4.951  12.944  11.088  1.00 40.16  ? 85  TRP A CE3 1 
ATOM   643  C CZ2 . TRP A 1 79 ? -7.399  12.112  9.787   1.00 41.92  ? 85  TRP A CZ2 1 
ATOM   644  C CZ3 . TRP A 1 79 ? -5.982  13.849  10.826  1.00 42.57  ? 85  TRP A CZ3 1 
ATOM   645  C CH2 . TRP A 1 79 ? -7.178  13.445  10.195  1.00 44.66  ? 85  TRP A CH2 1 
ATOM   646  N N   . LEU A 1 80 ? -1.678  12.898  10.205  1.00 40.37  ? 86  LEU A N   1 
ATOM   647  C CA  . LEU A 1 80 ? -1.845  14.246  9.678   1.00 38.56  ? 86  LEU A CA  1 
ATOM   648  C C   . LEU A 1 80 ? -1.017  14.481  8.434   1.00 37.55  ? 86  LEU A C   1 
ATOM   649  O O   . LEU A 1 80 ? -1.534  15.042  7.482   1.00 39.93  ? 86  LEU A O   1 
ATOM   650  C CB  . LEU A 1 80 ? -1.467  15.263  10.750  1.00 43.21  ? 86  LEU A CB  1 
ATOM   651  C CG  . LEU A 1 80 ? -1.633  16.749  10.471  1.00 48.57  ? 86  LEU A CG  1 
ATOM   652  C CD1 . LEU A 1 80 ? -3.025  17.245  10.859  1.00 47.58  ? 86  LEU A CD1 1 
ATOM   653  C CD2 . LEU A 1 80 ? -0.552  17.510  11.227  1.00 49.60  ? 86  LEU A CD2 1 
ATOM   654  N N   . GLN A 1 81 ? 0.258   14.073  8.426   1.00 35.28  ? 87  GLN A N   1 
ATOM   655  C CA  . GLN A 1 81 ? 1.068   14.174  7.219   1.00 38.28  ? 87  GLN A CA  1 
ATOM   656  C C   . GLN A 1 81 ? 0.451   13.415  6.034   1.00 41.89  ? 87  GLN A C   1 
ATOM   657  O O   . GLN A 1 81 ? 0.433   13.936  4.922   1.00 44.71  ? 87  GLN A O   1 
ATOM   658  C CB  . GLN A 1 81 ? 2.502   13.702  7.431   1.00 41.48  ? 87  GLN A CB  1 
ATOM   659  C CG  . GLN A 1 81 ? 3.331   14.567  8.371   1.00 45.11  ? 87  GLN A CG  1 
ATOM   660  C CD  . GLN A 1 81 ? 3.321   16.036  7.985   1.00 44.58  ? 87  GLN A CD  1 
ATOM   661  O OE1 . GLN A 1 81 ? 3.436   16.388  6.814   1.00 46.60  ? 87  GLN A OE1 1 
ATOM   662  N NE2 . GLN A 1 81 ? 3.172   16.897  8.976   1.00 46.18  ? 87  GLN A NE2 1 
ATOM   663  N N   . LEU A 1 82 ? -0.046  12.197  6.268   1.00 38.94  ? 88  LEU A N   1 
ATOM   664  C CA  . LEU A 1 82 ? -0.686  11.448  5.193   1.00 39.90  ? 88  LEU A CA  1 
ATOM   665  C C   . LEU A 1 82 ? -2.008  12.070  4.757   1.00 41.01  ? 88  LEU A C   1 
ATOM   666  O O   . LEU A 1 82 ? -2.271  12.105  3.556   1.00 34.84  ? 88  LEU A O   1 
ATOM   667  C CB  . LEU A 1 82 ? -0.840  9.952   5.508   1.00 38.84  ? 88  LEU A CB  1 
ATOM   668  C CG  . LEU A 1 82 ? 0.478   9.205   5.736   1.00 39.48  ? 88  LEU A CG  1 
ATOM   669  C CD1 . LEU A 1 82 ? 0.043   7.778   6.035   1.00 46.34  ? 88  LEU A CD1 1 
ATOM   670  C CD2 . LEU A 1 82 ? 1.381   9.200   4.513   1.00 39.95  ? 88  LEU A CD2 1 
ATOM   671  N N   . ARG A 1 83 ? -2.812  12.579  5.697   1.00 37.66  ? 89  ARG A N   1 
ATOM   672  C CA  . ARG A 1 83 ? -3.992  13.391  5.326   1.00 44.58  ? 89  ARG A CA  1 
ATOM   673  C C   . ARG A 1 83 ? -3.654  14.485  4.298   1.00 47.67  ? 89  ARG A C   1 
ATOM   674  O O   . ARG A 1 83 ? -4.358  14.608  3.286   1.00 52.14  ? 89  ARG A O   1 
ATOM   675  C CB  . ARG A 1 83 ? -4.764  14.014  6.524   1.00 45.93  ? 89  ARG A CB  1 
ATOM   676  C CG  . ARG A 1 83 ? -5.938  14.887  6.052   1.00 53.05  ? 89  ARG A CG  1 
ATOM   677  C CD  . ARG A 1 83 ? -6.874  15.519  7.095   1.00 51.76  ? 89  ARG A CD  1 
ATOM   678  N NE  . ARG A 1 83 ? -6.301  16.581  7.945   1.00 59.39  ? 89  ARG A NE  1 
ATOM   679  C CZ  . ARG A 1 83 ? -5.662  17.681  7.529   1.00 63.52  ? 89  ARG A CZ  1 
ATOM   680  N NH1 . ARG A 1 83 ? -5.447  17.903  6.233   1.00 64.33  ? 89  ARG A NH1 1 
ATOM   681  N NH2 . ARG A 1 83 ? -5.197  18.557  8.425   1.00 59.63  ? 89  ARG A NH2 1 
ATOM   682  N N   . GLU A 1 84 ? -2.586  15.252  4.539   1.00 43.85  ? 90  GLU A N   1 
ATOM   683  C CA  A GLU A 1 84 ? -2.207  16.281  3.587   0.50 44.72  ? 90  GLU A CA  1 
ATOM   684  C CA  B GLU A 1 84 ? -2.123  16.288  3.613   0.50 45.08  ? 90  GLU A CA  1 
ATOM   685  C C   . GLU A 1 84 ? -1.847  15.707  2.224   1.00 45.52  ? 90  GLU A C   1 
ATOM   686  O O   . GLU A 1 84 ? -2.336  16.203  1.217   1.00 49.42  ? 90  GLU A O   1 
ATOM   687  C CB  A GLU A 1 84 ? -1.095  17.168  4.135   0.50 43.32  ? 90  GLU A CB  1 
ATOM   688  C CB  B GLU A 1 84 ? -0.855  16.961  4.172   0.50 43.65  ? 90  GLU A CB  1 
ATOM   689  C CG  A GLU A 1 84 ? -1.601  18.088  5.230   0.50 42.48  ? 90  GLU A CG  1 
ATOM   690  C CG  B GLU A 1 84 ? -0.504  18.313  3.563   0.50 43.31  ? 90  GLU A CG  1 
ATOM   691  C CD  A GLU A 1 84 ? -2.658  19.074  4.758   0.50 41.54  ? 90  GLU A CD  1 
ATOM   692  C CD  B GLU A 1 84 ? 0.497   18.209  2.432   0.50 46.22  ? 90  GLU A CD  1 
ATOM   693  O OE1 A GLU A 1 84 ? -2.463  19.711  3.699   0.50 43.58  ? 90  GLU A OE1 1 
ATOM   694  O OE1 B GLU A 1 84 ? 1.076   17.115  2.254   0.50 43.76  ? 90  GLU A OE1 1 
ATOM   695  O OE2 A GLU A 1 84 ? -3.671  19.228  5.457   0.50 36.76  ? 90  GLU A OE2 1 
ATOM   696  O OE2 B GLU A 1 84 ? 0.699   19.219  1.708   0.50 46.69  ? 90  GLU A OE2 1 
ATOM   697  N N   . ILE A 1 85 ? -1.025  14.656  2.189   1.00 45.34  ? 91  ILE A N   1 
ATOM   698  C CA  . ILE A 1 85 ? -0.630  14.015  0.936   1.00 44.68  ? 91  ILE A CA  1 
ATOM   699  C C   . ILE A 1 85 ? -1.848  13.603  0.130   1.00 46.38  ? 91  ILE A C   1 
ATOM   700  O O   . ILE A 1 85 ? -1.828  13.663  -1.091  1.00 46.18  ? 91  ILE A O   1 
ATOM   701  C CB  . ILE A 1 85 ? 0.254   12.785  1.178   1.00 46.50  ? 91  ILE A CB  1 
ATOM   702  C CG1 . ILE A 1 85 ? 1.597   13.214  1.782   1.00 51.37  ? 91  ILE A CG1 1 
ATOM   703  C CG2 . ILE A 1 85 ? 0.510   12.020  -0.112  1.00 48.23  ? 91  ILE A CG2 1 
ATOM   704  C CD1 . ILE A 1 85 ? 2.177   12.209  2.755   1.00 47.50  ? 91  ILE A CD1 1 
ATOM   705  N N   . LEU A 1 86 ? -2.910  13.202  0.818   1.00 45.86  ? 92  LEU A N   1 
ATOM   706  C CA  . LEU A 1 86 ? -4.127  12.761  0.134   1.00 49.00  ? 92  LEU A CA  1 
ATOM   707  C C   . LEU A 1 86 ? -4.999  13.914  -0.386  1.00 52.08  ? 92  LEU A C   1 
ATOM   708  O O   . LEU A 1 86 ? -6.173  13.713  -0.696  1.00 57.36  ? 92  LEU A O   1 
ATOM   709  C CB  . LEU A 1 86 ? -4.927  11.773  1.005   1.00 41.86  ? 92  LEU A CB  1 
ATOM   710  C CG  . LEU A 1 86 ? -4.204  10.488  1.454   1.00 41.34  ? 92  LEU A CG  1 
ATOM   711  C CD1 . LEU A 1 86 ? -5.075  9.661   2.406   1.00 38.95  ? 92  LEU A CD1 1 
ATOM   712  C CD2 . LEU A 1 86 ? -3.678  9.603   0.323   1.00 45.03  ? 92  LEU A CD2 1 
ATOM   713  N N   . THR A 1 87 ? -4.412  15.104  -0.536  1.00 58.21  ? 93  THR A N   1 
ATOM   714  C CA  . THR A 1 87 ? -5.142  16.287  -1.061  1.00 57.97  ? 93  THR A CA  1 
ATOM   715  C C   . THR A 1 87 ? -4.504  16.895  -2.325  1.00 56.71  ? 93  THR A C   1 
ATOM   716  O O   . THR A 1 87 ? -3.327  16.672  -2.629  1.00 60.05  ? 93  THR A O   1 
ATOM   717  C CB  . THR A 1 87 ? -5.328  17.374  0.029   1.00 54.79  ? 93  THR A CB  1 
ATOM   718  O OG1 . THR A 1 87 ? -5.835  16.772  1.231   1.00 53.31  ? 93  THR A OG1 1 
ATOM   719  C CG2 . THR A 1 87 ? -6.297  18.451  -0.432  1.00 51.26  ? 93  THR A CG2 1 
ATOM   720  N N   . LYS B 1 2  ? -7.584  -10.101 0.802   1.00 58.46  ? 8   LYS B N   1 
ATOM   721  C CA  . LYS B 1 2  ? -7.954  -8.674  0.599   1.00 55.42  ? 8   LYS B CA  1 
ATOM   722  C C   . LYS B 1 2  ? -6.713  -7.770  0.402   1.00 56.82  ? 8   LYS B C   1 
ATOM   723  O O   . LYS B 1 2  ? -5.656  -8.230  -0.078  1.00 62.64  ? 8   LYS B O   1 
ATOM   724  C CB  . LYS B 1 2  ? -8.840  -8.194  1.754   1.00 52.62  ? 8   LYS B CB  1 
ATOM   725  N N   . GLY B 1 3  ? -6.847  -6.489  0.761   1.00 59.75  ? 9   GLY B N   1 
ATOM   726  C CA  . GLY B 1 3  ? -5.823  -5.480  0.481   1.00 56.26  ? 9   GLY B CA  1 
ATOM   727  C C   . GLY B 1 3  ? -5.921  -4.971  -0.954  1.00 49.36  ? 9   GLY B C   1 
ATOM   728  O O   . GLY B 1 3  ? -5.070  -4.213  -1.420  1.00 50.26  ? 9   GLY B O   1 
ATOM   729  N N   . GLN B 1 4  ? -6.959  -5.408  -1.655  1.00 50.33  ? 10  GLN B N   1 
ATOM   730  C CA  . GLN B 1 4  ? -7.168  -5.032  -3.036  1.00 44.03  ? 10  GLN B CA  1 
ATOM   731  C C   . GLN B 1 4  ? -7.345  -3.510  -3.128  1.00 41.22  ? 10  GLN B C   1 
ATOM   732  O O   . GLN B 1 4  ? -6.664  -2.836  -3.919  1.00 36.36  ? 10  GLN B O   1 
ATOM   733  C CB  . GLN B 1 4  ? -8.384  -5.759  -3.628  1.00 44.23  ? 10  GLN B CB  1 
ATOM   734  C CG  . GLN B 1 4  ? -8.806  -5.170  -4.971  1.00 46.50  ? 10  GLN B CG  1 
ATOM   735  C CD  . GLN B 1 4  ? -9.767  -6.030  -5.718  1.00 42.10  ? 10  GLN B CD  1 
ATOM   736  O OE1 . GLN B 1 4  ? -9.455  -7.164  -6.026  1.00 42.61  ? 10  GLN B OE1 1 
ATOM   737  N NE2 . GLN B 1 4  ? -10.947 -5.484  -6.042  1.00 43.37  ? 10  GLN B NE2 1 
ATOM   738  N N   . LYS B 1 5  ? -8.257  -2.983  -2.320  1.00 39.08  ? 11  LYS B N   1 
ATOM   739  C CA  . LYS B 1 5  ? -8.562  -1.551  -2.374  1.00 41.19  ? 11  LYS B CA  1 
ATOM   740  C C   . LYS B 1 5  ? -7.292  -0.736  -2.099  1.00 42.28  ? 11  LYS B C   1 
ATOM   741  O O   . LYS B 1 5  ? -6.966  0.195   -2.859  1.00 35.25  ? 11  LYS B O   1 
ATOM   742  C CB  . LYS B 1 5  ? -9.724  -1.173  -1.423  1.00 39.16  ? 11  LYS B CB  1 
ATOM   743  C CG  . LYS B 1 5  ? -10.401 0.156   -1.807  1.00 39.93  ? 11  LYS B CG  1 
ATOM   744  C CD  . LYS B 1 5  ? -11.668 0.425   -1.000  1.00 43.32  ? 11  LYS B CD  1 
ATOM   745  C CE  . LYS B 1 5  ? -12.440 1.576   -1.623  1.00 47.71  ? 11  LYS B CE  1 
ATOM   746  N NZ  . LYS B 1 5  ? -13.083 2.431   -0.586  1.00 49.06  ? 11  LYS B NZ  1 
ATOM   747  N N   . LEU B 1 6  ? -6.572  -1.125  -1.036  1.00 39.00  ? 12  LEU B N   1 
ATOM   748  C CA  . LEU B 1 6  ? -5.348  -0.472  -0.647  1.00 40.65  ? 12  LEU B CA  1 
ATOM   749  C C   . LEU B 1 6  ? -4.319  -0.504  -1.731  1.00 37.99  ? 12  LEU B C   1 
ATOM   750  O O   . LEU B 1 6  ? -3.800  0.533   -2.140  1.00 33.72  ? 12  LEU B O   1 
ATOM   751  C CB  . LEU B 1 6  ? -4.732  -1.100  0.617   1.00 43.66  ? 12  LEU B CB  1 
ATOM   752  C CG  . LEU B 1 6  ? -3.402  -0.370  0.860   1.00 46.81  ? 12  LEU B CG  1 
ATOM   753  C CD1 . LEU B 1 6  ? -3.681  0.889   1.662   1.00 46.99  ? 12  LEU B CD1 1 
ATOM   754  C CD2 . LEU B 1 6  ? -2.300  -1.229  1.495   1.00 50.27  ? 12  LEU B CD2 1 
ATOM   755  N N   . PHE B 1 7  ? -3.983  -1.713  -2.186  1.00 38.91  ? 13  PHE B N   1 
ATOM   756  C CA  . PHE B 1 7  ? -3.007  -1.825  -3.262  1.00 37.86  ? 13  PHE B CA  1 
ATOM   757  C C   . PHE B 1 7  ? -3.362  -1.010  -4.518  1.00 35.16  ? 13  PHE B C   1 
ATOM   758  O O   . PHE B 1 7  ? -2.500  -0.324  -5.076  1.00 34.20  ? 13  PHE B O   1 
ATOM   759  C CB  . PHE B 1 7  ? -2.745  -3.286  -3.634  1.00 40.12  ? 13  PHE B CB  1 
ATOM   760  C CG  . PHE B 1 7  ? -1.678  -3.445  -4.665  1.00 37.04  ? 13  PHE B CG  1 
ATOM   761  C CD1 . PHE B 1 7  ? -2.001  -3.456  -6.024  1.00 40.62  ? 13  PHE B CD1 1 
ATOM   762  C CD2 . PHE B 1 7  ? -0.344  -3.531  -4.293  1.00 38.02  ? 13  PHE B CD2 1 
ATOM   763  C CE1 . PHE B 1 7  ? -1.002  -3.591  -6.983  1.00 40.68  ? 13  PHE B CE1 1 
ATOM   764  C CE2 . PHE B 1 7  ? 0.663   -3.639  -5.248  1.00 40.83  ? 13  PHE B CE2 1 
ATOM   765  C CZ  . PHE B 1 7  ? 0.334   -3.671  -6.597  1.00 40.31  ? 13  PHE B CZ  1 
ATOM   766  N N   . VAL B 1 8  ? -4.611  -1.107  -4.966  1.00 33.96  ? 14  VAL B N   1 
ATOM   767  C CA  . VAL B 1 8  ? -5.079  -0.374  -6.161  1.00 30.46  ? 14  VAL B CA  1 
ATOM   768  C C   . VAL B 1 8  ? -4.943  1.124   -5.946  1.00 33.18  ? 14  VAL B C   1 
ATOM   769  O O   . VAL B 1 8  ? -4.477  1.853   -6.847  1.00 31.67  ? 14  VAL B O   1 
ATOM   770  C CB  . VAL B 1 8  ? -6.545  -0.739  -6.524  1.00 33.41  ? 14  VAL B CB  1 
ATOM   771  C CG1 . VAL B 1 8  ? -7.191  0.290   -7.453  1.00 32.86  ? 14  VAL B CG1 1 
ATOM   772  C CG2 . VAL B 1 8  ? -6.632  -2.127  -7.174  1.00 31.18  ? 14  VAL B CG2 1 
ATOM   773  N N   . SER B 1 9  ? -5.339  1.601   -4.760  1.00 33.76  ? 15  SER B N   1 
ATOM   774  C CA  . SER B 1 9  ? -5.266  3.033   -4.474  1.00 30.50  ? 15  SER B CA  1 
ATOM   775  C C   . SER B 1 9  ? -3.800  3.466   -4.541  1.00 31.26  ? 15  SER B C   1 
ATOM   776  O O   . SER B 1 9  ? -3.456  4.528   -5.089  1.00 30.24  ? 15  SER B O   1 
ATOM   777  C CB  . SER B 1 9  ? -5.922  3.336   -3.119  1.00 34.03  ? 15  SER B CB  1 
ATOM   778  O OG  . SER B 1 9  ? -5.052  2.979   -2.051  1.00 31.21  ? 15  SER B OG  1 
ATOM   779  N N   . VAL B 1 10 ? -2.909  2.599   -4.066  1.00 31.17  ? 16  VAL B N   1 
ATOM   780  C CA  . VAL B 1 10 ? -1.466  2.883   -4.143  1.00 31.25  ? 16  VAL B CA  1 
ATOM   781  C C   . VAL B 1 10 ? -0.891  2.878   -5.572  1.00 32.51  ? 16  VAL B C   1 
ATOM   782  O O   . VAL B 1 10 ? -0.150  3.808   -6.007  1.00 30.65  ? 16  VAL B O   1 
ATOM   783  C CB  . VAL B 1 10 ? -0.671  1.937   -3.201  1.00 32.75  ? 16  VAL B CB  1 
ATOM   784  C CG1 . VAL B 1 10 ? 0.828   2.117   -3.353  1.00 34.82  ? 16  VAL B CG1 1 
ATOM   785  C CG2 . VAL B 1 10 ? -1.069  2.171   -1.757  1.00 35.70  ? 16  VAL B CG2 1 
ATOM   786  N N   . LEU B 1 11 ? -1.253  1.857   -6.325  1.00 29.30  ? 17  LEU B N   1 
ATOM   787  C CA  . LEU B 1 11 ? -0.812  1.749   -7.705  1.00 31.13  ? 17  LEU B CA  1 
ATOM   788  C C   . LEU B 1 11 ? -1.177  2.975   -8.545  1.00 32.67  ? 17  LEU B C   1 
ATOM   789  O O   . LEU B 1 11 ? -0.358  3.525   -9.299  1.00 36.26  ? 17  LEU B O   1 
ATOM   790  C CB  . LEU B 1 11 ? -1.467  0.517   -8.311  1.00 31.37  ? 17  LEU B CB  1 
ATOM   791  C CG  . LEU B 1 11 ? -1.241  0.202   -9.781  1.00 34.05  ? 17  LEU B CG  1 
ATOM   792  C CD1 . LEU B 1 11 ? 0.255   0.171   -10.143 1.00 35.31  ? 17  LEU B CD1 1 
ATOM   793  C CD2 . LEU B 1 11 ? -1.854  -1.169  -9.977  1.00 37.66  ? 17  LEU B CD2 1 
ATOM   794  N N   . GLN B 1 12 ? -2.433  3.375   -8.441  1.00 35.39  ? 18  GLN B N   1 
ATOM   795  C CA  . GLN B 1 12 ? -2.946  4.423   -9.280  1.00 35.27  ? 18  GLN B CA  1 
ATOM   796  C C   . GLN B 1 12 ? -2.282  5.736   -8.930  1.00 33.37  ? 18  GLN B C   1 
ATOM   797  O O   . GLN B 1 12 ? -1.886  6.456   -9.837  1.00 35.08  ? 18  GLN B O   1 
ATOM   798  C CB  . GLN B 1 12 ? -4.442  4.492   -9.124  1.00 40.12  ? 18  GLN B CB  1 
ATOM   799  C CG  . GLN B 1 12 ? -5.059  3.202   -9.603  1.00 46.16  ? 18  GLN B CG  1 
ATOM   800  C CD  . GLN B 1 12 ? -6.513  3.365   -9.826  1.00 51.84  ? 18  GLN B CD  1 
ATOM   801  O OE1 . GLN B 1 12 ? -7.223  3.836   -8.932  1.00 50.46  ? 18  GLN B OE1 1 
ATOM   802  N NE2 . GLN B 1 12 ? -6.980  3.003   -11.028 1.00 53.01  ? 18  GLN B NE2 1 
ATOM   803  N N   . ARG B 1 13 ? -2.117  6.019   -7.634  1.00 36.17  ? 19  ARG B N   1 
ATOM   804  C CA  . ARG B 1 13 ? -1.266  7.151   -7.202  1.00 39.36  ? 19  ARG B CA  1 
ATOM   805  C C   . ARG B 1 13 ? 0.171   7.092   -7.817  1.00 41.03  ? 19  ARG B C   1 
ATOM   806  O O   . ARG B 1 13 ? 0.616   8.032   -8.497  1.00 39.10  ? 19  ARG B O   1 
ATOM   807  C CB  . ARG B 1 13 ? -1.263  7.268   -5.661  1.00 41.69  ? 19  ARG B CB  1 
ATOM   808  C CG  . ARG B 1 13 ? -0.334  8.312   -5.061  1.00 46.50  ? 19  ARG B CG  1 
ATOM   809  C CD  . ARG B 1 13 ? -0.553  8.474   -3.552  1.00 47.42  ? 19  ARG B CD  1 
ATOM   810  N NE  . ARG B 1 13 ? -1.937  8.881   -3.303  1.00 54.02  ? 19  ARG B NE  1 
ATOM   811  C CZ  . ARG B 1 13 ? -2.338  10.148  -3.218  1.00 51.46  ? 19  ARG B CZ  1 
ATOM   812  N NH1 . ARG B 1 13 ? -1.456  11.138  -3.316  1.00 47.28  ? 19  ARG B NH1 1 
ATOM   813  N NH2 . ARG B 1 13 ? -3.617  10.425  -3.019  1.00 52.18  ? 19  ARG B NH2 1 
ATOM   814  N N   . LEU B 1 14 ? 0.884   5.983   -7.615  1.00 42.18  ? 20  LEU B N   1 
ATOM   815  C CA  . LEU B 1 14 ? 2.243   5.877   -8.131  1.00 39.79  ? 20  LEU B CA  1 
ATOM   816  C C   . LEU B 1 14 ? 2.326   6.075   -9.612  1.00 38.13  ? 20  LEU B C   1 
ATOM   817  O O   . LEU B 1 14 ? 3.244   6.714   -10.101 1.00 40.90  ? 20  LEU B O   1 
ATOM   818  C CB  . LEU B 1 14 ? 2.857   4.514   -7.818  1.00 44.27  ? 20  LEU B CB  1 
ATOM   819  C CG  . LEU B 1 14 ? 3.321   4.224   -6.409  1.00 42.26  ? 20  LEU B CG  1 
ATOM   820  C CD1 . LEU B 1 14 ? 3.421   2.715   -6.298  1.00 43.80  ? 20  LEU B CD1 1 
ATOM   821  C CD2 . LEU B 1 14 ? 4.650   4.912   -6.198  1.00 44.15  ? 20  LEU B CD2 1 
ATOM   822  N N   . LEU B 1 15 ? 1.386   5.500   -10.347 1.00 42.98  ? 21  LEU B N   1 
ATOM   823  C CA  . LEU B 1 15 ? 1.414   5.657   -11.776 1.00 40.03  ? 21  LEU B CA  1 
ATOM   824  C C   . LEU B 1 15 ? 0.995   7.050   -12.214 1.00 43.70  ? 21  LEU B C   1 
ATOM   825  O O   . LEU B 1 15 ? 1.579   7.588   -13.155 1.00 44.92  ? 21  LEU B O   1 
ATOM   826  C CB  . LEU B 1 15 ? 0.556   4.612   -12.465 1.00 42.36  ? 21  LEU B CB  1 
ATOM   827  C CG  . LEU B 1 15 ? 1.061   3.165   -12.462 1.00 44.66  ? 21  LEU B CG  1 
ATOM   828  C CD1 . LEU B 1 15 ? 0.073   2.288   -13.211 1.00 39.07  ? 21  LEU B CD1 1 
ATOM   829  C CD2 . LEU B 1 15 ? 2.446   3.051   -13.083 1.00 41.41  ? 21  LEU B CD2 1 
ATOM   830  N N   . SER B 1 16 ? -0.013  7.649   -11.580 1.00 44.60  ? 22  SER B N   1 
ATOM   831  C CA  . SER B 1 16 ? -0.506  8.939   -12.133 1.00 44.86  ? 22  SER B CA  1 
ATOM   832  C C   . SER B 1 16 ? 0.504   10.029  -11.869 1.00 44.60  ? 22  SER B C   1 
ATOM   833  O O   . SER B 1 16 ? 0.531   11.024  -12.579 1.00 51.72  ? 22  SER B O   1 
ATOM   834  C CB  . SER B 1 16 ? -1.874  9.348   -11.589 1.00 42.60  ? 22  SER B CB  1 
ATOM   835  O OG  . SER B 1 16 ? -1.845  9.339   -10.193 1.00 47.91  ? 22  SER B OG  1 
ATOM   836  N N   . GLU B 1 17 ? 1.340   9.818   -10.856 1.00 48.83  ? 23  GLU B N   1 
ATOM   837  C CA  . GLU B 1 17 ? 2.505   10.658  -10.555 1.00 53.77  ? 23  GLU B CA  1 
ATOM   838  C C   . GLU B 1 17 ? 3.476   10.746  -11.749 1.00 54.33  ? 23  GLU B C   1 
ATOM   839  O O   . GLU B 1 17 ? 4.214   11.731  -11.907 1.00 58.20  ? 23  GLU B O   1 
ATOM   840  C CB  . GLU B 1 17 ? 3.229   10.031  -9.374  1.00 63.64  ? 23  GLU B CB  1 
ATOM   841  C CG  . GLU B 1 17 ? 3.862   10.988  -8.374  1.00 76.37  ? 23  GLU B CG  1 
ATOM   842  C CD  . GLU B 1 17 ? 4.592   10.239  -7.262  1.00 82.04  ? 23  GLU B CD  1 
ATOM   843  O OE1 . GLU B 1 17 ? 4.149   9.125   -6.890  1.00 85.25  ? 23  GLU B OE1 1 
ATOM   844  O OE2 . GLU B 1 17 ? 5.619   10.755  -6.764  1.00 83.37  ? 23  GLU B OE2 1 
ATOM   845  N N   . ARG B 1 18 ? 3.495   9.695   -12.568 1.00 48.08  ? 24  ARG B N   1 
ATOM   846  C CA  . ARG B 1 18 ? 4.297   9.686   -13.788 1.00 47.50  ? 24  ARG B CA  1 
ATOM   847  C C   . ARG B 1 18 ? 3.464   9.873   -15.074 1.00 48.41  ? 24  ARG B C   1 
ATOM   848  O O   . ARG B 1 18 ? 3.977   9.674   -16.160 1.00 55.35  ? 24  ARG B O   1 
ATOM   849  C CB  . ARG B 1 18 ? 5.135   8.407   -13.855 1.00 45.63  ? 24  ARG B CB  1 
ATOM   850  C CG  . ARG B 1 18 ? 6.367   8.438   -12.965 1.00 48.69  ? 24  ARG B CG  1 
ATOM   851  C CD  . ARG B 1 18 ? 6.177   7.639   -11.688 1.00 47.04  ? 24  ARG B CD  1 
ATOM   852  N NE  . ARG B 1 18 ? 7.138   8.042   -10.666 1.00 49.55  ? 24  ARG B NE  1 
ATOM   853  C CZ  . ARG B 1 18 ? 6.986   7.847   -9.354  1.00 54.21  ? 24  ARG B CZ  1 
ATOM   854  N NH1 . ARG B 1 18 ? 5.889   7.252   -8.879  1.00 49.52  ? 24  ARG B NH1 1 
ATOM   855  N NH2 . ARG B 1 18 ? 7.933   8.271   -8.513  1.00 51.09  ? 24  ARG B NH2 1 
ATOM   856  N N   . GLY B 1 19 ? 2.186   10.238  -14.958 1.00 45.81  ? 25  GLY B N   1 
ATOM   857  C CA  . GLY B 1 19 ? 1.364   10.541  -16.156 1.00 43.28  ? 25  GLY B CA  1 
ATOM   858  C C   . GLY B 1 19 ? 0.755   9.318   -16.829 1.00 41.92  ? 25  GLY B C   1 
ATOM   859  O O   . GLY B 1 19 ? 0.272   9.366   -17.993 1.00 38.11  ? 25  GLY B O   1 
ATOM   860  N N   . LEU B 1 20 ? 0.788   8.191   -16.137 1.00 37.09  ? 26  LEU B N   1 
ATOM   861  C CA  . LEU B 1 20 ? 0.148   7.031   -16.724 1.00 38.98  ? 26  LEU B CA  1 
ATOM   862  C C   . LEU B 1 20 ? -1.105  6.812   -15.931 1.00 41.10  ? 26  LEU B C   1 
ATOM   863  O O   . LEU B 1 20 ? -1.116  7.029   -14.703 1.00 45.64  ? 26  LEU B O   1 
ATOM   864  C CB  . LEU B 1 20 ? 1.036   5.792   -16.682 1.00 38.80  ? 26  LEU B CB  1 
ATOM   865  C CG  . LEU B 1 20 ? 2.337   5.821   -17.507 1.00 39.60  ? 26  LEU B CG  1 
ATOM   866  C CD1 . LEU B 1 20 ? 3.216   4.667   -17.064 1.00 40.05  ? 26  LEU B CD1 1 
ATOM   867  C CD2 . LEU B 1 20 ? 2.138   5.791   -19.029 1.00 41.06  ? 26  LEU B CD2 1 
ATOM   868  N N   . HIS B 1 21 ? -2.152  6.399   -16.639 1.00 41.50  ? 27  HIS B N   1 
ATOM   869  C CA  . HIS B 1 21 ? -3.454  6.192   -16.051 1.00 43.18  ? 27  HIS B CA  1 
ATOM   870  C C   . HIS B 1 21 ? -3.976  4.899   -16.557 1.00 42.05  ? 27  HIS B C   1 
ATOM   871  O O   . HIS B 1 21 ? -3.895  4.610   -17.743 1.00 50.87  ? 27  HIS B O   1 
ATOM   872  C CB  . HIS B 1 21 ? -4.379  7.367   -16.386 1.00 43.39  ? 27  HIS B CB  1 
ATOM   873  C CG  . HIS B 1 21 ? -3.943  8.661   -15.744 1.00 37.78  ? 27  HIS B CG  1 
ATOM   874  N ND1 . HIS B 1 21 ? -3.042  9.482   -16.316 1.00 41.78  ? 27  HIS B ND1 1 
ATOM   875  C CD2 . HIS B 1 21 ? -4.273  9.229   -14.533 1.00 40.81  ? 27  HIS B CD2 1 
ATOM   876  C CE1 . HIS B 1 21 ? -2.813  10.538  -15.511 1.00 43.60  ? 27  HIS B CE1 1 
ATOM   877  N NE2 . HIS B 1 21 ? -3.561  10.384  -14.413 1.00 41.46  ? 27  HIS B NE2 1 
ATOM   878  N N   . VAL B 1 22 ? -4.499  4.100   -15.632 1.00 40.93  ? 28  VAL B N   1 
ATOM   879  C CA  . VAL B 1 22 ? -5.062  2.788   -15.902 1.00 39.62  ? 28  VAL B CA  1 
ATOM   880  C C   . VAL B 1 22 ? -6.547  2.806   -15.465 1.00 34.96  ? 28  VAL B C   1 
ATOM   881  O O   . VAL B 1 22 ? -6.875  3.488   -14.525 1.00 36.13  ? 28  VAL B O   1 
ATOM   882  C CB  . VAL B 1 22 ? -4.208  1.738   -15.133 1.00 44.18  ? 28  VAL B CB  1 
ATOM   883  C CG1 . VAL B 1 22 ? -4.930  0.431   -14.945 1.00 42.69  ? 28  VAL B CG1 1 
ATOM   884  C CG2 . VAL B 1 22 ? -2.898  1.491   -15.892 1.00 48.24  ? 28  VAL B CG2 1 
ATOM   885  N N   . LYS B 1 23 ? -7.430  2.058   -16.125 1.00 35.70  ? 29  LYS B N   1 
ATOM   886  C CA  . LYS B 1 23 ? -8.809  1.885   -15.629 1.00 38.27  ? 29  LYS B CA  1 
ATOM   887  C C   . LYS B 1 23 ? -8.808  1.248   -14.247 1.00 35.81  ? 29  LYS B C   1 
ATOM   888  O O   . LYS B 1 23 ? -7.971  0.390   -13.971 1.00 31.23  ? 29  LYS B O   1 
ATOM   889  C CB  . LYS B 1 23 ? -9.608  0.980   -16.572 1.00 40.56  ? 29  LYS B CB  1 
ATOM   890  C CG  . LYS B 1 23 ? -10.397 1.711   -17.627 1.00 47.03  ? 29  LYS B CG  1 
ATOM   891  C CD  . LYS B 1 23 ? -11.036 0.738   -18.604 1.00 48.55  ? 29  LYS B CD  1 
ATOM   892  C CE  . LYS B 1 23 ? -12.461 1.186   -18.857 1.00 54.10  ? 29  LYS B CE  1 
ATOM   893  N NZ  . LYS B 1 23 ? -13.269 0.075   -19.427 1.00 65.60  ? 29  LYS B NZ  1 
ATOM   894  N N   . GLU B 1 24 ? -9.757  1.644   -13.389 1.00 34.49  ? 30  GLU B N   1 
ATOM   895  C CA  . GLU B 1 24 ? -9.982  0.950   -12.116 1.00 38.08  ? 30  GLU B CA  1 
ATOM   896  C C   . GLU B 1 24 ? -10.042 -0.587  -12.288 1.00 35.33  ? 30  GLU B C   1 
ATOM   897  O O   . GLU B 1 24 ? -9.296  -1.321  -11.638 1.00 33.70  ? 30  GLU B O   1 
ATOM   898  C CB  . GLU B 1 24 ? -11.235 1.479   -11.406 1.00 40.31  ? 30  GLU B CB  1 
ATOM   899  C CG  . GLU B 1 24 ? -11.430 0.863   -10.019 1.00 53.38  ? 30  GLU B CG  1 
ATOM   900  C CD  . GLU B 1 24 ? -12.764 1.239   -9.364  1.00 57.74  ? 30  GLU B CD  1 
ATOM   901  O OE1 . GLU B 1 24 ? -12.775 2.177   -8.530  1.00 57.84  ? 30  GLU B OE1 1 
ATOM   902  O OE2 . GLU B 1 24 ? -13.803 0.604   -9.685  1.00 52.73  ? 30  GLU B OE2 1 
ATOM   903  N N   . SER B 1 25 ? -10.906 -1.063  -13.180 1.00 35.07  ? 31  SER B N   1 
ATOM   904  C CA  . SER B 1 25 ? -11.008 -2.502  -13.469 1.00 37.95  ? 31  SER B CA  1 
ATOM   905  C C   . SER B 1 25 ? -9.709  -3.150  -14.011 1.00 36.82  ? 31  SER B C   1 
ATOM   906  O O   . SER B 1 25 ? -9.465  -4.325  -13.739 1.00 39.78  ? 31  SER B O   1 
ATOM   907  C CB  . SER B 1 25 ? -12.152 -2.760  -14.451 1.00 41.62  ? 31  SER B CB  1 
ATOM   908  O OG  . SER B 1 25 ? -11.857 -2.140  -15.697 1.00 37.12  ? 31  SER B OG  1 
ATOM   909  N N   . SER B 1 26 ? -8.887  -2.409  -14.771 1.00 32.52  ? 32  SER B N   1 
ATOM   910  C CA  . SER B 1 26 ? -7.564  -2.907  -15.198 1.00 35.47  ? 32  SER B CA  1 
ATOM   911  C C   . SER B 1 26 ? -6.614  -3.078  -14.024 1.00 35.74  ? 32  SER B C   1 
ATOM   912  O O   . SER B 1 26 ? -5.870  -4.057  -13.976 1.00 34.19  ? 32  SER B O   1 
ATOM   913  C CB  . SER B 1 26 ? -6.876  -1.980  -16.217 1.00 34.97  ? 32  SER B CB  1 
ATOM   914  O OG  . SER B 1 26 ? -7.693  -1.807  -17.342 1.00 45.25  ? 32  SER B OG  1 
ATOM   915  N N   . ALA B 1 27 ? -6.604  -2.104  -13.118 1.00 30.47  ? 33  ALA B N   1 
ATOM   916  C CA  . ALA B 1 27 ? -5.807  -2.188  -11.878 1.00 31.34  ? 33  ALA B CA  1 
ATOM   917  C C   . ALA B 1 27 ? -6.268  -3.315  -10.967 1.00 30.44  ? 33  ALA B C   1 
ATOM   918  O O   . ALA B 1 27 ? -5.438  -3.993  -10.351 1.00 34.70  ? 33  ALA B O   1 
ATOM   919  C CB  . ALA B 1 27 ? -5.812  -0.850  -11.120 1.00 28.16  ? 33  ALA B CB  1 
ATOM   920  N N   . ILE B 1 28 ? -7.583  -3.511  -10.848 1.00 30.65  ? 34  ILE B N   1 
ATOM   921  C CA  . ILE B 1 28 ? -8.109  -4.626  -10.063 1.00 31.39  ? 34  ILE B CA  1 
ATOM   922  C C   . ILE B 1 28 ? -7.654  -5.965  -10.641 1.00 32.93  ? 34  ILE B C   1 
ATOM   923  O O   . ILE B 1 28 ? -7.272  -6.874  -9.899  1.00 31.72  ? 34  ILE B O   1 
ATOM   924  C CB  . ILE B 1 28 ? -9.653  -4.606  -9.980  1.00 35.52  ? 34  ILE B CB  1 
ATOM   925  C CG1 . ILE B 1 28 ? -10.104 -3.620  -8.899  1.00 32.54  ? 34  ILE B CG1 1 
ATOM   926  C CG2 . ILE B 1 28 ? -10.217 -5.999  -9.677  1.00 33.72  ? 34  ILE B CG2 1 
ATOM   927  C CD1 . ILE B 1 28 ? -11.582 -3.293  -8.971  1.00 34.57  ? 34  ILE B CD1 1 
ATOM   928  N N   . GLU B 1 29 ? -7.698  -6.078  -11.961 1.00 34.61  ? 35  GLU B N   1 
ATOM   929  C CA  . GLU B 1 29 ? -7.322  -7.331  -12.619 1.00 39.17  ? 35  GLU B CA  1 
ATOM   930  C C   . GLU B 1 29 ? -5.809  -7.536  -12.529 1.00 39.53  ? 35  GLU B C   1 
ATOM   931  O O   . GLU B 1 29 ? -5.351  -8.658  -12.393 1.00 37.96  ? 35  GLU B O   1 
ATOM   932  C CB  . GLU B 1 29 ? -7.766  -7.312  -14.068 1.00 41.18  ? 35  GLU B CB  1 
ATOM   933  C CG  . GLU B 1 29 ? -8.127  -8.685  -14.576 1.00 53.98  ? 35  GLU B CG  1 
ATOM   934  C CD  . GLU B 1 29 ? -7.921  -8.834  -16.076 1.00 58.64  ? 35  GLU B CD  1 
ATOM   935  O OE1 . GLU B 1 29 ? -7.751  -7.803  -16.787 1.00 64.93  ? 35  GLU B OE1 1 
ATOM   936  O OE2 . GLU B 1 29 ? -7.927  -9.994  -16.541 1.00 61.36  ? 35  GLU B OE2 1 
ATOM   937  N N   . PHE B 1 30 ? -5.034  -6.445  -12.603 1.00 36.66  ? 36  PHE B N   1 
ATOM   938  C CA  . PHE B 1 30 ? -3.606  -6.543  -12.326 1.00 34.06  ? 36  PHE B CA  1 
ATOM   939  C C   . PHE B 1 30 ? -3.401  -7.117  -10.946 1.00 31.98  ? 36  PHE B C   1 
ATOM   940  O O   . PHE B 1 30 ? -2.553  -7.981  -10.759 1.00 35.65  ? 36  PHE B O   1 
ATOM   941  C CB  . PHE B 1 30 ? -2.840  -5.202  -12.422 1.00 32.38  ? 36  PHE B CB  1 
ATOM   942  C CG  . PHE B 1 30 ? -1.414  -5.311  -11.933 1.00 30.40  ? 36  PHE B CG  1 
ATOM   943  C CD1 . PHE B 1 30 ? -0.408  -5.790  -12.775 1.00 31.93  ? 36  PHE B CD1 1 
ATOM   944  C CD2 . PHE B 1 30 ? -1.090  -5.015  -10.618 1.00 31.88  ? 36  PHE B CD2 1 
ATOM   945  C CE1 . PHE B 1 30 ? 0.920   -5.924  -12.323 1.00 32.44  ? 36  PHE B CE1 1 
ATOM   946  C CE2 . PHE B 1 30 ? 0.232   -5.160  -10.150 1.00 32.71  ? 36  PHE B CE2 1 
ATOM   947  C CZ  . PHE B 1 30 ? 1.234   -5.603  -11.011 1.00 30.37  ? 36  PHE B CZ  1 
ATOM   948  N N   . TYR B 1 31 ? -4.171  -6.664  -9.976  1.00 34.20  ? 37  TYR B N   1 
ATOM   949  C CA  . TYR B 1 31 ? -3.918  -7.098  -8.606  1.00 38.54  ? 37  TYR B CA  1 
ATOM   950  C C   . TYR B 1 31 ? -4.318  -8.560  -8.372  1.00 43.18  ? 37  TYR B C   1 
ATOM   951  O O   . TYR B 1 31 ? -3.612  -9.309  -7.667  1.00 37.73  ? 37  TYR B O   1 
ATOM   952  C CB  . TYR B 1 31 ? -4.641  -6.202  -7.634  1.00 35.96  ? 37  TYR B CB  1 
ATOM   953  C CG  . TYR B 1 31 ? -4.490  -6.624  -6.193  1.00 38.85  ? 37  TYR B CG  1 
ATOM   954  C CD1 . TYR B 1 31 ? -3.306  -6.382  -5.509  1.00 38.14  ? 37  TYR B CD1 1 
ATOM   955  C CD2 . TYR B 1 31 ? -5.533  -7.261  -5.511  1.00 36.99  ? 37  TYR B CD2 1 
ATOM   956  C CE1 . TYR B 1 31 ? -3.154  -6.759  -4.192  1.00 41.22  ? 37  TYR B CE1 1 
ATOM   957  C CE2 . TYR B 1 31 ? -5.374  -7.662  -4.197  1.00 42.75  ? 37  TYR B CE2 1 
ATOM   958  C CZ  . TYR B 1 31 ? -4.184  -7.395  -3.551  1.00 40.08  ? 37  TYR B CZ  1 
ATOM   959  O OH  . TYR B 1 31 ? -4.010  -7.740  -2.252  1.00 44.94  ? 37  TYR B OH  1 
ATOM   960  N N   . GLN B 1 32 ? -5.461  -8.940  -8.958  1.00 40.43  ? 38  GLN B N   1 
ATOM   961  C CA  . GLN B 1 32 ? -5.951  -10.340 -8.959  1.00 43.40  ? 38  GLN B CA  1 
ATOM   962  C C   . GLN B 1 32 ? -4.932  -11.266 -9.585  1.00 38.10  ? 38  GLN B C   1 
ATOM   963  O O   . GLN B 1 32 ? -4.610  -12.298 -9.025  1.00 41.36  ? 38  GLN B O   1 
ATOM   964  C CB  . GLN B 1 32 ? -7.302  -10.472 -9.683  1.00 44.60  ? 38  GLN B CB  1 
ATOM   965  C CG  . GLN B 1 32 ? -8.472  -9.813  -8.968  1.00 42.33  ? 38  GLN B CG  1 
ATOM   966  C CD  . GLN B 1 32 ? -8.674  -10.345 -7.557  1.00 50.46  ? 38  GLN B CD  1 
ATOM   967  O OE1 . GLN B 1 32 ? -8.237  -11.447 -7.210  1.00 55.75  ? 38  GLN B OE1 1 
ATOM   968  N NE2 . GLN B 1 32 ? -9.342  -9.562  -6.734  1.00 52.48  ? 38  GLN B NE2 1 
ATOM   969  N N   . PHE B 1 33 ? -4.387  -10.854 -10.717 1.00 37.80  ? 39  PHE B N   1 
ATOM   970  C CA  . PHE B 1 33 ? -3.270  -11.546 -11.312 1.00 39.48  ? 39  PHE B CA  1 
ATOM   971  C C   . PHE B 1 33 ? -2.061  -11.595 -10.364 1.00 44.28  ? 39  PHE B C   1 
ATOM   972  O O   . PHE B 1 33 ? -1.495  -12.661 -10.161 1.00 50.75  ? 39  PHE B O   1 
ATOM   973  C CB  . PHE B 1 33 ? -2.899  -10.912 -12.639 1.00 38.53  ? 39  PHE B CB  1 
ATOM   974  C CG  . PHE B 1 33 ? -1.768  -11.602 -13.323 1.00 46.65  ? 39  PHE B CG  1 
ATOM   975  C CD1 . PHE B 1 33 ? -1.952  -12.866 -13.911 1.00 45.85  ? 39  PHE B CD1 1 
ATOM   976  C CD2 . PHE B 1 33 ? -0.510  -11.011 -13.386 1.00 42.60  ? 39  PHE B CD2 1 
ATOM   977  C CE1 . PHE B 1 33 ? -0.896  -13.510 -14.538 1.00 45.68  ? 39  PHE B CE1 1 
ATOM   978  C CE2 . PHE B 1 33 ? 0.546   -11.656 -14.029 1.00 46.32  ? 39  PHE B CE2 1 
ATOM   979  C CZ  . PHE B 1 33 ? 0.354   -12.905 -14.603 1.00 46.79  ? 39  PHE B CZ  1 
ATOM   980  N N   . LEU B 1 34 ? -1.685  -10.452 -9.780  1.00 44.64  ? 40  LEU B N   1 
ATOM   981  C CA  . LEU B 1 34 ? -0.517  -10.361 -8.878  1.00 43.35  ? 40  LEU B CA  1 
ATOM   982  C C   . LEU B 1 34 ? -0.562  -11.398 -7.752  1.00 46.25  ? 40  LEU B C   1 
ATOM   983  O O   . LEU B 1 34 ? 0.430   -12.116 -7.516  1.00 41.13  ? 40  LEU B O   1 
ATOM   984  C CB  . LEU B 1 34 ? -0.321  -8.947  -8.304  1.00 41.24  ? 40  LEU B CB  1 
ATOM   985  C CG  . LEU B 1 34 ? 0.628   -8.847  -7.087  1.00 44.36  ? 40  LEU B CG  1 
ATOM   986  C CD1 . LEU B 1 34 ? 2.039   -9.177  -7.516  1.00 40.42  ? 40  LEU B CD1 1 
ATOM   987  C CD2 . LEU B 1 34 ? 0.621   -7.477  -6.414  1.00 44.76  ? 40  LEU B CD2 1 
ATOM   988  N N   . ILE B 1 35 ? -1.694  -11.485 -7.059  1.00 45.73  ? 41  ILE B N   1 
ATOM   989  C CA  . ILE B 1 35 ? -1.755  -12.346 -5.877  1.00 48.37  ? 41  ILE B CA  1 
ATOM   990  C C   . ILE B 1 35 ? -1.926  -13.827 -6.262  1.00 53.31  ? 41  ILE B C   1 
ATOM   991  O O   . ILE B 1 35 ? -1.792  -14.704 -5.404  1.00 53.52  ? 41  ILE B O   1 
ATOM   992  C CB  . ILE B 1 35 ? -2.882  -11.943 -4.915  1.00 43.55  ? 41  ILE B CB  1 
ATOM   993  C CG1 . ILE B 1 35 ? -4.248  -12.108 -5.606  1.00 45.18  ? 41  ILE B CG1 1 
ATOM   994  C CG2 . ILE B 1 35 ? -2.648  -10.520 -4.402  1.00 48.98  ? 41  ILE B CG2 1 
ATOM   995  C CD1 . ILE B 1 35 ? -5.447  -11.996 -4.675  1.00 45.41  ? 41  ILE B CD1 1 
ATOM   996  N N   . LYS B 1 36 ? -2.242  -14.087 -7.532  1.00 48.03  ? 42  LYS B N   1 
ATOM   997  C CA  . LYS B 1 36 ? -2.392  -15.450 -8.008  1.00 51.76  ? 42  LYS B CA  1 
ATOM   998  C C   . LYS B 1 36 ? -0.998  -16.019 -8.210  1.00 50.41  ? 42  LYS B C   1 
ATOM   999  O O   . LYS B 1 36 ? -0.635  -16.971 -7.546  1.00 56.55  ? 42  LYS B O   1 
ATOM   1000 C CB  . LYS B 1 36 ? -3.201  -15.503 -9.302  1.00 54.47  ? 42  LYS B CB  1 
ATOM   1001 C CG  . LYS B 1 36 ? -3.954  -16.818 -9.471  1.00 59.06  ? 42  LYS B CG  1 
ATOM   1002 C CD  . LYS B 1 36 ? -4.685  -16.887 -10.807 1.00 60.63  ? 42  LYS B CD  1 
ATOM   1003 C CE  . LYS B 1 36 ? -3.734  -17.289 -11.923 1.00 61.41  ? 42  LYS B CE  1 
ATOM   1004 N NZ  . LYS B 1 36 ? -4.109  -16.697 -13.238 1.00 64.74  ? 42  LYS B NZ  1 
ATOM   1005 N N   . VAL B 1 37 ? -0.226  -15.394 -9.104  1.00 48.97  ? 43  VAL B N   1 
ATOM   1006 C CA  . VAL B 1 37 ? 1.215   -15.646 -9.292  1.00 46.59  ? 43  VAL B CA  1 
ATOM   1007 C C   . VAL B 1 37 ? 2.075   -15.552 -8.012  1.00 47.65  ? 43  VAL B C   1 
ATOM   1008 O O   . VAL B 1 37 ? 2.989   -16.360 -7.825  1.00 42.60  ? 43  VAL B O   1 
ATOM   1009 C CB  . VAL B 1 37 ? 1.789   -14.690 -10.351 1.00 46.36  ? 43  VAL B CB  1 
ATOM   1010 C CG1 . VAL B 1 37 ? 3.259   -14.975 -10.607 1.00 49.39  ? 43  VAL B CG1 1 
ATOM   1011 C CG2 . VAL B 1 37 ? 0.996   -14.806 -11.643 1.00 52.47  ? 43  VAL B CG2 1 
ATOM   1012 N N   . SER B 1 38 ? 1.790   -14.580 -7.137  1.00 43.19  ? 44  SER B N   1 
ATOM   1013 C CA  . SER B 1 38 ? 2.584   -14.385 -5.917  1.00 39.96  ? 44  SER B CA  1 
ATOM   1014 C C   . SER B 1 38 ? 1.720   -14.195 -4.691  1.00 38.92  ? 44  SER B C   1 
ATOM   1015 O O   . SER B 1 38 ? 1.622   -13.080 -4.163  1.00 41.22  ? 44  SER B O   1 
ATOM   1016 C CB  . SER B 1 38 ? 3.513   -13.176 -6.073  1.00 34.59  ? 44  SER B CB  1 
ATOM   1017 O OG  . SER B 1 38 ? 4.208   -13.245 -7.290  1.00 30.90  ? 44  SER B OG  1 
ATOM   1018 N N   . PRO B 1 39 ? 1.127   -15.293 -4.190  1.00 47.56  ? 45  PRO B N   1 
ATOM   1019 C CA  . PRO B 1 39 ? 0.169   -15.241 -3.075  1.00 44.72  ? 45  PRO B CA  1 
ATOM   1020 C C   . PRO B 1 39 ? 0.735   -14.724 -1.756  1.00 46.42  ? 45  PRO B C   1 
ATOM   1021 O O   . PRO B 1 39 ? -0.039  -14.224 -0.911  1.00 46.76  ? 45  PRO B O   1 
ATOM   1022 C CB  . PRO B 1 39 ? -0.274  -16.702 -2.931  1.00 49.39  ? 45  PRO B CB  1 
ATOM   1023 C CG  . PRO B 1 39 ? -0.010  -17.311 -4.282  1.00 48.35  ? 45  PRO B CG  1 
ATOM   1024 C CD  . PRO B 1 39 ? 1.279   -16.671 -4.705  1.00 47.42  ? 45  PRO B CD  1 
ATOM   1025 N N   . TRP B 1 40 ? 2.054   -14.856 -1.559  1.00 43.97  ? 46  TRP B N   1 
ATOM   1026 C CA  . TRP B 1 40 ? 2.749   -14.295 -0.366  1.00 41.01  ? 46  TRP B CA  1 
ATOM   1027 C C   . TRP B 1 40 ? 2.785   -12.769 -0.347  1.00 42.04  ? 46  TRP B C   1 
ATOM   1028 O O   . TRP B 1 40 ? 3.017   -12.147 0.710   1.00 42.90  ? 46  TRP B O   1 
ATOM   1029 C CB  . TRP B 1 40 ? 4.188   -14.836 -0.292  1.00 36.42  ? 46  TRP B CB  1 
ATOM   1030 C CG  . TRP B 1 40 ? 4.908   -14.498 -1.562  1.00 35.65  ? 46  TRP B CG  1 
ATOM   1031 C CD1 . TRP B 1 40 ? 4.926   -15.235 -2.751  1.00 36.58  ? 46  TRP B CD1 1 
ATOM   1032 C CD2 . TRP B 1 40 ? 5.681   -13.277 -1.850  1.00 33.21  ? 46  TRP B CD2 1 
ATOM   1033 N NE1 . TRP B 1 40 ? 5.646   -14.580 -3.720  1.00 30.86  ? 46  TRP B NE1 1 
ATOM   1034 C CE2 . TRP B 1 40 ? 6.120   -13.385 -3.228  1.00 30.97  ? 46  TRP B CE2 1 
ATOM   1035 C CE3 . TRP B 1 40 ? 6.061   -12.142 -1.097  1.00 39.29  ? 46  TRP B CE3 1 
ATOM   1036 C CZ2 . TRP B 1 40 ? 6.907   -12.394 -3.831  1.00 35.16  ? 46  TRP B CZ2 1 
ATOM   1037 C CZ3 . TRP B 1 40 ? 6.841   -11.157 -1.705  1.00 33.81  ? 46  TRP B CZ3 1 
ATOM   1038 C CH2 . TRP B 1 40 ? 7.255   -11.280 -3.043  1.00 36.58  ? 46  TRP B CH2 1 
ATOM   1039 N N   . PHE B 1 41 ? 2.574   -12.137 -1.499  1.00 39.94  ? 47  PHE B N   1 
ATOM   1040 C CA  . PHE B 1 41 ? 2.820   -10.693 -1.609  1.00 42.45  ? 47  PHE B CA  1 
ATOM   1041 C C   . PHE B 1 41 ? 1.993   -9.774  -0.697  1.00 47.91  ? 47  PHE B C   1 
ATOM   1042 O O   . PHE B 1 41 ? 2.567   -8.869  -0.086  1.00 46.53  ? 47  PHE B O   1 
ATOM   1043 C CB  . PHE B 1 41 ? 2.752   -10.159 -3.034  1.00 41.11  ? 47  PHE B CB  1 
ATOM   1044 C CG  . PHE B 1 41 ? 3.250   -8.725  -3.140  1.00 43.27  ? 47  PHE B CG  1 
ATOM   1045 C CD1 . PHE B 1 41 ? 4.609   -8.456  -3.212  1.00 39.34  ? 47  PHE B CD1 1 
ATOM   1046 C CD2 . PHE B 1 41 ? 2.360   -7.650  -3.090  1.00 40.07  ? 47  PHE B CD2 1 
ATOM   1047 C CE1 . PHE B 1 41 ? 5.082   -7.143  -3.298  1.00 42.56  ? 47  PHE B CE1 1 
ATOM   1048 C CE2 . PHE B 1 41 ? 2.822   -6.342  -3.162  1.00 45.53  ? 47  PHE B CE2 1 
ATOM   1049 C CZ  . PHE B 1 41 ? 4.186   -6.084  -3.262  1.00 41.56  ? 47  PHE B CZ  1 
ATOM   1050 N N   . PRO B 1 42 ? 0.658   -10.002 -0.586  1.00 51.41  ? 48  PRO B N   1 
ATOM   1051 C CA  . PRO B 1 42 ? -0.121  -9.138  0.322   1.00 50.20  ? 48  PRO B CA  1 
ATOM   1052 C C   . PRO B 1 42 ? 0.287   -9.335  1.781   1.00 51.87  ? 48  PRO B C   1 
ATOM   1053 O O   . PRO B 1 42 ? 0.345   -8.371  2.548   1.00 46.86  ? 48  PRO B O   1 
ATOM   1054 C CB  . PRO B 1 42 ? -1.570  -9.600  0.130   1.00 49.85  ? 48  PRO B CB  1 
ATOM   1055 C CG  . PRO B 1 42 ? -1.564  -10.633 -0.966  1.00 50.90  ? 48  PRO B CG  1 
ATOM   1056 C CD  . PRO B 1 42 ? -0.159  -11.061 -1.218  1.00 50.55  ? 48  PRO B CD  1 
ATOM   1057 N N   . GLU B 1 43 ? 0.581   -10.583 2.140   1.00 55.14  ? 49  GLU B N   1 
ATOM   1058 C CA  . GLU B 1 43 ? 0.905   -10.950 3.512   1.00 54.68  ? 49  GLU B CA  1 
ATOM   1059 C C   . GLU B 1 43 ? 2.301   -10.560 3.945   1.00 49.78  ? 49  GLU B C   1 
ATOM   1060 O O   . GLU B 1 43 ? 2.456   -10.028 5.025   1.00 50.39  ? 49  GLU B O   1 
ATOM   1061 C CB  . GLU B 1 43 ? 0.710   -12.454 3.732   1.00 64.98  ? 49  GLU B CB  1 
ATOM   1062 C CG  . GLU B 1 43 ? 1.419   -12.966 4.984   1.00 76.90  ? 49  GLU B CG  1 
ATOM   1063 C CD  . GLU B 1 43 ? 1.637   -14.472 5.009   1.00 89.95  ? 49  GLU B CD  1 
ATOM   1064 O OE1 . GLU B 1 43 ? 1.395   -15.146 3.975   1.00 90.99  ? 49  GLU B OE1 1 
ATOM   1065 O OE2 . GLU B 1 43 ? 2.058   -14.974 6.084   1.00 93.37  ? 49  GLU B OE2 1 
ATOM   1066 N N   . GLU B 1 44 ? 3.307   -10.851 3.115   1.00 53.25  ? 50  GLU B N   1 
ATOM   1067 C CA  . GLU B 1 44 ? 4.732   -10.753 3.496   1.00 51.48  ? 50  GLU B CA  1 
ATOM   1068 C C   . GLU B 1 44 ? 5.521   -9.701  2.706   1.00 49.80  ? 50  GLU B C   1 
ATOM   1069 O O   . GLU B 1 44 ? 6.569   -9.248  3.169   1.00 47.53  ? 50  GLU B O   1 
ATOM   1070 C CB  . GLU B 1 44 ? 5.458   -12.081 3.255   1.00 52.74  ? 50  GLU B CB  1 
ATOM   1071 C CG  . GLU B 1 44 ? 4.879   -13.325 3.914   1.00 61.47  ? 50  GLU B CG  1 
ATOM   1072 C CD  . GLU B 1 44 ? 5.395   -14.625 3.276   1.00 62.59  ? 50  GLU B CD  1 
ATOM   1073 O OE1 . GLU B 1 44 ? 6.400   -14.609 2.517   1.00 57.51  ? 50  GLU B OE1 1 
ATOM   1074 O OE2 . GLU B 1 44 ? 4.789   -15.683 3.521   1.00 67.56  ? 50  GLU B OE2 1 
ATOM   1075 N N   . GLY B 1 45 ? 5.055   -9.344  1.512   1.00 44.00  ? 51  GLY B N   1 
ATOM   1076 C CA  . GLY B 1 45 ? 5.785   -8.413  0.676   1.00 46.60  ? 51  GLY B CA  1 
ATOM   1077 C C   . GLY B 1 45 ? 5.563   -6.925  0.967   1.00 50.59  ? 51  GLY B C   1 
ATOM   1078 O O   . GLY B 1 45 ? 4.597   -6.529  1.629   1.00 47.80  ? 51  GLY B O   1 
ATOM   1079 N N   . GLY B 1 46 ? 6.475   -6.104  0.453   1.00 50.62  ? 52  GLY B N   1 
ATOM   1080 C CA  . GLY B 1 46 ? 6.315   -4.654  0.444   1.00 51.75  ? 52  GLY B CA  1 
ATOM   1081 C C   . GLY B 1 46 ? 6.754   -4.065  -0.882  1.00 49.07  ? 52  GLY B C   1 
ATOM   1082 O O   . GLY B 1 46 ? 7.374   -4.742  -1.718  1.00 44.94  ? 52  GLY B O   1 
ATOM   1083 N N   . LEU B 1 47 ? 6.429   -2.798  -1.073  1.00 47.76  ? 53  LEU B N   1 
ATOM   1084 C CA  . LEU B 1 47 ? 6.898   -2.013  -2.220  1.00 45.76  ? 53  LEU B CA  1 
ATOM   1085 C C   . LEU B 1 47 ? 8.393   -1.758  -2.137  1.00 41.41  ? 53  LEU B C   1 
ATOM   1086 O O   . LEU B 1 47 ? 8.837   -0.669  -1.790  1.00 39.44  ? 53  LEU B O   1 
ATOM   1087 C CB  . LEU B 1 47 ? 6.167   -0.680  -2.249  1.00 51.78  ? 53  LEU B CB  1 
ATOM   1088 C CG  . LEU B 1 47 ? 5.016   -0.486  -3.232  1.00 55.32  ? 53  LEU B CG  1 
ATOM   1089 C CD1 . LEU B 1 47 ? 4.223   -1.760  -3.482  1.00 57.14  ? 53  LEU B CD1 1 
ATOM   1090 C CD2 . LEU B 1 47 ? 4.140   0.609   -2.651  1.00 61.05  ? 53  LEU B CD2 1 
ATOM   1091 N N   . ASN B 1 48 ? 9.192   -2.783  -2.407  1.00 38.34  ? 54  ASN B N   1 
ATOM   1092 C CA  . ASN B 1 48 ? 10.642  -2.600  -2.383  1.00 35.88  ? 54  ASN B CA  1 
ATOM   1093 C C   . ASN B 1 48 ? 11.222  -3.460  -3.487  1.00 34.51  ? 54  ASN B C   1 
ATOM   1094 O O   . ASN B 1 48 ? 10.610  -4.479  -3.884  1.00 32.33  ? 54  ASN B O   1 
ATOM   1095 C CB  . ASN B 1 48 ? 11.256  -2.940  -1.007  1.00 34.66  ? 54  ASN B CB  1 
ATOM   1096 C CG  . ASN B 1 48 ? 11.041  -4.402  -0.616  1.00 39.05  ? 54  ASN B CG  1 
ATOM   1097 O OD1 . ASN B 1 48 ? 11.578  -5.318  -1.268  1.00 37.74  ? 54  ASN B OD1 1 
ATOM   1098 N ND2 . ASN B 1 48 ? 10.224  -4.635  0.414   1.00 40.08  ? 54  ASN B ND2 1 
ATOM   1099 N N   . LEU B 1 49 ? 12.392  -3.071  -3.969  1.00 32.36  ? 55  LEU B N   1 
ATOM   1100 C CA  . LEU B 1 49 ? 12.919  -3.639  -5.219  1.00 37.80  ? 55  LEU B CA  1 
ATOM   1101 C C   . LEU B 1 49 ? 13.120  -5.158  -5.152  1.00 37.08  ? 55  LEU B C   1 
ATOM   1102 O O   . LEU B 1 49 ? 12.748  -5.886  -6.091  1.00 37.11  ? 55  LEU B O   1 
ATOM   1103 C CB  . LEU B 1 49 ? 14.187  -2.893  -5.659  1.00 36.20  ? 55  LEU B CB  1 
ATOM   1104 C CG  . LEU B 1 49 ? 14.714  -3.187  -7.065  1.00 38.86  ? 55  LEU B CG  1 
ATOM   1105 C CD1 . LEU B 1 49 ? 13.711  -2.799  -8.166  1.00 34.12  ? 55  LEU B CD1 1 
ATOM   1106 C CD2 . LEU B 1 49 ? 16.053  -2.465  -7.237  1.00 36.87  ? 55  LEU B CD2 1 
ATOM   1107 N N   . GLN B 1 50 ? 13.643  -5.640  -4.019  1.00 35.83  ? 56  GLN B N   1 
ATOM   1108 C CA  . GLN B 1 50 ? 13.811  -7.088  -3.765  1.00 37.98  ? 56  GLN B CA  1 
ATOM   1109 C C   . GLN B 1 50 ? 12.539  -7.909  -3.990  1.00 38.97  ? 56  GLN B C   1 
ATOM   1110 O O   . GLN B 1 50 ? 12.549  -8.954  -4.672  1.00 34.02  ? 56  GLN B O   1 
ATOM   1111 C CB  . GLN B 1 50 ? 14.274  -7.348  -2.310  1.00 39.14  ? 56  GLN B CB  1 
ATOM   1112 C CG  . GLN B 1 50 ? 15.603  -6.721  -1.941  1.00 51.95  ? 56  GLN B CG  1 
ATOM   1113 C CD  . GLN B 1 50 ? 16.702  -7.745  -1.759  1.00 62.01  ? 56  GLN B CD  1 
ATOM   1114 O OE1 . GLN B 1 50 ? 17.552  -7.927  -2.639  1.00 72.13  ? 56  GLN B OE1 1 
ATOM   1115 N NE2 . GLN B 1 50 ? 16.688  -8.434  -0.618  1.00 62.15  ? 56  GLN B NE2 1 
ATOM   1116 N N   . ASP B 1 51 ? 11.452  -7.482  -3.341  1.00 37.59  ? 57  ASP B N   1 
ATOM   1117 C CA  . ASP B 1 51 ? 10.191  -8.197  -3.467  1.00 36.74  ? 57  ASP B CA  1 
ATOM   1118 C C   . ASP B 1 51 ? 9.639   -8.062  -4.851  1.00 33.42  ? 57  ASP B C   1 
ATOM   1119 O O   . ASP B 1 51 ? 9.064   -9.018  -5.364  1.00 33.97  ? 57  ASP B O   1 
ATOM   1120 C CB  . ASP B 1 51 ? 9.157   -7.701  -2.441  1.00 39.93  ? 57  ASP B CB  1 
ATOM   1121 C CG  . ASP B 1 51 ? 9.460   -8.190  -1.042  1.00 45.76  ? 57  ASP B CG  1 
ATOM   1122 O OD1 . ASP B 1 51 ? 10.284  -9.127  -0.918  1.00 45.01  ? 57  ASP B OD1 1 
ATOM   1123 O OD2 . ASP B 1 51 ? 8.880   -7.650  -0.067  1.00 51.85  ? 57  ASP B OD2 1 
ATOM   1124 N N   . TRP B 1 52 ? 9.777   -6.864  -5.435  1.00 30.68  ? 58  TRP B N   1 
ATOM   1125 C CA  . TRP B 1 52 ? 9.179   -6.592  -6.736  1.00 31.03  ? 58  TRP B CA  1 
ATOM   1126 C C   . TRP B 1 52 ? 9.874   -7.387  -7.855  1.00 36.02  ? 58  TRP B C   1 
ATOM   1127 O O   . TRP B 1 52 ? 9.187   -7.946  -8.727  1.00 33.42  ? 58  TRP B O   1 
ATOM   1128 C CB  . TRP B 1 52 ? 9.112   -5.104  -7.047  1.00 26.74  ? 58  TRP B CB  1 
ATOM   1129 C CG  . TRP B 1 52 ? 8.029   -4.782  -8.056  1.00 27.49  ? 58  TRP B CG  1 
ATOM   1130 C CD1 . TRP B 1 52 ? 8.178   -4.336  -9.381  1.00 26.34  ? 58  TRP B CD1 1 
ATOM   1131 C CD2 . TRP B 1 52 ? 6.569   -4.950  -7.872  1.00 29.83  ? 58  TRP B CD2 1 
ATOM   1132 N NE1 . TRP B 1 52 ? 6.945   -4.175  -9.997  1.00 24.43  ? 58  TRP B NE1 1 
ATOM   1133 C CE2 . TRP B 1 52 ? 5.940   -4.533  -9.141  1.00 27.36  ? 58  TRP B CE2 1 
ATOM   1134 C CE3 . TRP B 1 52 ? 5.758   -5.370  -6.816  1.00 26.15  ? 58  TRP B CE3 1 
ATOM   1135 C CZ2 . TRP B 1 52 ? 4.570   -4.570  -9.327  1.00 28.36  ? 58  TRP B CZ2 1 
ATOM   1136 C CZ3 . TRP B 1 52 ? 4.364   -5.392  -7.029  1.00 32.27  ? 58  TRP B CZ3 1 
ATOM   1137 C CH2 . TRP B 1 52 ? 3.795   -4.985  -8.250  1.00 27.42  ? 58  TRP B CH2 1 
ATOM   1138 N N   . LYS B 1 53 ? 11.212  -7.439  -7.843  1.00 31.77  ? 59  LYS B N   1 
ATOM   1139 C CA  . LYS B 1 53 ? 11.984  -8.383  -8.719  1.00 34.57  ? 59  LYS B CA  1 
ATOM   1140 C C   . LYS B 1 53 ? 11.591  -9.862  -8.533  1.00 31.90  ? 59  LYS B C   1 
ATOM   1141 O O   . LYS B 1 53 ? 11.505  -10.610 -9.496  1.00 35.23  ? 59  LYS B O   1 
ATOM   1142 C CB  . LYS B 1 53 ? 13.506  -8.202  -8.530  1.00 33.57  ? 59  LYS B CB  1 
ATOM   1143 C CG  . LYS B 1 53 ? 14.040  -6.874  -9.056  1.00 35.15  ? 59  LYS B CG  1 
ATOM   1144 C CD  . LYS B 1 53 ? 15.566  -6.784  -9.094  1.00 41.03  ? 59  LYS B CD  1 
ATOM   1145 C CE  . LYS B 1 53 ? 15.960  -5.584  -9.952  1.00 43.89  ? 59  LYS B CE  1 
ATOM   1146 N NZ  . LYS B 1 53 ? 17.407  -5.200  -9.977  1.00 50.11  ? 59  LYS B NZ  1 
ATOM   1147 N N   . ARG B 1 54 ? 11.338  -10.291 -7.307  1.00 35.34  ? 60  ARG B N   1 
ATOM   1148 C CA  . ARG B 1 54 ? 10.822  -11.648 -7.055  1.00 31.16  ? 60  ARG B CA  1 
ATOM   1149 C C   . ARG B 1 54 ? 9.464   -11.889 -7.730  1.00 35.74  ? 60  ARG B C   1 
ATOM   1150 O O   . ARG B 1 54 ? 9.253   -12.893 -8.437  1.00 34.07  ? 60  ARG B O   1 
ATOM   1151 C CB  . ARG B 1 54 ? 10.678  -11.896 -5.551  1.00 32.91  ? 60  ARG B CB  1 
ATOM   1152 C CG  . ARG B 1 54 ? 10.103  -13.248 -5.165  1.00 31.12  ? 60  ARG B CG  1 
ATOM   1153 C CD  . ARG B 1 54 ? 10.234  -13.536 -3.672  1.00 31.47  ? 60  ARG B CD  1 
ATOM   1154 N NE  . ARG B 1 54 ? 9.299   -14.599 -3.274  1.00 34.74  ? 60  ARG B NE  1 
ATOM   1155 C CZ  . ARG B 1 54 ? 8.892   -14.848 -2.023  1.00 35.33  ? 60  ARG B CZ  1 
ATOM   1156 N NH1 . ARG B 1 54 ? 9.304   -14.116 -0.991  1.00 39.48  ? 60  ARG B NH1 1 
ATOM   1157 N NH2 . ARG B 1 54 ? 8.042   -15.818 -1.809  1.00 35.54  ? 60  ARG B NH2 1 
ATOM   1158 N N   . VAL B 1 55 ? 8.515   -11.001 -7.457  1.00 33.67  ? 61  VAL B N   1 
ATOM   1159 C CA  . VAL B 1 55 ? 7.264   -10.975 -8.201  1.00 34.37  ? 61  VAL B CA  1 
ATOM   1160 C C   . VAL B 1 55 ? 7.530   -11.126 -9.694  1.00 32.18  ? 61  VAL B C   1 
ATOM   1161 O O   . VAL B 1 55 ? 6.898   -11.944 -10.336 1.00 34.60  ? 61  VAL B O   1 
ATOM   1162 C CB  . VAL B 1 55 ? 6.396   -9.705  -7.893  1.00 32.39  ? 61  VAL B CB  1 
ATOM   1163 C CG1 . VAL B 1 55 ? 5.323   -9.507  -8.959  1.00 32.55  ? 61  VAL B CG1 1 
ATOM   1164 C CG2 . VAL B 1 55 ? 5.737   -9.852  -6.540  1.00 27.74  ? 61  VAL B CG2 1 
ATOM   1165 N N   . GLY B 1 56 ? 8.463   -10.362 -10.247 1.00 36.06  ? 62  GLY B N   1 
ATOM   1166 C CA  . GLY B 1 56 ? 8.759   -10.453 -11.706 1.00 38.18  ? 62  GLY B CA  1 
ATOM   1167 C C   . GLY B 1 56 ? 9.320   -11.807 -12.197 1.00 41.43  ? 62  GLY B C   1 
ATOM   1168 O O   . GLY B 1 56 ? 8.895   -12.334 -13.261 1.00 41.05  ? 62  GLY B O   1 
ATOM   1169 N N   . ARG B 1 57 ? 10.264  -12.381 -11.444 1.00 37.32  ? 63  ARG B N   1 
ATOM   1170 C CA  . ARG B 1 57 ? 10.774  -13.745 -11.762 1.00 37.02  ? 63  ARG B CA  1 
ATOM   1171 C C   . ARG B 1 57 ? 9.614   -14.734 -11.773 1.00 37.70  ? 63  ARG B C   1 
ATOM   1172 O O   . ARG B 1 57 ? 9.458   -15.512 -12.709 1.00 40.33  ? 63  ARG B O   1 
ATOM   1173 C CB  . ARG B 1 57 ? 11.807  -14.221 -10.724 1.00 33.48  ? 63  ARG B CB  1 
ATOM   1174 C CG  . ARG B 1 57 ? 13.069  -13.406 -10.772 1.00 33.42  ? 63  ARG B CG  1 
ATOM   1175 C CD  . ARG B 1 57 ? 14.159  -14.071 -9.942  1.00 32.10  ? 63  ARG B CD  1 
ATOM   1176 N NE  . ARG B 1 57 ? 13.856  -14.180 -8.504  1.00 34.69  ? 63  ARG B NE  1 
ATOM   1177 C CZ  . ARG B 1 57 ? 14.106  -13.212 -7.604  1.00 35.82  ? 63  ARG B CZ  1 
ATOM   1178 N NH1 . ARG B 1 57 ? 14.617  -12.054 -7.983  1.00 30.17  ? 63  ARG B NH1 1 
ATOM   1179 N NH2 . ARG B 1 57 ? 13.840  -13.403 -6.321  1.00 36.78  ? 63  ARG B NH2 1 
ATOM   1180 N N   . GLU B 1 58 ? 8.798   -14.688 -10.723 1.00 38.80  ? 64  GLU B N   1 
ATOM   1181 C CA  . GLU B 1 58 ? 7.626   -15.538 -10.593 1.00 40.67  ? 64  GLU B CA  1 
ATOM   1182 C C   . GLU B 1 58 ? 6.571   -15.346 -11.715 1.00 48.88  ? 64  GLU B C   1 
ATOM   1183 O O   . GLU B 1 58 ? 5.843   -16.282 -12.050 1.00 54.73  ? 64  GLU B O   1 
ATOM   1184 C CB  . GLU B 1 58 ? 7.003   -15.327 -9.234  1.00 39.75  ? 64  GLU B CB  1 
ATOM   1185 C CG  . GLU B 1 58 ? 7.844   -15.911 -8.109  1.00 43.21  ? 64  GLU B CG  1 
ATOM   1186 C CD  . GLU B 1 58 ? 7.229   -15.728 -6.724  1.00 48.88  ? 64  GLU B CD  1 
ATOM   1187 O OE1 . GLU B 1 58 ? 6.096   -15.206 -6.608  1.00 50.80  ? 64  GLU B OE1 1 
ATOM   1188 O OE2 . GLU B 1 58 ? 7.886   -16.108 -5.728  1.00 50.88  ? 64  GLU B OE2 1 
ATOM   1189 N N   . MET B 1 59 ? 6.496   -14.145 -12.293 1.00 47.01  ? 65  MET B N   1 
ATOM   1190 C CA  . MET B 1 59 ? 5.648   -13.887 -13.487 1.00 50.49  ? 65  MET B CA  1 
ATOM   1191 C C   . MET B 1 59 ? 6.224   -14.432 -14.790 1.00 46.67  ? 65  MET B C   1 
ATOM   1192 O O   . MET B 1 59 ? 5.506   -15.025 -15.580 1.00 52.28  ? 65  MET B O   1 
ATOM   1193 C CB  . MET B 1 59 ? 5.401   -12.385 -13.700 1.00 45.72  ? 65  MET B CB  1 
ATOM   1194 C CG  . MET B 1 59 ? 4.532   -11.714 -12.649 1.00 49.62  ? 65  MET B CG  1 
ATOM   1195 S SD  . MET B 1 59 ? 4.336   -9.943  -13.022 1.00 53.18  ? 65  MET B SD  1 
ATOM   1196 C CE  . MET B 1 59 ? 2.837   -9.673  -12.065 1.00 49.65  ? 65  MET B CE  1 
ATOM   1197 N N   . LYS B 1 60 ? 7.508   -14.182 -15.028 1.00 49.61  ? 66  LYS B N   1 
ATOM   1198 C CA  . LYS B 1 60 ? 8.164   -14.627 -16.228 1.00 50.51  ? 66  LYS B CA  1 
ATOM   1199 C C   . LYS B 1 60 ? 8.330   -16.145 -16.222 1.00 51.42  ? 66  LYS B C   1 
ATOM   1200 O O   . LYS B 1 60 ? 8.484   -16.738 -17.284 1.00 54.34  ? 66  LYS B O   1 
ATOM   1201 C CB  . LYS B 1 60 ? 9.491   -13.910 -16.446 1.00 52.90  ? 66  LYS B CB  1 
ATOM   1202 C CG  . LYS B 1 60 ? 9.688   -13.538 -17.908 1.00 58.41  ? 66  LYS B CG  1 
ATOM   1203 C CD  . LYS B 1 60 ? 10.913  -12.663 -18.107 1.00 67.31  ? 66  LYS B CD  1 
ATOM   1204 C CE  . LYS B 1 60 ? 10.587  -11.180 -17.982 1.00 71.66  ? 66  LYS B CE  1 
ATOM   1205 N NZ  . LYS B 1 60 ? 10.121  -10.605 -19.279 1.00 71.19  ? 66  LYS B NZ  1 
ATOM   1206 N N   . ARG B 1 61 ? 8.271   -16.764 -15.043 1.00 51.04  ? 67  ARG B N   1 
ATOM   1207 C CA  . ARG B 1 61 ? 8.127   -18.218 -14.936 1.00 53.34  ? 67  ARG B CA  1 
ATOM   1208 C C   . ARG B 1 61 ? 6.726   -18.627 -15.333 1.00 54.38  ? 67  ARG B C   1 
ATOM   1209 O O   . ARG B 1 61 ? 6.545   -19.564 -16.095 1.00 53.80  ? 67  ARG B O   1 
ATOM   1210 C CB  . ARG B 1 61 ? 8.390   -18.718 -13.525 1.00 58.52  ? 67  ARG B CB  1 
ATOM   1211 C CG  . ARG B 1 61 ? 8.315   -20.234 -13.397 1.00 66.61  ? 67  ARG B CG  1 
ATOM   1212 C CD  . ARG B 1 61 ? 8.695   -20.672 -11.998 1.00 78.53  ? 67  ARG B CD  1 
ATOM   1213 N NE  . ARG B 1 61 ? 7.989   -21.887 -11.589 1.00 90.27  ? 67  ARG B NE  1 
ATOM   1214 C CZ  . ARG B 1 61 ? 7.504   -22.102 -10.362 1.00 93.15  ? 67  ARG B CZ  1 
ATOM   1215 N NH1 . ARG B 1 61 ? 7.628   -21.176 -9.417  1.00 91.41  ? 67  ARG B NH1 1 
ATOM   1216 N NH2 . ARG B 1 61 ? 6.874   -23.237 -10.077 1.00 91.14  ? 67  ARG B NH2 1 
ATOM   1217 N N   . TYR B 1 62 ? 5.735   -17.927 -14.802 1.00 51.98  ? 68  TYR B N   1 
ATOM   1218 C CA  . TYR B 1 62 ? 4.328   -18.150 -15.155 1.00 50.20  ? 68  TYR B CA  1 
ATOM   1219 C C   . TYR B 1 62 ? 4.057   -18.034 -16.660 1.00 51.11  ? 68  TYR B C   1 
ATOM   1220 O O   . TYR B 1 62 ? 3.244   -18.789 -17.197 1.00 46.59  ? 68  TYR B O   1 
ATOM   1221 C CB  . TYR B 1 62 ? 3.473   -17.148 -14.402 1.00 54.55  ? 68  TYR B CB  1 
ATOM   1222 C CG  . TYR B 1 62 ? 2.061   -17.585 -14.112 1.00 57.77  ? 68  TYR B CG  1 
ATOM   1223 C CD1 . TYR B 1 62 ? 1.040   -17.350 -15.037 1.00 56.25  ? 68  TYR B CD1 1 
ATOM   1224 C CD2 . TYR B 1 62 ? 1.730   -18.211 -12.895 1.00 55.90  ? 68  TYR B CD2 1 
ATOM   1225 C CE1 . TYR B 1 62 ? -0.265  -17.735 -14.771 1.00 54.97  ? 68  TYR B CE1 1 
ATOM   1226 C CE2 . TYR B 1 62 ? 0.420   -18.595 -12.624 1.00 53.66  ? 68  TYR B CE2 1 
ATOM   1227 C CZ  . TYR B 1 62 ? -0.566  -18.348 -13.570 1.00 52.86  ? 68  TYR B CZ  1 
ATOM   1228 O OH  . TYR B 1 62 ? -1.878  -18.711 -13.330 1.00 63.02  ? 68  TYR B OH  1 
ATOM   1229 N N   . ALA B 1 63 ? 4.738   -17.089 -17.333 1.00 52.41  ? 69  ALA B N   1 
ATOM   1230 C CA  . ALA B 1 63 ? 4.651   -16.926 -18.813 1.00 56.93  ? 69  ALA B CA  1 
ATOM   1231 C C   . ALA B 1 63 ? 5.214   -18.132 -19.617 1.00 60.74  ? 69  ALA B C   1 
ATOM   1232 O O   . ALA B 1 63 ? 4.623   -18.541 -20.626 1.00 64.27  ? 69  ALA B O   1 
ATOM   1233 C CB  . ALA B 1 63 ? 5.303   -15.617 -19.271 1.00 55.62  ? 69  ALA B CB  1 
ATOM   1234 N N   . ALA B 1 64 ? 6.346   -18.687 -19.171 1.00 59.50  ? 70  ALA B N   1 
ATOM   1235 C CA  . ALA B 1 64 ? 6.909   -19.924 -19.758 1.00 61.59  ? 70  ALA B CA  1 
ATOM   1236 C C   . ALA B 1 64 ? 5.975   -21.147 -19.588 1.00 61.52  ? 70  ALA B C   1 
ATOM   1237 O O   . ALA B 1 64 ? 5.719   -21.881 -20.551 1.00 61.08  ? 70  ALA B O   1 
ATOM   1238 C CB  . ALA B 1 64 ? 8.279   -20.210 -19.154 1.00 62.72  ? 70  ALA B CB  1 
ATOM   1239 N N   . GLU B 1 65 ? 5.474   -21.334 -18.362 1.00 55.26  ? 71  GLU B N   1 
ATOM   1240 C CA  . GLU B 1 65 ? 4.621   -22.459 -17.967 1.00 57.37  ? 71  GLU B CA  1 
ATOM   1241 C C   . GLU B 1 65 ? 3.138   -22.375 -18.288 1.00 63.25  ? 71  GLU B C   1 
ATOM   1242 O O   . GLU B 1 65 ? 2.390   -23.274 -17.874 1.00 68.83  ? 71  GLU B O   1 
ATOM   1243 C CB  . GLU B 1 65 ? 4.702   -22.646 -16.464 1.00 58.18  ? 71  GLU B CB  1 
ATOM   1244 C CG  . GLU B 1 65 ? 6.079   -23.018 -15.955 1.00 61.05  ? 71  GLU B CG  1 
ATOM   1245 C CD  . GLU B 1 65 ? 6.025   -23.468 -14.516 1.00 65.46  ? 71  GLU B CD  1 
ATOM   1246 O OE1 . GLU B 1 65 ? 4.916   -23.835 -14.062 1.00 67.24  ? 71  GLU B OE1 1 
ATOM   1247 O OE2 . GLU B 1 65 ? 7.079   -23.438 -13.841 1.00 68.40  ? 71  GLU B OE2 1 
ATOM   1248 N N   . HIS B 1 66 ? 2.698   -21.311 -18.979 1.00 65.74  ? 72  HIS B N   1 
ATOM   1249 C CA  . HIS B 1 66 ? 1.251   -21.072 -19.232 1.00 62.18  ? 72  HIS B CA  1 
ATOM   1250 C C   . HIS B 1 66 ? 0.922   -20.364 -20.499 1.00 62.43  ? 72  HIS B C   1 
ATOM   1251 O O   . HIS B 1 66 ? -0.250  -20.269 -20.831 1.00 67.27  ? 72  HIS B O   1 
ATOM   1252 C CB  . HIS B 1 66 ? 0.610   -20.268 -18.107 1.00 63.20  ? 72  HIS B CB  1 
ATOM   1253 C CG  . HIS B 1 66 ? 0.183   -21.098 -16.935 1.00 67.96  ? 72  HIS B CG  1 
ATOM   1254 N ND1 . HIS B 1 66 ? 0.943   -21.232 -15.831 1.00 64.92  ? 72  HIS B ND1 1 
ATOM   1255 C CD2 . HIS B 1 66 ? -0.970  -21.844 -16.718 1.00 65.00  ? 72  HIS B CD2 1 
ATOM   1256 C CE1 . HIS B 1 66 ? 0.311   -22.026 -14.952 1.00 63.29  ? 72  HIS B CE1 1 
ATOM   1257 N NE2 . HIS B 1 66 ? -0.863  -22.398 -15.493 1.00 67.76  ? 72  HIS B NE2 1 
ATOM   1258 N N   . GLY B 1 67 ? 1.926   -19.829 -21.194 1.00 61.99  ? 73  GLY B N   1 
ATOM   1259 C CA  . GLY B 1 67 ? 1.703   -19.049 -22.415 1.00 67.39  ? 73  GLY B CA  1 
ATOM   1260 C C   . GLY B 1 67 ? 1.022   -17.702 -22.181 1.00 72.96  ? 73  GLY B C   1 
ATOM   1261 O O   . GLY B 1 67 ? 0.404   -17.460 -21.133 1.00 75.21  ? 73  GLY B O   1 
ATOM   1262 N N   . THR B 1 68 ? 1.115   -16.828 -23.178 1.00 75.79  ? 74  THR B N   1 
ATOM   1263 C CA  . THR B 1 68 ? 0.577   -15.459 -23.070 1.00 78.68  ? 74  THR B CA  1 
ATOM   1264 C C   . THR B 1 68 ? -0.913  -15.431 -22.695 1.00 76.73  ? 74  THR B C   1 
ATOM   1265 O O   . THR B 1 68 ? -1.385  -14.489 -22.063 1.00 76.15  ? 74  THR B O   1 
ATOM   1266 C CB  . THR B 1 68 ? 0.835   -14.600 -24.348 1.00 79.21  ? 74  THR B CB  1 
ATOM   1267 O OG1 . THR B 1 68 ? -0.020  -15.025 -25.421 1.00 79.96  ? 74  THR B OG1 1 
ATOM   1268 C CG2 . THR B 1 68 ? 2.317   -14.659 -24.795 1.00 77.35  ? 74  THR B CG2 1 
ATOM   1269 N N   . ASP B 1 69 ? -1.634  -16.481 -23.076 1.00 76.72  ? 75  ASP B N   1 
ATOM   1270 C CA  . ASP B 1 69 ? -3.067  -16.593 -22.815 1.00 80.90  ? 75  ASP B CA  1 
ATOM   1271 C C   . ASP B 1 69 ? -3.355  -16.459 -21.320 1.00 76.28  ? 75  ASP B C   1 
ATOM   1272 O O   . ASP B 1 69 ? -2.574  -16.949 -20.496 1.00 74.59  ? 75  ASP B O   1 
ATOM   1273 C CB  . ASP B 1 69 ? -3.595  -17.921 -23.375 1.00 83.12  ? 75  ASP B CB  1 
ATOM   1274 C CG  . ASP B 1 69 ? -3.392  -18.039 -24.892 1.00 88.65  ? 75  ASP B CG  1 
ATOM   1275 O OD1 . ASP B 1 69 ? -2.656  -17.208 -25.477 1.00 90.13  ? 75  ASP B OD1 1 
ATOM   1276 O OD2 . ASP B 1 69 ? -3.975  -18.955 -25.507 1.00 81.47  ? 75  ASP B OD2 1 
ATOM   1277 N N   . SER B 1 70 ? -4.453  -15.770 -20.992 1.00 64.96  ? 76  SER B N   1 
ATOM   1278 C CA  . SER B 1 70 ? -4.856  -15.444 -19.594 1.00 66.43  ? 76  SER B CA  1 
ATOM   1279 C C   . SER B 1 70 ? -3.898  -14.538 -18.746 1.00 63.49  ? 76  SER B C   1 
ATOM   1280 O O   . SER B 1 70 ? -4.224  -14.180 -17.607 1.00 63.88  ? 76  SER B O   1 
ATOM   1281 C CB  . SER B 1 70 ? -5.256  -16.709 -18.811 1.00 62.13  ? 76  SER B CB  1 
ATOM   1282 O OG  . SER B 1 70 ? -4.099  -17.378 -18.345 1.00 66.41  ? 76  SER B OG  1 
ATOM   1283 N N   . ILE B 1 71 ? -2.732  -14.174 -19.288 1.00 60.70  ? 77  ILE B N   1 
ATOM   1284 C CA  . ILE B 1 71 ? -1.912  -13.121 -18.692 1.00 50.84  ? 77  ILE B CA  1 
ATOM   1285 C C   . ILE B 1 71 ? -2.457  -11.804 -19.206 1.00 52.11  ? 77  ILE B C   1 
ATOM   1286 O O   . ILE B 1 71 ? -2.411  -11.572 -20.412 1.00 61.71  ? 77  ILE B O   1 
ATOM   1287 C CB  . ILE B 1 71 ? -0.430  -13.253 -19.098 0.50 48.99  ? 77  ILE B CB  1 
ATOM   1288 C CG1 . ILE B 1 71 ? 0.160   -14.548 -18.563 0.50 46.37  ? 77  ILE B CG1 1 
ATOM   1289 C CG2 . ILE B 1 71 ? 0.403   -12.094 -18.569 0.50 45.32  ? 77  ILE B CG2 1 
ATOM   1290 C CD1 . ILE B 1 71 ? 1.624   -14.691 -18.894 0.50 42.94  ? 77  ILE B CD1 1 
ATOM   1291 N N   . PRO B 1 72 ? -2.979  -10.930 -18.314 1.00 50.32  ? 78  PRO B N   1 
ATOM   1292 C CA  . PRO B 1 72 ? -3.482  -9.632  -18.794 1.00 45.36  ? 78  PRO B CA  1 
ATOM   1293 C C   . PRO B 1 72 ? -2.439  -8.843  -19.616 1.00 47.73  ? 78  PRO B C   1 
ATOM   1294 O O   . PRO B 1 72 ? -1.251  -8.900  -19.305 1.00 48.13  ? 78  PRO B O   1 
ATOM   1295 C CB  . PRO B 1 72 ? -3.838  -8.892  -17.490 1.00 47.67  ? 78  PRO B CB  1 
ATOM   1296 C CG  . PRO B 1 72 ? -4.117  -9.979  -16.488 1.00 44.09  ? 78  PRO B CG  1 
ATOM   1297 C CD  . PRO B 1 72 ? -3.200  -11.113 -16.862 1.00 48.72  ? 78  PRO B CD  1 
ATOM   1298 N N   . LYS B 1 73 ? -2.876  -8.127  -20.659 1.00 44.90  ? 79  LYS B N   1 
ATOM   1299 C CA  . LYS B 1 73 ? -1.966  -7.314  -21.485 1.00 46.83  ? 79  LYS B CA  1 
ATOM   1300 C C   . LYS B 1 73 ? -1.318  -6.160  -20.715 1.00 45.46  ? 79  LYS B C   1 
ATOM   1301 O O   . LYS B 1 73 ? -0.265  -5.676  -21.118 1.00 45.73  ? 79  LYS B O   1 
ATOM   1302 C CB  . LYS B 1 73 ? -2.666  -6.765  -22.744 1.00 42.33  ? 79  LYS B CB  1 
ATOM   1303 N N   . GLN B 1 74 ? -1.952  -5.733  -19.622 1.00 44.18  ? 80  GLN B N   1 
ATOM   1304 C CA  . GLN B 1 74 ? -1.459  -4.642  -18.773 1.00 42.61  ? 80  GLN B CA  1 
ATOM   1305 C C   . GLN B 1 74 ? -0.480  -5.065  -17.638 1.00 41.66  ? 80  GLN B C   1 
ATOM   1306 O O   . GLN B 1 74 ? 0.238   -4.211  -17.096 1.00 41.55  ? 80  GLN B O   1 
ATOM   1307 C CB  . GLN B 1 74 ? -2.645  -3.813  -18.221 1.00 38.85  ? 80  GLN B CB  1 
ATOM   1308 C CG  . GLN B 1 74 ? -3.437  -4.408  -17.058 1.00 39.46  ? 80  GLN B CG  1 
ATOM   1309 C CD  . GLN B 1 74 ? -4.602  -5.290  -17.483 1.00 40.26  ? 80  GLN B CD  1 
ATOM   1310 O OE1 . GLN B 1 74 ? -4.628  -5.828  -18.590 1.00 45.00  ? 80  GLN B OE1 1 
ATOM   1311 N NE2 . GLN B 1 74 ? -5.547  -5.481  -16.587 1.00 37.04  ? 80  GLN B NE2 1 
ATOM   1312 N N   . ALA B 1 75 ? -0.477  -6.349  -17.273 1.00 38.46  ? 81  ALA B N   1 
ATOM   1313 C CA  . ALA B 1 75 ? 0.373   -6.860  -16.197 1.00 41.52  ? 81  ALA B CA  1 
ATOM   1314 C C   . ALA B 1 75 ? 1.869   -6.521  -16.345 1.00 42.49  ? 81  ALA B C   1 
ATOM   1315 O O   . ALA B 1 75 ? 2.462   -5.888  -15.476 1.00 40.07  ? 81  ALA B O   1 
ATOM   1316 C CB  . ALA B 1 75 ? 0.178   -8.362  -16.020 1.00 42.12  ? 81  ALA B CB  1 
ATOM   1317 N N   . TYR B 1 76 ? 2.487   -6.965  -17.431 1.00 41.70  ? 82  TYR B N   1 
ATOM   1318 C CA  . TYR B 1 76 ? 3.910   -6.736  -17.590 1.00 40.53  ? 82  TYR B CA  1 
ATOM   1319 C C   . TYR B 1 76 ? 4.202   -5.237  -17.692 1.00 39.54  ? 82  TYR B C   1 
ATOM   1320 O O   . TYR B 1 76 ? 5.196   -4.743  -17.143 1.00 37.04  ? 82  TYR B O   1 
ATOM   1321 C CB  . TYR B 1 76 ? 4.463   -7.477  -18.810 1.00 41.74  ? 82  TYR B CB  1 
ATOM   1322 C CG  . TYR B 1 76 ? 5.956   -7.397  -18.848 1.00 46.55  ? 82  TYR B CG  1 
ATOM   1323 C CD1 . TYR B 1 76 ? 6.732   -8.147  -17.949 1.00 46.14  ? 82  TYR B CD1 1 
ATOM   1324 C CD2 . TYR B 1 76 ? 6.607   -6.533  -19.731 1.00 46.28  ? 82  TYR B CD2 1 
ATOM   1325 C CE1 . TYR B 1 76 ? 8.115   -8.052  -17.956 1.00 48.44  ? 82  TYR B CE1 1 
ATOM   1326 C CE2 . TYR B 1 76 ? 7.988   -6.429  -19.729 1.00 49.15  ? 82  TYR B CE2 1 
ATOM   1327 C CZ  . TYR B 1 76 ? 8.734   -7.197  -18.845 1.00 49.60  ? 82  TYR B CZ  1 
ATOM   1328 O OH  . TYR B 1 76 ? 10.117  -7.104  -18.848 1.00 55.28  ? 82  TYR B OH  1 
ATOM   1329 N N   . PRO B 1 77 ? 3.353   -4.501  -18.417 1.00 39.25  ? 83  PRO B N   1 
ATOM   1330 C CA  . PRO B 1 77 ? 3.697   -3.101  -18.451 1.00 39.22  ? 83  PRO B CA  1 
ATOM   1331 C C   . PRO B 1 77 ? 3.550   -2.407  -17.091 1.00 33.92  ? 83  PRO B C   1 
ATOM   1332 O O   . PRO B 1 77 ? 4.286   -1.461  -16.801 1.00 36.75  ? 83  PRO B O   1 
ATOM   1333 C CB  . PRO B 1 77 ? 2.724   -2.522  -19.466 1.00 38.26  ? 83  PRO B CB  1 
ATOM   1334 C CG  . PRO B 1 77 ? 2.398   -3.652  -20.364 1.00 42.96  ? 83  PRO B CG  1 
ATOM   1335 C CD  . PRO B 1 77 ? 2.372   -4.855  -19.459 1.00 40.82  ? 83  PRO B CD  1 
ATOM   1336 N N   . ILE B 1 78 ? 2.602   -2.829  -16.279 1.00 31.50  ? 84  ILE B N   1 
ATOM   1337 C CA  . ILE B 1 78 ? 2.507   -2.238  -14.970 1.00 31.85  ? 84  ILE B CA  1 
ATOM   1338 C C   . ILE B 1 78 ? 3.680   -2.734  -14.101 1.00 33.20  ? 84  ILE B C   1 
ATOM   1339 O O   . ILE B 1 78 ? 4.181   -1.975  -13.280 1.00 34.25  ? 84  ILE B O   1 
ATOM   1340 C CB  . ILE B 1 78 ? 1.154   -2.549  -14.294 1.00 32.35  ? 84  ILE B CB  1 
ATOM   1341 C CG1 . ILE B 1 78 ? 0.046   -1.701  -14.933 1.00 32.93  ? 84  ILE B CG1 1 
ATOM   1342 C CG2 . ILE B 1 78 ? 1.218   -2.305  -12.784 1.00 33.22  ? 84  ILE B CG2 1 
ATOM   1343 C CD1 . ILE B 1 78 ? -1.345  -2.259  -14.783 1.00 29.34  ? 84  ILE B CD1 1 
ATOM   1344 N N   . TRP B 1 79 ? 4.101   -3.994  -14.255 1.00 28.78  ? 85  TRP B N   1 
ATOM   1345 C CA  . TRP B 1 79 ? 5.102   -4.528  -13.340 1.00 29.87  ? 85  TRP B CA  1 
ATOM   1346 C C   . TRP B 1 79 ? 6.371   -3.775  -13.586 1.00 33.87  ? 85  TRP B C   1 
ATOM   1347 O O   . TRP B 1 79 ? 7.102   -3.380  -12.652 1.00 33.81  ? 85  TRP B O   1 
ATOM   1348 C CB  . TRP B 1 79 ? 5.262   -6.045  -13.469 1.00 30.53  ? 85  TRP B CB  1 
ATOM   1349 C CG  . TRP B 1 79 ? 6.494   -6.504  -12.751 1.00 32.29  ? 85  TRP B CG  1 
ATOM   1350 C CD1 . TRP B 1 79 ? 6.607   -6.882  -11.409 1.00 31.03  ? 85  TRP B CD1 1 
ATOM   1351 C CD2 . TRP B 1 79 ? 7.877   -6.576  -13.290 1.00 33.58  ? 85  TRP B CD2 1 
ATOM   1352 N NE1 . TRP B 1 79 ? 7.906   -7.184  -11.088 1.00 30.30  ? 85  TRP B NE1 1 
ATOM   1353 C CE2 . TRP B 1 79 ? 8.731   -7.013  -12.172 1.00 34.13  ? 85  TRP B CE2 1 
ATOM   1354 C CE3 . TRP B 1 79 ? 8.455   -6.330  -14.519 1.00 34.40  ? 85  TRP B CE3 1 
ATOM   1355 C CZ2 . TRP B 1 79 ? 10.115  -7.208  -12.319 1.00 34.22  ? 85  TRP B CZ2 1 
ATOM   1356 C CZ3 . TRP B 1 79 ? 9.849   -6.517  -14.658 1.00 39.48  ? 85  TRP B CZ3 1 
ATOM   1357 C CH2 . TRP B 1 79 ? 10.656  -6.951  -13.581 1.00 38.14  ? 85  TRP B CH2 1 
ATOM   1358 N N   . LEU B 1 80 ? 6.581   -3.490  -14.866 1.00 33.77  ? 86  LEU B N   1 
ATOM   1359 C CA  . LEU B 1 80 ? 7.754   -2.852  -15.349 1.00 35.91  ? 86  LEU B CA  1 
ATOM   1360 C C   . LEU B 1 80 ? 7.817   -1.402  -14.936 1.00 33.97  ? 86  LEU B C   1 
ATOM   1361 O O   . LEU B 1 80 ? 8.879   -0.921  -14.498 1.00 31.32  ? 86  LEU B O   1 
ATOM   1362 C CB  . LEU B 1 80 ? 7.777   -2.987  -16.867 1.00 40.32  ? 86  LEU B CB  1 
ATOM   1363 C CG  . LEU B 1 80 ? 9.089   -2.650  -17.537 1.00 47.47  ? 86  LEU B CG  1 
ATOM   1364 C CD1 . LEU B 1 80 ? 10.158  -3.683  -17.205 1.00 46.31  ? 86  LEU B CD1 1 
ATOM   1365 C CD2 . LEU B 1 80 ? 8.819   -2.595  -19.028 1.00 49.73  ? 86  LEU B CD2 1 
ATOM   1366 N N   . GLN B 1 81 ? 6.699   -0.696  -15.069 1.00 29.64  ? 87  GLN B N   1 
ATOM   1367 C CA  . GLN B 1 81 ? 6.641   0.670   -14.550 1.00 33.87  ? 87  GLN B CA  1 
ATOM   1368 C C   . GLN B 1 81 ? 6.933   0.749   -13.039 1.00 33.26  ? 87  GLN B C   1 
ATOM   1369 O O   . GLN B 1 81 ? 7.624   1.644   -12.573 1.00 32.86  ? 87  GLN B O   1 
ATOM   1370 C CB  . GLN B 1 81 ? 5.287   1.276   -14.801 1.00 33.47  ? 87  GLN B CB  1 
ATOM   1371 C CG  . GLN B 1 81 ? 5.399   2.766   -14.900 1.00 40.38  ? 87  GLN B CG  1 
ATOM   1372 C CD  . GLN B 1 81 ? 6.397   3.160   -15.979 1.00 38.26  ? 87  GLN B CD  1 
ATOM   1373 O OE1 . GLN B 1 81 ? 6.207   2.835   -17.148 1.00 34.82  ? 87  GLN B OE1 1 
ATOM   1374 N NE2 . GLN B 1 81 ? 7.496   3.827   -15.575 1.00 49.13  ? 87  GLN B NE2 1 
ATOM   1375 N N   . LEU B 1 82 ? 6.398   -0.187  -12.278 1.00 34.11  ? 88  LEU B N   1 
ATOM   1376 C CA  . LEU B 1 82 ? 6.646   -0.148  -10.833 1.00 35.63  ? 88  LEU B CA  1 
ATOM   1377 C C   . LEU B 1 82 ? 8.082   -0.506  -10.527 1.00 33.83  ? 88  LEU B C   1 
ATOM   1378 O O   . LEU B 1 82 ? 8.650   0.074   -9.608  1.00 37.80  ? 88  LEU B O   1 
ATOM   1379 C CB  . LEU B 1 82 ? 5.672   -1.018  -10.049 1.00 36.90  ? 88  LEU B CB  1 
ATOM   1380 C CG  . LEU B 1 82 ? 4.189   -0.639  -10.036 1.00 43.46  ? 88  LEU B CG  1 
ATOM   1381 C CD1 . LEU B 1 82 ? 3.523   -1.319  -8.845  1.00 44.02  ? 88  LEU B CD1 1 
ATOM   1382 C CD2 . LEU B 1 82 ? 4.040   0.864   -9.923  1.00 47.90  ? 88  LEU B CD2 1 
ATOM   1383 N N   . ARG B 1 83 ? 8.698   -1.381  -11.325 1.00 33.16  ? 89  ARG B N   1 
ATOM   1384 C CA  . ARG B 1 83 ? 10.114  -1.656  -11.136 1.00 35.06  ? 89  ARG B CA  1 
ATOM   1385 C C   . ARG B 1 83 ? 10.933  -0.394  -11.316 1.00 35.92  ? 89  ARG B C   1 
ATOM   1386 O O   . ARG B 1 83 ? 11.804  -0.119  -10.473 1.00 37.97  ? 89  ARG B O   1 
ATOM   1387 C CB  . ARG B 1 83 ? 10.656  -2.824  -11.997 1.00 34.43  ? 89  ARG B CB  1 
ATOM   1388 C CG  . ARG B 1 83 ? 12.060  -3.234  -11.539 1.00 39.70  ? 89  ARG B CG  1 
ATOM   1389 C CD  . ARG B 1 83 ? 12.846  -4.054  -12.554 1.00 45.10  ? 89  ARG B CD  1 
ATOM   1390 N NE  . ARG B 1 83 ? 13.162  -3.274  -13.745 1.00 51.01  ? 89  ARG B NE  1 
ATOM   1391 C CZ  . ARG B 1 83 ? 13.440  -3.800  -14.938 1.00 51.83  ? 89  ARG B CZ  1 
ATOM   1392 N NH1 . ARG B 1 83 ? 13.451  -5.103  -15.111 1.00 50.41  ? 89  ARG B NH1 1 
ATOM   1393 N NH2 . ARG B 1 83 ? 13.712  -3.018  -15.968 1.00 57.41  ? 89  ARG B NH2 1 
ATOM   1394 N N   . GLU B 1 84 ? 10.665  0.363   -12.395 1.00 33.90  ? 90  GLU B N   1 
ATOM   1395 C CA  A GLU B 1 84 ? 11.407  1.594   -12.633 0.50 35.00  ? 90  GLU B CA  1 
ATOM   1396 C CA  B GLU B 1 84 ? 11.301  1.659   -12.686 0.50 35.21  ? 90  GLU B CA  1 
ATOM   1397 C C   . GLU B 1 84 ? 11.181  2.587   -11.495 1.00 36.20  ? 90  GLU B C   1 
ATOM   1398 O O   . GLU B 1 84 ? 12.127  3.232   -11.083 1.00 39.06  ? 90  GLU B O   1 
ATOM   1399 C CB  A GLU B 1 84 ? 11.070  2.265   -13.975 0.50 35.25  ? 90  GLU B CB  1 
ATOM   1400 C CB  B GLU B 1 84 ? 10.609  2.353   -13.885 0.50 35.28  ? 90  GLU B CB  1 
ATOM   1401 C CG  A GLU B 1 84 ? 11.574  1.572   -15.228 0.50 36.06  ? 90  GLU B CG  1 
ATOM   1402 C CG  B GLU B 1 84 ? 11.351  3.553   -14.476 0.50 35.96  ? 90  GLU B CG  1 
ATOM   1403 C CD  A GLU B 1 84 ? 12.857  0.761   -15.059 0.50 37.79  ? 90  GLU B CD  1 
ATOM   1404 C CD  B GLU B 1 84 ? 10.858  4.948   -14.040 0.50 34.10  ? 90  GLU B CD  1 
ATOM   1405 O OE1 A GLU B 1 84 ? 13.925  1.345   -14.790 0.50 37.38  ? 90  GLU B OE1 1 
ATOM   1406 O OE1 B GLU B 1 84 ? 9.808   5.113   -13.408 0.50 31.86  ? 90  GLU B OE1 1 
ATOM   1407 O OE2 A GLU B 1 84 ? 12.794  -0.468  -15.238 0.50 37.61  ? 90  GLU B OE2 1 
ATOM   1408 O OE2 B GLU B 1 84 ? 11.542  5.938   -14.363 0.50 40.17  ? 90  GLU B OE2 1 
ATOM   1409 N N   . ILE B 1 85 ? 9.963   2.679   -10.977 1.00 34.25  ? 91  ILE B N   1 
ATOM   1410 C CA  . ILE B 1 85 ? 9.666   3.623   -9.899  1.00 32.31  ? 91  ILE B CA  1 
ATOM   1411 C C   . ILE B 1 85 ? 10.472  3.241   -8.684  1.00 35.43  ? 91  ILE B C   1 
ATOM   1412 O O   . ILE B 1 85 ? 10.964  4.099   -7.965  1.00 37.32  ? 91  ILE B O   1 
ATOM   1413 C CB  . ILE B 1 85 ? 8.176   3.620   -9.551  1.00 32.53  ? 91  ILE B CB  1 
ATOM   1414 C CG1 . ILE B 1 85 ? 7.405   4.351   -10.664 1.00 32.07  ? 91  ILE B CG1 1 
ATOM   1415 C CG2 . ILE B 1 85 ? 7.941   4.237   -8.175  1.00 36.15  ? 91  ILE B CG2 1 
ATOM   1416 C CD1 . ILE B 1 85 ? 5.903   4.151   -10.674 1.00 31.90  ? 91  ILE B CD1 1 
ATOM   1417 N N   . LEU B 1 86 ? 10.642  1.944   -8.468  1.00 33.66  ? 92  LEU B N   1 
ATOM   1418 C CA  . LEU B 1 86 ? 11.384  1.495   -7.315  1.00 39.40  ? 92  LEU B CA  1 
ATOM   1419 C C   . LEU B 1 86 ? 12.890  1.494   -7.519  1.00 44.04  ? 92  LEU B C   1 
ATOM   1420 O O   . LEU B 1 86 ? 13.582  1.042   -6.632  1.00 44.68  ? 92  LEU B O   1 
ATOM   1421 C CB  . LEU B 1 86 ? 10.941  0.094   -6.922  1.00 38.18  ? 92  LEU B CB  1 
ATOM   1422 C CG  . LEU B 1 86 ? 9.508   -0.065  -6.431  1.00 43.69  ? 92  LEU B CG  1 
ATOM   1423 C CD1 . LEU B 1 86 ? 9.260   -1.531  -6.113  1.00 42.66  ? 92  LEU B CD1 1 
ATOM   1424 C CD2 . LEU B 1 86 ? 9.196   0.797   -5.201  1.00 41.56  ? 92  LEU B CD2 1 
ATOM   1425 N N   . THR B 1 87 ? 13.395  1.969   -8.664  1.00 44.94  ? 93  THR B N   1 
ATOM   1426 C CA  . THR B 1 87 ? 14.837  1.973   -8.931  1.00 48.95  ? 93  THR B CA  1 
ATOM   1427 C C   . THR B 1 87 ? 15.475  3.329   -8.611  1.00 54.68  ? 93  THR B C   1 
ATOM   1428 O O   . THR B 1 87 ? 14.819  4.375   -8.682  1.00 57.99  ? 93  THR B O   1 
ATOM   1429 C CB  . THR B 1 87 ? 15.161  1.541   -10.386 1.00 51.29  ? 93  THR B CB  1 
ATOM   1430 O OG1 . THR B 1 87 ? 14.635  0.223   -10.619 1.00 54.29  ? 93  THR B OG1 1 
ATOM   1431 C CG2 . THR B 1 87 ? 16.686  1.508   -10.629 1.00 47.84  ? 93  THR B CG2 1 
HETATM 1432 O O   . HOH C 2 .  ? -3.076  17.921  6.730   0.50 31.42  ? 101 HOH A O   1 
HETATM 1433 O O   . HOH C 2 .  ? 2.502   15.875  4.172   1.00 44.50  ? 102 HOH A O   1 
HETATM 1434 O O   . HOH C 2 .  ? -9.374  4.065   -2.863  1.00 29.20  ? 103 HOH A O   1 
HETATM 1435 O O   . HOH D 2 .  ? 13.441  6.204   -8.751  1.00 53.05  ? 101 HOH B O   1 
HETATM 1436 O O   . HOH D 2 .  ? 3.300   -8.145  6.372   1.00 38.69  ? 102 HOH B O   1 
HETATM 1437 O O   . HOH D 2 .  ? -8.890  4.019   -6.961  1.00 44.76  ? 103 HOH B O   1 
HETATM 1438 O O   . HOH D 2 .  ? 2.720   -7.204  3.796   1.00 37.18  ? 104 HOH B O   1 
HETATM 1439 O O   A HOH D 2 .  ? -13.081 0.814   -14.326 0.50 16.30  ? 105 HOH B O   1 
HETATM 1440 O O   B HOH D 2 .  ? -12.389 2.816   -14.814 0.50 16.81  ? 105 HOH B O   1 
HETATM 1441 O O   . HOH D 2 .  ? -11.066 -2.504  -5.040  1.00 38.62  ? 106 HOH B O   1 
HETATM 1442 O O   . HOH D 2 .  ? 13.761  -15.582 -3.984  1.00 30.32  ? 107 HOH B O   1 
# 
